data_1NU1
#
_entry.id   1NU1
#
_cell.length_a   153.842
_cell.length_b   153.842
_cell.length_c   590.374
_cell.angle_alpha   90.00
_cell.angle_beta   90.00
_cell.angle_gamma   90.00
#
_symmetry.space_group_name_H-M   'I 41 2 2'
#
loop_
_entity.id
_entity.type
_entity.pdbx_description
1 polymer 'Ubiquinol-cytochrome C reductase complex core protein I, mitochondrial'
2 polymer 'Ubiquinol-cytochrome C reductase complex core protein 2, mitochondrial'
3 polymer 'Cytochrome b'
4 polymer 'cytochrome c1'
5 polymer 'UBIQUINOL-CYTOCHROME C REDUCTASE IRON-SULFUR SUBUNIT, mitochondrial'
6 polymer 'Ubiquinol-cytochrome C reductase complex 14 kDa protein'
7 polymer 'Ubiquinol-cytochrome C reductase complex ubiquinone-binding protein QP-C'
8 polymer 'Ubiquinol-cytochrome C reductase complex 11 kDa protein'
9 polymer 'Ubiquinol-cytochrome C reductase 8 kDa protein'
10 polymer 'Ubiquinol-cytochrome C reductase complex 7.2 kDa protein'
11 polymer 'Ubiquinol-cytochrome C reductase complex 6.4 kDa protein'
12 non-polymer 'PROTOPORPHYRIN IX CONTAINING FE'
13 non-polymer '2-NONYL-4-HYDROXYQUINOLINE N-OXIDE'
14 non-polymer 'FE2/S2 (INORGANIC) CLUSTER'
15 water water
#
loop_
_entity_poly.entity_id
_entity_poly.type
_entity_poly.pdbx_seq_one_letter_code
_entity_poly.pdbx_strand_id
1 'polypeptide(L)'
;TATYAQALQSVPETQVSQLDNGLRVASEQSSQPTCTVGVWIDAGSRYESEKNNGAGYFVEHLAFKGTKNRPGNALEKEVE
SMGAHLNAYSTREHTAYYIKALSKDLPKAVELLADIVQNCSLEDSQIEKERDVILQELQENDTSMRDVVFNYLHATAFQG
TPLAQSVEGPSENVRKLSRADLTEYLSRHYKAPRMVLAAAGGLEHRQLLDLAQKHFSGLSGTYDEDAVPTLSPCRFTGSQ
ICHREDGLPLAHVAIAVEGPGWAHPDNVALQVANAIIGHYDCTYGGGAHLSSPLASIAATNKLCQSFQTFNICYADTGLL
GAHFVCDHMSIDDMMFVLQGQWMRLCTSATESEVLRGKNLLRNALVSHLDGTTPVCEDIGRSLLTYGRRIPLAEWESRIA
EVDARVVREVCSKYFYDQCPAVAGFGPIEQLPDYNRIRSGMFWLRF
;
A
2 'polypeptide(L)'
;SLKVAPKVKATEAPAGVPPHPQDLEFTRLPNGLVIASLENYAPASRIGLFIKAGSRYENSNNLGTSHLLRLASSLTTKGA
SSFKITRGIEAVGGKLSVTSTRENMAYTVECLRDDVDILMEFLLNVTTAPEFRRWEVAALQPQLRIDKAVALQNPQAHVI
ENLHAAAYRNALANSLYCPDYRIGKVTPVELHDYVQNHFTSARMALIGLGVSHPVLKQVAEQFLNIRGGLGLSGAKAKYH
GGEIREQNGDSLVHAALVAESAAIGSAEANAFSVLQHVLGAGPHVKRGSNATSSLYQAVAKGVHQPFDVSAFNASYSDSG
LFGFYTISQAASAGDVIKAAYNQVKTIAQGNLSNPDVQAAKNKLKAGYLMSVESSEGFLDEVGSQALAAGSYTPPSTVLQ
QIDAVADADVINAAKKFVSGRKSMAASGNLGHTPFIDEL
;
B
3 'polypeptide(L)'
;MTNIRKSHPLMKIVNNAFIDLPAPSNISSWWNFGSLLGICLILQILTGLFLAMHYTSDTTTAFSSVTHICRDVNYGWIIR
YMHANGASMFFICLYMHVGRGLYYGSYTFLETWNIGVILLLTVMATAFMGYVLPWGQMSFWGATVITNLLSAIPYIGTNL
VEWIWGGFSVDKATLTRFFAFHFILPFIIMAIAMVHLLFLHETGSNNPTGISSDVDKIPFHPYYTIKDILGALLLILALM
LLVLFAPDLLGDPDNYTPANPLNTPPHIKPEWYFLFAYAILRSIPNKLGGVLALAFSILILALIPLLHTSKQRSMMFRPL
SQCLFWALVADLLTLTWIGGQPVEHPYITIGQLASVLYFLLILVLMPTAGTIENKLLKW
;
C
4 'polypeptide(L)'
;SDLELHPPSYPWSHRGLLSSLDHTSIRRGFQVYKQVCSSCHSMDYVAYRHLVGVCYTEDEAKALAEEVEVQDGPNEDGEM
FMRPGKLSDYFPKPYPNPEAARAANNGALPPDLSYIVRARHGGEDYVFSLLTGYCEPPTGVSLREGLYFNPYFPGQAIGM
APPIYNEVLEFDDGTPATMSQVAKDVCTFLRWAAEPEHDHRKRMGLKMLLMMGLLLPLVYAMKRHKWSVLKSRKLAYRPP
K
;
D
5 'polypeptide(L)'
;SHTDIKVPDFSDYRRPEVLDSTKSSKESSEARKGFSYLVTATTTVGVAYAAKNVVSQFVSSMSASADVLAMSKIEIKLSD
IPEGKNMAFKWRGKPLFVRHRTKKEIDQEAAVEVSQLRDPQHDLERVKKPEWVILIGVCTHLGCVPIANAGDFGGYYCPC
HGSHYDASGRIRKGPAPLNLEVPSYEFTSDDMVIVG
;
E
6 'polypeptide(L)'
;AGRPAVSASSRWLEGIRKWYYNAAGFNKLGLMRDDTIHENDDVKEAIRRLPENLYDDRVFRIKRALDLSMRQQILPKEQW
TKYEEDKSYLEPYLKEVIRERKEREEWAKK
;
F
7 'polypeptide(L)'
;GRQFGHLTRVRHVITYSLSPFEQRAFPHYFSKGIPNVLRRTRACILRVAPPFVAFYLVYTWGTQEFEKSKRKNPAAYEND
R
;
G
8 'polypeptide(L)' GDPKEEEEEEEELVDPLTTVREQCEQLEKCVKARERLELCDERVSSRSQTEEDCTEELLDFLHARDHCVAHKLFNSLK H
9 'polypeptide(L)' MLSVAARSGPFAPVLSATSRGVAGALRPLVQAAVPATSESPVLDLKRSVLCRESLRG I
10 'polypeptide(L)' VAPTLTARLYSLLFRRTSTFALTIVVGALFFERAFDQGADAIYEHINEGKLWKHIKHKYENK J
11 'polypeptide(L)' MLTRFLGPRYRQLARNWVPTAQLWGAVGAVGLVWATDWRLILDWVPYINGKFKKDD K
#
# COMPACT_ATOMS: atom_id res chain seq x y z
N THR A 1 36.82 -21.60 39.26
CA THR A 1 35.36 -21.49 39.62
C THR A 1 34.49 -22.14 38.55
N ALA A 2 33.47 -22.88 39.01
CA ALA A 2 32.56 -23.63 38.15
C ALA A 2 31.94 -22.81 37.03
N THR A 3 32.31 -23.16 35.81
CA THR A 3 31.88 -22.44 34.60
C THR A 3 30.41 -22.67 34.27
N TYR A 4 29.89 -21.90 33.31
CA TYR A 4 28.50 -22.01 32.87
C TYR A 4 28.31 -23.33 32.20
N ALA A 5 29.18 -23.63 31.25
CA ALA A 5 29.17 -24.91 30.59
C ALA A 5 29.06 -25.95 31.70
N GLN A 6 30.14 -26.11 32.47
CA GLN A 6 30.17 -27.06 33.59
C GLN A 6 28.87 -27.06 34.39
N ALA A 7 28.32 -25.87 34.62
CA ALA A 7 27.11 -25.76 35.41
C ALA A 7 25.96 -26.47 34.75
N LEU A 8 25.91 -26.48 33.43
CA LEU A 8 24.82 -27.16 32.78
C LEU A 8 24.80 -28.67 33.03
N GLN A 9 25.98 -29.28 33.19
CA GLN A 9 26.05 -30.71 33.41
C GLN A 9 25.69 -31.04 34.86
N SER A 10 25.73 -30.01 35.71
CA SER A 10 25.43 -30.17 37.11
C SER A 10 23.96 -30.53 37.40
N VAL A 11 23.05 -30.08 36.52
CA VAL A 11 21.60 -30.30 36.62
C VAL A 11 21.27 -31.77 36.52
N PRO A 12 20.58 -32.30 37.53
CA PRO A 12 20.29 -33.73 37.57
C PRO A 12 19.32 -34.20 36.45
N GLU A 13 19.65 -35.34 35.86
CA GLU A 13 18.87 -35.94 34.78
C GLU A 13 17.46 -36.18 35.27
N THR A 14 16.50 -35.80 34.43
CA THR A 14 15.09 -35.95 34.74
C THR A 14 14.71 -37.40 34.64
N GLN A 15 14.24 -37.98 35.73
CA GLN A 15 13.83 -39.38 35.74
C GLN A 15 12.40 -39.61 35.17
N VAL A 16 12.32 -40.38 34.08
CA VAL A 16 11.02 -40.69 33.46
C VAL A 16 10.71 -42.15 33.68
N SER A 17 9.43 -42.43 33.93
CA SER A 17 8.97 -43.76 34.23
C SER A 17 7.52 -43.99 33.78
N GLN A 18 7.25 -45.17 33.19
CA GLN A 18 5.92 -45.50 32.66
C GLN A 18 5.11 -46.46 33.54
N LEU A 19 3.84 -46.12 33.75
CA LEU A 19 2.92 -46.94 34.55
C LEU A 19 2.31 -47.96 33.59
N ASP A 20 1.90 -49.14 34.07
CA ASP A 20 1.26 -50.12 33.18
C ASP A 20 -0.16 -49.59 33.00
N ASN A 21 -0.28 -48.54 32.19
CA ASN A 21 -1.48 -47.76 32.16
C ASN A 21 -1.37 -46.87 30.96
N GLY A 22 -0.31 -46.05 30.99
CA GLY A 22 -0.02 -45.07 29.97
C GLY A 22 0.45 -43.81 30.66
N LEU A 23 0.32 -43.80 31.98
CA LEU A 23 0.73 -42.65 32.74
C LEU A 23 2.25 -42.64 32.74
N ARG A 24 2.81 -41.50 32.39
CA ARG A 24 4.24 -41.35 32.46
C ARG A 24 4.47 -40.53 33.72
N VAL A 25 5.18 -41.09 34.68
CA VAL A 25 5.45 -40.37 35.90
C VAL A 25 6.86 -39.79 35.88
N ALA A 26 7.00 -38.48 35.88
CA ALA A 26 8.34 -37.93 35.84
C ALA A 26 8.73 -37.00 36.98
N SER A 27 10.04 -36.88 37.19
CA SER A 27 10.61 -36.11 38.29
C SER A 27 11.97 -35.52 38.00
N GLU A 28 12.34 -34.54 38.83
CA GLU A 28 13.66 -33.93 38.79
C GLU A 28 13.96 -33.61 40.23
N GLN A 29 14.47 -34.61 40.96
CA GLN A 29 14.77 -34.46 42.36
C GLN A 29 15.77 -33.38 42.61
N SER A 30 15.55 -32.61 43.67
CA SER A 30 16.54 -31.64 44.13
C SER A 30 16.66 -31.66 45.65
N SER A 31 17.21 -30.59 46.19
CA SER A 31 17.45 -30.52 47.61
C SER A 31 16.37 -29.81 48.43
N GLN A 32 15.45 -29.14 47.76
CA GLN A 32 14.43 -28.34 48.41
C GLN A 32 13.50 -29.03 49.43
N PRO A 33 12.93 -28.29 50.37
CA PRO A 33 12.02 -28.85 51.35
C PRO A 33 10.61 -28.68 50.88
N THR A 34 10.44 -28.41 49.61
CA THR A 34 9.17 -28.01 49.09
C THR A 34 9.13 -28.42 47.63
N CYS A 35 7.94 -28.56 47.02
CA CYS A 35 7.89 -29.09 45.66
C CYS A 35 6.63 -28.81 44.87
N THR A 36 6.59 -29.30 43.63
CA THR A 36 5.40 -29.13 42.80
C THR A 36 5.08 -30.39 42.01
N VAL A 37 3.90 -30.96 42.25
CA VAL A 37 3.44 -32.14 41.55
C VAL A 37 2.17 -31.79 40.87
N GLY A 38 1.90 -32.45 39.76
CA GLY A 38 0.68 -32.20 39.03
C GLY A 38 0.47 -33.09 37.83
N VAL A 39 -0.72 -32.97 37.25
CA VAL A 39 -1.02 -33.73 36.08
C VAL A 39 -1.11 -32.85 34.87
N TRP A 40 -0.34 -33.21 33.84
CA TRP A 40 -0.46 -32.50 32.57
C TRP A 40 -1.20 -33.46 31.65
N ILE A 41 -2.29 -32.97 31.06
CA ILE A 41 -3.11 -33.75 30.18
C ILE A 41 -2.98 -33.18 28.80
N ASP A 42 -3.06 -34.04 27.79
CA ASP A 42 -3.00 -33.62 26.40
C ASP A 42 -4.43 -33.30 25.91
N ALA A 43 -5.17 -32.60 26.76
CA ALA A 43 -6.51 -32.12 26.47
C ALA A 43 -6.40 -30.62 26.33
N GLY A 44 -7.12 -30.05 25.38
CA GLY A 44 -7.06 -28.62 25.15
C GLY A 44 -8.39 -28.12 24.63
N SER A 45 -8.38 -27.42 23.52
CA SER A 45 -9.65 -26.96 22.96
C SER A 45 -9.57 -27.11 21.48
N ARG A 46 -8.36 -27.32 20.99
CA ARG A 46 -8.18 -27.65 19.62
C ARG A 46 -8.78 -29.09 19.53
N TYR A 47 -8.86 -29.78 20.66
CA TYR A 47 -9.43 -31.12 20.70
C TYR A 47 -10.95 -31.15 20.74
N GLU A 48 -11.57 -30.00 21.00
CA GLU A 48 -13.02 -29.95 21.08
C GLU A 48 -13.69 -29.53 19.79
N SER A 49 -14.99 -29.83 19.70
CA SER A 49 -15.78 -29.59 18.50
C SER A 49 -16.68 -28.40 18.67
N GLU A 50 -16.78 -27.59 17.62
CA GLU A 50 -17.65 -26.43 17.62
C GLU A 50 -18.66 -26.32 18.77
N LYS A 51 -19.45 -27.37 19.02
CA LYS A 51 -20.42 -27.30 20.11
C LYS A 51 -19.93 -27.73 21.50
N ASN A 52 -19.04 -28.72 21.55
CA ASN A 52 -18.36 -29.12 22.81
C ASN A 52 -17.75 -27.92 23.54
N ASN A 53 -17.11 -27.05 22.75
CA ASN A 53 -16.32 -25.90 23.17
C ASN A 53 -16.64 -25.22 24.48
N GLY A 54 -15.60 -25.07 25.28
CA GLY A 54 -15.68 -24.44 26.58
C GLY A 54 -15.75 -25.53 27.62
N ALA A 55 -15.83 -26.77 27.14
CA ALA A 55 -15.95 -27.95 27.98
C ALA A 55 -14.87 -28.05 29.04
N GLY A 56 -13.61 -28.16 28.59
CA GLY A 56 -12.48 -28.25 29.49
C GLY A 56 -12.45 -27.04 30.38
N TYR A 57 -12.61 -25.86 29.79
CA TYR A 57 -12.62 -24.65 30.59
C TYR A 57 -13.71 -24.76 31.68
N PHE A 58 -14.90 -25.26 31.31
CA PHE A 58 -16.01 -25.47 32.28
C PHE A 58 -15.55 -26.56 33.28
N VAL A 59 -14.84 -27.57 32.78
CA VAL A 59 -14.36 -28.64 33.65
C VAL A 59 -13.32 -28.14 34.67
N GLU A 60 -12.45 -27.24 34.23
CA GLU A 60 -11.40 -26.70 35.11
C GLU A 60 -12.04 -25.94 36.25
N HIS A 61 -13.16 -25.30 35.95
CA HIS A 61 -13.88 -24.57 36.96
C HIS A 61 -14.50 -25.52 37.94
N LEU A 62 -14.86 -26.69 37.46
CA LEU A 62 -15.53 -27.67 38.30
C LEU A 62 -14.55 -28.53 39.07
N ALA A 63 -13.33 -28.59 38.55
CA ALA A 63 -12.30 -29.46 39.06
C ALA A 63 -11.98 -29.49 40.53
N PHE A 64 -12.02 -28.33 41.18
CA PHE A 64 -11.66 -28.28 42.59
C PHE A 64 -12.88 -28.10 43.47
N LYS A 65 -14.07 -28.31 42.91
CA LYS A 65 -15.32 -28.05 43.64
C LYS A 65 -15.96 -29.28 44.28
N GLY A 66 -15.24 -30.39 44.33
CA GLY A 66 -15.77 -31.57 44.95
C GLY A 66 -15.57 -32.86 44.17
N THR A 67 -15.11 -33.90 44.85
CA THR A 67 -14.91 -35.18 44.23
C THR A 67 -15.92 -36.12 44.82
N LYS A 68 -15.88 -37.37 44.42
CA LYS A 68 -16.80 -38.33 44.96
C LYS A 68 -16.42 -38.60 46.41
N ASN A 69 -15.12 -38.73 46.67
CA ASN A 69 -14.64 -39.05 48.02
C ASN A 69 -14.51 -37.80 48.90
N ARG A 70 -14.06 -36.72 48.32
CA ARG A 70 -13.99 -35.47 49.04
C ARG A 70 -15.05 -34.62 48.38
N PRO A 71 -16.15 -34.43 49.07
CA PRO A 71 -17.32 -33.74 48.51
C PRO A 71 -17.25 -32.21 48.46
N GLY A 72 -18.35 -31.55 48.83
CA GLY A 72 -18.51 -30.10 48.81
C GLY A 72 -17.30 -29.15 48.77
N ASN A 73 -16.54 -29.11 49.84
CA ASN A 73 -15.47 -28.18 49.90
C ASN A 73 -14.23 -28.68 50.60
N ALA A 74 -14.29 -29.84 51.23
CA ALA A 74 -13.12 -30.37 51.95
C ALA A 74 -11.81 -30.47 51.16
N LEU A 75 -11.90 -30.55 49.84
CA LEU A 75 -10.72 -30.62 49.02
C LEU A 75 -9.91 -29.42 49.37
N GLU A 76 -10.54 -28.26 49.30
CA GLU A 76 -9.91 -27.02 49.69
C GLU A 76 -9.44 -27.22 51.12
N LYS A 77 -10.38 -27.24 52.07
CA LYS A 77 -10.02 -27.44 53.44
C LYS A 77 -8.72 -28.26 53.62
N GLU A 78 -8.58 -29.41 52.95
CA GLU A 78 -7.38 -30.29 53.11
C GLU A 78 -6.16 -29.65 52.52
N VAL A 79 -6.29 -29.22 51.27
CA VAL A 79 -5.22 -28.50 50.59
C VAL A 79 -4.80 -27.28 51.40
N GLU A 80 -5.74 -26.36 51.63
CA GLU A 80 -5.48 -25.20 52.46
C GLU A 80 -4.91 -25.61 53.82
N SER A 81 -5.66 -26.37 54.61
CA SER A 81 -5.16 -26.76 55.95
C SER A 81 -3.74 -27.33 56.08
N MET A 82 -3.14 -27.69 54.95
CA MET A 82 -1.77 -28.15 54.97
C MET A 82 -0.89 -27.17 54.26
N GLY A 83 -1.42 -25.98 54.06
CA GLY A 83 -0.67 -24.90 53.49
C GLY A 83 -0.16 -25.18 52.13
N ALA A 84 -0.89 -25.97 51.39
CA ALA A 84 -0.48 -26.27 50.05
C ALA A 84 -1.23 -25.34 49.08
N HIS A 85 -0.75 -25.21 47.85
CA HIS A 85 -1.42 -24.36 46.89
C HIS A 85 -1.92 -25.19 45.74
N LEU A 86 -3.22 -25.11 45.47
CA LEU A 86 -3.82 -25.90 44.38
C LEU A 86 -4.03 -25.00 43.19
N ASN A 87 -3.60 -25.41 42.02
CA ASN A 87 -3.75 -24.53 40.88
C ASN A 87 -4.04 -25.24 39.59
N ALA A 88 -4.59 -24.49 38.64
CA ALA A 88 -4.90 -25.08 37.34
C ALA A 88 -5.04 -24.13 36.15
N TYR A 89 -4.46 -24.50 35.01
CA TYR A 89 -4.63 -23.70 33.79
C TYR A 89 -4.87 -24.61 32.65
N SER A 90 -5.35 -24.03 31.56
CA SER A 90 -5.70 -24.80 30.38
C SER A 90 -5.51 -23.94 29.16
N THR A 91 -4.95 -24.50 28.12
CA THR A 91 -4.75 -23.75 26.92
C THR A 91 -5.40 -24.47 25.79
N ARG A 92 -5.16 -23.99 24.58
CA ARG A 92 -5.70 -24.57 23.38
C ARG A 92 -5.24 -25.99 23.21
N GLU A 93 -4.08 -26.30 23.78
CA GLU A 93 -3.50 -27.61 23.59
C GLU A 93 -3.25 -28.45 24.87
N HIS A 94 -3.24 -27.78 26.02
CA HIS A 94 -2.91 -28.43 27.30
C HIS A 94 -3.76 -28.03 28.50
N THR A 95 -3.93 -28.97 29.42
CA THR A 95 -4.66 -28.70 30.63
C THR A 95 -3.79 -29.22 31.76
N ALA A 96 -3.80 -28.47 32.86
CA ALA A 96 -2.96 -28.80 33.98
C ALA A 96 -3.58 -28.42 35.29
N TYR A 97 -3.54 -29.36 36.21
CA TYR A 97 -3.91 -29.11 37.58
C TYR A 97 -2.61 -29.44 38.35
N TYR A 98 -2.08 -28.49 39.14
CA TYR A 98 -0.86 -28.77 39.94
C TYR A 98 -0.89 -28.34 41.39
N ILE A 99 -0.22 -29.08 42.26
CA ILE A 99 -0.22 -28.68 43.66
C ILE A 99 1.14 -28.19 44.10
N LYS A 100 1.15 -27.06 44.79
CA LYS A 100 2.39 -26.55 45.30
C LYS A 100 2.34 -26.95 46.78
N ALA A 101 3.36 -27.66 47.24
CA ALA A 101 3.35 -28.16 48.61
C ALA A 101 4.69 -28.45 49.28
N LEU A 102 4.59 -28.63 50.60
CA LEU A 102 5.71 -29.00 51.46
C LEU A 102 6.18 -30.35 50.96
N SER A 103 7.48 -30.57 50.93
CA SER A 103 7.99 -31.82 50.38
C SER A 103 7.45 -33.06 51.05
N LYS A 104 7.43 -33.07 52.40
CA LYS A 104 6.94 -34.24 53.14
C LYS A 104 5.54 -34.62 52.73
N ASP A 105 4.77 -33.64 52.26
CA ASP A 105 3.39 -33.83 51.87
C ASP A 105 3.17 -34.40 50.47
N LEU A 106 4.23 -34.84 49.81
CA LEU A 106 4.08 -35.44 48.48
C LEU A 106 2.98 -36.52 48.39
N PRO A 107 2.87 -37.43 49.39
CA PRO A 107 1.81 -38.44 49.40
C PRO A 107 0.41 -37.88 49.20
N LYS A 108 -0.14 -37.18 50.21
CA LYS A 108 -1.51 -36.66 50.08
C LYS A 108 -1.64 -35.71 48.94
N ALA A 109 -0.54 -35.04 48.61
CA ALA A 109 -0.51 -34.18 47.44
C ALA A 109 -0.98 -35.03 46.25
N VAL A 110 -0.28 -36.13 46.04
CA VAL A 110 -0.59 -37.01 44.95
C VAL A 110 -2.00 -37.55 45.09
N GLU A 111 -2.32 -38.13 46.26
CA GLU A 111 -3.67 -38.66 46.51
C GLU A 111 -4.68 -37.62 46.05
N LEU A 112 -4.54 -36.38 46.54
CA LEU A 112 -5.42 -35.31 46.12
C LEU A 112 -5.52 -35.16 44.62
N LEU A 113 -4.37 -35.04 43.97
CA LEU A 113 -4.30 -34.87 42.52
C LEU A 113 -5.10 -35.95 41.79
N ALA A 114 -4.88 -37.19 42.22
CA ALA A 114 -5.60 -38.34 41.68
C ALA A 114 -7.08 -38.12 41.77
N ASP A 115 -7.57 -38.03 43.01
CA ASP A 115 -8.98 -37.84 43.28
C ASP A 115 -9.58 -36.75 42.39
N ILE A 116 -8.85 -35.66 42.23
CA ILE A 116 -9.33 -34.57 41.41
C ILE A 116 -9.43 -35.03 40.00
N VAL A 117 -8.33 -35.56 39.48
CA VAL A 117 -8.24 -35.92 38.07
C VAL A 117 -9.05 -37.15 37.64
N GLN A 118 -9.59 -37.87 38.62
CA GLN A 118 -10.35 -39.09 38.35
C GLN A 118 -11.79 -39.05 38.86
N ASN A 119 -11.95 -38.81 40.16
CA ASN A 119 -13.28 -38.85 40.75
C ASN A 119 -13.95 -37.48 40.88
N CYS A 120 -14.05 -36.77 39.79
CA CYS A 120 -14.61 -35.43 39.83
C CYS A 120 -16.12 -35.38 39.94
N SER A 121 -16.63 -35.05 41.13
CA SER A 121 -18.08 -34.89 41.35
C SER A 121 -18.61 -33.63 40.67
N LEU A 122 -19.05 -33.74 39.42
CA LEU A 122 -19.57 -32.55 38.76
C LEU A 122 -21.01 -32.44 39.14
N GLU A 123 -21.27 -32.03 40.38
CA GLU A 123 -22.64 -31.94 40.82
C GLU A 123 -23.44 -30.85 40.12
N ASP A 124 -24.69 -31.17 39.82
CA ASP A 124 -25.59 -30.24 39.15
C ASP A 124 -25.67 -28.90 39.83
N SER A 125 -25.69 -28.93 41.16
CA SER A 125 -25.70 -27.71 41.93
C SER A 125 -24.52 -26.84 41.46
N GLN A 126 -23.32 -27.42 41.45
CA GLN A 126 -22.10 -26.72 41.01
C GLN A 126 -22.17 -26.32 39.56
N ILE A 127 -22.16 -27.32 38.68
CA ILE A 127 -22.19 -27.08 37.25
C ILE A 127 -23.14 -25.95 36.91
N GLU A 128 -24.22 -25.83 37.67
CA GLU A 128 -25.13 -24.73 37.47
C GLU A 128 -24.50 -23.46 37.97
N LYS A 129 -24.15 -23.41 39.25
CA LYS A 129 -23.50 -22.21 39.83
C LYS A 129 -22.36 -21.72 38.93
N GLU A 130 -21.57 -22.67 38.45
CA GLU A 130 -20.41 -22.41 37.65
C GLU A 130 -20.64 -21.69 36.34
N ARG A 131 -21.81 -21.85 35.74
CA ARG A 131 -22.00 -21.19 34.46
C ARG A 131 -22.12 -19.66 34.60
N ASP A 132 -22.74 -19.24 35.70
CA ASP A 132 -22.93 -17.81 36.04
C ASP A 132 -21.61 -17.11 36.16
N VAL A 133 -20.65 -17.82 36.77
CA VAL A 133 -19.27 -17.37 36.97
C VAL A 133 -18.55 -17.26 35.65
N ILE A 134 -18.46 -18.36 34.89
CA ILE A 134 -17.77 -18.39 33.59
C ILE A 134 -18.39 -17.36 32.66
N LEU A 135 -19.67 -17.07 32.83
CA LEU A 135 -20.23 -15.98 32.06
C LEU A 135 -19.56 -14.67 32.45
N GLN A 136 -19.41 -14.46 33.76
CA GLN A 136 -18.81 -13.23 34.25
C GLN A 136 -17.39 -13.12 33.73
N GLU A 137 -16.61 -14.18 33.92
CA GLU A 137 -15.24 -14.25 33.43
C GLU A 137 -15.11 -13.67 32.03
N LEU A 138 -16.00 -14.10 31.13
CA LEU A 138 -16.00 -13.64 29.75
C LEU A 138 -16.24 -12.14 29.62
N GLN A 139 -16.99 -11.59 30.58
CA GLN A 139 -17.35 -10.16 30.60
C GLN A 139 -16.15 -9.34 30.98
N GLU A 140 -15.37 -9.89 31.90
CA GLU A 140 -14.17 -9.22 32.35
C GLU A 140 -13.14 -9.38 31.30
N ASN A 141 -13.02 -10.61 30.80
CA ASN A 141 -12.02 -10.89 29.78
C ASN A 141 -12.10 -9.90 28.63
N ASP A 142 -13.32 -9.52 28.24
CA ASP A 142 -13.57 -8.59 27.16
C ASP A 142 -12.94 -7.22 27.33
N THR A 143 -12.55 -6.88 28.56
CA THR A 143 -11.87 -5.63 28.82
C THR A 143 -10.35 -5.69 28.63
N SER A 144 -9.79 -6.87 28.70
CA SER A 144 -8.39 -6.94 28.44
C SER A 144 -8.11 -6.90 26.96
N MET A 145 -7.85 -5.71 26.42
CA MET A 145 -7.56 -5.56 24.99
C MET A 145 -6.59 -6.58 24.48
N ARG A 146 -5.56 -6.86 25.28
CA ARG A 146 -4.55 -7.82 24.90
C ARG A 146 -5.16 -9.14 24.69
N ASP A 147 -5.92 -9.59 25.72
CA ASP A 147 -6.60 -10.88 25.67
C ASP A 147 -7.49 -10.98 24.45
N VAL A 148 -8.27 -9.95 24.19
CA VAL A 148 -9.05 -9.98 23.00
C VAL A 148 -8.15 -10.18 21.79
N VAL A 149 -7.22 -9.26 21.54
CA VAL A 149 -6.41 -9.29 20.27
C VAL A 149 -5.73 -10.57 19.94
N PHE A 150 -5.34 -11.31 20.97
CA PHE A 150 -4.70 -12.58 20.73
C PHE A 150 -5.71 -13.67 20.37
N ASN A 151 -6.92 -13.56 20.91
CA ASN A 151 -7.95 -14.47 20.54
C ASN A 151 -8.35 -14.25 19.08
N TYR A 152 -8.37 -12.98 18.67
CA TYR A 152 -8.74 -12.61 17.31
C TYR A 152 -7.71 -13.10 16.31
N LEU A 153 -6.45 -13.02 16.70
CA LEU A 153 -5.39 -13.43 15.81
C LEU A 153 -5.58 -14.89 15.62
N HIS A 154 -5.77 -15.58 16.73
CA HIS A 154 -6.05 -16.99 16.67
C HIS A 154 -7.31 -17.18 15.84
N ALA A 155 -8.38 -16.47 16.21
CA ALA A 155 -9.63 -16.58 15.48
C ALA A 155 -9.47 -16.48 13.96
N THR A 156 -8.66 -15.54 13.46
CA THR A 156 -8.50 -15.42 12.00
C THR A 156 -7.33 -16.17 11.43
N ALA A 157 -6.27 -16.34 12.21
CA ALA A 157 -5.12 -17.06 11.69
C ALA A 157 -5.55 -18.46 11.39
N PHE A 158 -6.37 -19.02 12.24
CA PHE A 158 -6.81 -20.38 12.08
C PHE A 158 -8.24 -20.54 11.57
N GLN A 159 -8.72 -19.53 10.83
CA GLN A 159 -10.04 -19.54 10.22
C GLN A 159 -10.44 -20.92 9.77
N GLY A 160 -11.35 -21.57 10.51
CA GLY A 160 -11.84 -22.85 10.08
C GLY A 160 -11.35 -24.04 10.84
N THR A 161 -10.12 -23.97 11.33
CA THR A 161 -9.57 -25.07 12.12
C THR A 161 -10.19 -25.03 13.52
N PRO A 162 -9.95 -26.05 14.33
CA PRO A 162 -10.41 -26.06 15.71
C PRO A 162 -9.58 -25.06 16.48
N LEU A 163 -8.32 -24.96 16.09
CA LEU A 163 -7.34 -24.08 16.70
C LEU A 163 -7.86 -22.65 16.70
N ALA A 164 -8.78 -22.35 15.77
CA ALA A 164 -9.36 -21.02 15.67
C ALA A 164 -10.17 -20.68 16.88
N GLN A 165 -10.60 -21.70 17.59
CA GLN A 165 -11.42 -21.48 18.75
C GLN A 165 -10.64 -21.01 19.97
N SER A 166 -11.40 -20.41 20.88
CA SER A 166 -10.90 -19.88 22.14
C SER A 166 -11.03 -20.92 23.24
N VAL A 167 -10.40 -20.69 24.38
CA VAL A 167 -10.42 -21.69 25.43
C VAL A 167 -11.74 -21.80 26.21
N GLU A 168 -12.42 -20.69 26.38
CA GLU A 168 -13.66 -20.66 27.15
C GLU A 168 -14.90 -20.86 26.27
N GLY A 169 -14.75 -20.77 24.96
CA GLY A 169 -15.87 -20.93 24.03
C GLY A 169 -16.72 -19.67 24.00
N PRO A 170 -17.83 -19.69 23.25
CA PRO A 170 -18.71 -18.53 23.16
C PRO A 170 -19.68 -18.67 24.24
N SER A 171 -20.22 -17.57 24.71
CA SER A 171 -21.19 -17.62 25.79
C SER A 171 -22.17 -18.77 25.64
N GLU A 172 -22.65 -18.94 24.40
CA GLU A 172 -23.67 -19.91 24.05
C GLU A 172 -23.44 -21.29 24.61
N ASN A 173 -22.24 -21.82 24.42
CA ASN A 173 -21.93 -23.15 24.93
C ASN A 173 -21.85 -23.17 26.48
N VAL A 174 -21.27 -22.12 27.04
CA VAL A 174 -21.14 -22.01 28.47
C VAL A 174 -22.53 -21.95 29.02
N ARG A 175 -23.45 -21.40 28.25
CA ARG A 175 -24.78 -21.43 28.77
C ARG A 175 -25.54 -22.69 28.49
N LYS A 176 -25.26 -23.35 27.36
CA LYS A 176 -26.02 -24.56 27.03
C LYS A 176 -25.38 -25.86 27.48
N LEU A 177 -24.06 -25.88 27.55
CA LEU A 177 -23.33 -27.08 27.95
C LEU A 177 -23.92 -27.82 29.13
N SER A 178 -24.06 -29.15 29.02
CA SER A 178 -24.65 -29.96 30.11
C SER A 178 -23.70 -30.99 30.72
N ARG A 179 -24.07 -31.53 31.87
CA ARG A 179 -23.21 -32.49 32.54
C ARG A 179 -22.79 -33.63 31.62
N ALA A 180 -23.74 -34.13 30.83
CA ALA A 180 -23.48 -35.21 29.87
C ALA A 180 -22.34 -34.79 28.96
N ASP A 181 -22.41 -33.55 28.49
CA ASP A 181 -21.36 -32.98 27.68
C ASP A 181 -20.02 -33.05 28.42
N LEU A 182 -20.02 -32.66 29.71
CA LEU A 182 -18.80 -32.66 30.53
C LEU A 182 -18.29 -34.08 30.70
N THR A 183 -18.99 -34.88 31.51
CA THR A 183 -18.73 -36.31 31.64
C THR A 183 -18.07 -36.90 30.38
N GLU A 184 -18.72 -36.67 29.23
CA GLU A 184 -18.25 -37.13 27.92
C GLU A 184 -16.81 -36.66 27.61
N TYR A 185 -16.52 -35.36 27.79
CA TYR A 185 -15.19 -34.80 27.52
C TYR A 185 -14.13 -35.42 28.42
N LEU A 186 -14.47 -35.55 29.69
CA LEU A 186 -13.59 -36.17 30.66
C LEU A 186 -13.22 -37.56 30.18
N SER A 187 -14.22 -38.40 29.96
CA SER A 187 -14.01 -39.78 29.49
C SER A 187 -13.26 -39.87 28.18
N ARG A 188 -13.61 -38.99 27.24
CA ARG A 188 -12.94 -38.96 25.94
C ARG A 188 -11.47 -38.60 26.08
N HIS A 189 -11.18 -37.63 26.93
CA HIS A 189 -9.81 -37.14 27.05
C HIS A 189 -8.98 -37.50 28.24
N TYR A 190 -9.55 -37.51 29.42
CA TYR A 190 -8.74 -37.76 30.60
C TYR A 190 -8.31 -39.22 30.75
N LYS A 191 -7.46 -39.69 29.85
CA LYS A 191 -7.00 -41.06 29.91
C LYS A 191 -5.50 -41.22 29.83
N ALA A 192 -5.00 -42.11 30.69
CA ALA A 192 -3.56 -42.35 30.90
C ALA A 192 -2.48 -41.93 29.92
N PRO A 193 -2.45 -42.51 28.72
CA PRO A 193 -1.40 -42.18 27.74
C PRO A 193 -1.43 -40.73 27.28
N ARG A 194 -2.41 -39.99 27.76
CA ARG A 194 -2.53 -38.59 27.44
C ARG A 194 -2.27 -37.73 28.66
N MET A 195 -1.90 -38.36 29.76
CA MET A 195 -1.57 -37.59 30.93
C MET A 195 -0.32 -37.98 31.64
N VAL A 196 0.38 -36.96 32.13
CA VAL A 196 1.68 -37.13 32.79
C VAL A 196 1.67 -36.70 34.25
N LEU A 197 2.31 -37.48 35.10
CA LEU A 197 2.48 -37.06 36.47
C LEU A 197 3.90 -36.47 36.53
N ALA A 198 3.99 -35.19 36.90
CA ALA A 198 5.29 -34.52 36.95
C ALA A 198 5.57 -33.92 38.33
N ALA A 199 6.83 -33.87 38.71
CA ALA A 199 7.17 -33.34 40.00
C ALA A 199 8.55 -32.73 40.01
N ALA A 200 8.86 -32.02 41.08
CA ALA A 200 10.16 -31.38 41.22
C ALA A 200 10.29 -30.97 42.65
N GLY A 201 11.41 -31.30 43.26
CA GLY A 201 11.64 -30.87 44.62
C GLY A 201 12.50 -31.86 45.36
N GLY A 202 12.23 -31.95 46.64
CA GLY A 202 12.95 -32.87 47.47
C GLY A 202 12.15 -34.13 47.54
N LEU A 203 12.34 -34.99 46.55
CA LEU A 203 11.68 -36.29 46.52
C LEU A 203 12.55 -37.29 45.80
N GLU A 204 12.53 -38.55 46.21
CA GLU A 204 13.27 -39.57 45.48
C GLU A 204 12.27 -40.03 44.42
N HIS A 205 12.72 -40.15 43.15
CA HIS A 205 11.83 -40.56 42.05
C HIS A 205 11.03 -41.82 42.32
N ARG A 206 11.64 -42.75 43.06
CA ARG A 206 10.97 -43.99 43.44
C ARG A 206 9.60 -43.72 44.07
N GLN A 207 9.54 -42.77 44.99
CA GLN A 207 8.30 -42.41 45.67
C GLN A 207 7.22 -42.05 44.68
N LEU A 208 7.55 -41.17 43.73
CA LEU A 208 6.58 -40.78 42.73
C LEU A 208 5.91 -42.00 42.14
N LEU A 209 6.71 -42.91 41.59
CA LEU A 209 6.18 -44.14 41.04
C LEU A 209 5.24 -44.82 42.00
N ASP A 210 5.73 -45.09 43.21
CA ASP A 210 4.92 -45.77 44.22
C ASP A 210 3.54 -45.14 44.33
N LEU A 211 3.52 -43.81 44.40
CA LEU A 211 2.27 -43.08 44.47
C LEU A 211 1.56 -43.16 43.12
N ALA A 212 2.27 -42.82 42.05
CA ALA A 212 1.68 -42.86 40.72
C ALA A 212 0.94 -44.18 40.60
N GLN A 213 1.59 -45.25 41.00
CA GLN A 213 0.97 -46.57 40.97
C GLN A 213 -0.14 -46.69 41.98
N LYS A 214 0.01 -46.05 43.13
CA LYS A 214 -0.98 -46.20 44.18
C LYS A 214 -2.33 -45.58 43.90
N HIS A 215 -2.36 -44.38 43.30
CA HIS A 215 -3.64 -43.70 43.12
C HIS A 215 -4.04 -43.43 41.69
N PHE A 216 -3.20 -43.81 40.75
CA PHE A 216 -3.53 -43.62 39.34
C PHE A 216 -3.66 -44.92 38.60
N SER A 217 -3.50 -46.03 39.32
CA SER A 217 -3.68 -47.34 38.73
C SER A 217 -5.17 -47.52 38.55
N GLY A 218 -5.61 -47.56 37.30
CA GLY A 218 -7.02 -47.66 37.02
C GLY A 218 -7.52 -46.67 35.97
N LEU A 219 -6.67 -46.32 35.03
CA LEU A 219 -7.12 -45.52 33.91
C LEU A 219 -7.16 -46.43 32.67
N SER A 220 -6.48 -46.05 31.59
CA SER A 220 -6.43 -46.84 30.34
C SER A 220 -6.21 -48.37 30.38
N GLY A 221 -5.87 -48.92 31.55
CA GLY A 221 -5.62 -50.35 31.71
C GLY A 221 -6.61 -51.15 30.90
N THR A 222 -7.86 -51.14 31.34
CA THR A 222 -8.95 -51.76 30.58
C THR A 222 -9.79 -50.56 30.12
N TYR A 223 -9.40 -50.00 28.96
CA TYR A 223 -10.02 -48.78 28.43
C TYR A 223 -9.64 -48.59 26.97
N ASP A 224 -8.91 -47.50 26.72
CA ASP A 224 -8.50 -47.06 25.38
C ASP A 224 -9.33 -47.57 24.21
N GLU A 225 -8.75 -48.47 23.41
CA GLU A 225 -9.41 -49.07 22.23
C GLU A 225 -9.97 -48.06 21.21
N ASP A 226 -11.03 -48.44 20.49
CA ASP A 226 -11.62 -47.55 19.49
C ASP A 226 -12.31 -46.31 20.11
N ALA A 227 -12.45 -45.26 19.31
CA ALA A 227 -13.03 -43.96 19.71
C ALA A 227 -12.00 -43.00 20.32
N VAL A 228 -10.70 -43.23 20.02
CA VAL A 228 -9.59 -42.34 20.42
C VAL A 228 -9.02 -41.73 19.14
N PRO A 229 -9.53 -40.57 18.72
CA PRO A 229 -9.06 -39.94 17.49
C PRO A 229 -7.76 -39.13 17.71
N THR A 230 -7.05 -38.91 16.60
CA THR A 230 -5.77 -38.21 16.59
C THR A 230 -6.03 -36.74 16.27
N LEU A 231 -4.96 -35.94 16.28
CA LEU A 231 -5.08 -34.51 16.01
C LEU A 231 -5.00 -34.15 14.54
N SER A 232 -6.01 -33.41 14.07
CA SER A 232 -6.08 -32.92 12.70
C SER A 232 -5.26 -31.64 12.49
N PRO A 233 -4.48 -31.61 11.41
CA PRO A 233 -3.71 -30.44 11.00
C PRO A 233 -4.58 -29.21 10.84
N CYS A 234 -4.02 -28.06 11.14
CA CYS A 234 -4.81 -26.86 11.14
C CYS A 234 -4.32 -25.88 10.12
N ARG A 235 -5.22 -25.49 9.23
CA ARG A 235 -4.88 -24.57 8.15
C ARG A 235 -4.79 -23.12 8.57
N PHE A 236 -3.57 -22.58 8.48
CA PHE A 236 -3.31 -21.17 8.78
C PHE A 236 -3.84 -20.39 7.58
N THR A 237 -4.41 -19.22 7.81
CA THR A 237 -5.02 -18.50 6.70
C THR A 237 -4.39 -17.21 6.25
N GLY A 238 -3.89 -16.41 7.14
CA GLY A 238 -3.29 -15.21 6.62
C GLY A 238 -4.42 -14.32 6.15
N SER A 239 -4.93 -13.58 7.11
CA SER A 239 -6.04 -12.71 6.90
C SER A 239 -5.83 -11.51 7.80
N GLN A 240 -6.93 -10.93 8.24
CA GLN A 240 -6.85 -9.74 9.04
C GLN A 240 -8.18 -9.57 9.70
N ILE A 241 -8.20 -9.03 10.91
CA ILE A 241 -9.45 -8.73 11.58
C ILE A 241 -9.26 -7.44 12.34
N CYS A 242 -10.04 -6.45 11.97
CA CYS A 242 -9.87 -5.14 12.56
C CYS A 242 -11.17 -4.79 13.15
N HIS A 243 -11.16 -4.68 14.48
CA HIS A 243 -12.33 -4.38 15.25
C HIS A 243 -12.19 -2.94 15.67
N ARG A 244 -12.60 -2.03 14.83
CA ARG A 244 -12.44 -0.61 15.08
C ARG A 244 -13.29 -0.11 16.26
N GLU A 245 -12.68 0.62 17.18
CA GLU A 245 -13.41 1.10 18.32
C GLU A 245 -12.72 2.29 18.92
N ASP A 246 -12.93 3.46 18.34
CA ASP A 246 -12.34 4.71 18.81
C ASP A 246 -12.62 5.11 20.26
N GLY A 247 -13.47 4.38 20.94
CA GLY A 247 -13.75 4.67 22.32
C GLY A 247 -12.56 4.25 23.13
N LEU A 248 -11.82 3.25 22.67
CA LEU A 248 -10.63 2.83 23.43
C LEU A 248 -9.49 3.82 23.14
N PRO A 249 -8.68 4.17 24.15
CA PRO A 249 -7.67 5.19 23.97
C PRO A 249 -6.37 4.71 23.42
N LEU A 250 -6.16 3.40 23.35
CA LEU A 250 -4.92 2.92 22.75
C LEU A 250 -5.22 1.73 21.87
N ALA A 251 -4.44 1.53 20.83
CA ALA A 251 -4.68 0.43 19.94
C ALA A 251 -3.86 -0.76 20.16
N HIS A 252 -4.48 -1.91 20.10
CA HIS A 252 -3.73 -3.15 20.11
C HIS A 252 -3.64 -3.72 18.69
N VAL A 253 -2.43 -4.03 18.24
CA VAL A 253 -2.28 -4.66 16.94
C VAL A 253 -1.47 -5.91 17.22
N ALA A 254 -1.75 -7.00 16.51
CA ALA A 254 -0.98 -8.23 16.71
C ALA A 254 -0.81 -9.02 15.43
N ILE A 255 0.37 -8.90 14.81
CA ILE A 255 0.70 -9.58 13.54
C ILE A 255 1.51 -10.89 13.66
N ALA A 256 1.23 -11.85 12.77
CA ALA A 256 1.94 -13.12 12.75
C ALA A 256 1.92 -13.89 11.43
N VAL A 257 2.98 -14.63 11.19
CA VAL A 257 3.05 -15.55 10.04
C VAL A 257 3.14 -16.93 10.67
N GLU A 258 2.66 -17.92 9.96
CA GLU A 258 2.62 -19.27 10.48
C GLU A 258 3.99 -19.76 10.77
N GLY A 259 4.14 -20.33 11.96
CA GLY A 259 5.42 -20.89 12.36
C GLY A 259 5.23 -22.38 12.51
N PRO A 260 6.32 -23.12 12.65
CA PRO A 260 6.21 -24.57 12.78
C PRO A 260 5.97 -24.91 14.24
N GLY A 261 5.47 -26.12 14.45
CA GLY A 261 5.16 -26.56 15.80
C GLY A 261 6.27 -26.86 16.80
N TRP A 262 5.83 -27.12 18.02
CA TRP A 262 6.68 -27.48 19.14
C TRP A 262 7.98 -28.18 18.78
N ALA A 263 7.88 -29.34 18.17
CA ALA A 263 9.06 -30.14 17.97
C ALA A 263 10.07 -29.74 16.89
N HIS A 264 9.68 -28.83 16.00
CA HIS A 264 10.55 -28.39 14.88
C HIS A 264 11.88 -27.82 15.37
N PRO A 265 12.99 -28.22 14.78
CA PRO A 265 14.31 -27.71 15.21
C PRO A 265 14.50 -26.22 14.95
N ASP A 266 13.86 -25.67 13.94
CA ASP A 266 14.06 -24.25 13.71
C ASP A 266 13.36 -23.23 14.59
N ASN A 267 13.03 -23.65 15.81
CA ASN A 267 12.41 -22.75 16.78
C ASN A 267 13.48 -22.02 17.53
N VAL A 268 14.53 -22.76 17.88
CA VAL A 268 15.64 -22.18 18.59
C VAL A 268 16.15 -20.96 17.82
N ALA A 269 16.38 -21.15 16.53
CA ALA A 269 16.82 -20.05 15.67
C ALA A 269 15.79 -18.91 15.63
N LEU A 270 14.50 -19.27 15.51
CA LEU A 270 13.42 -18.29 15.50
C LEU A 270 13.43 -17.47 16.80
N GLN A 271 13.63 -18.16 17.91
CA GLN A 271 13.69 -17.48 19.19
C GLN A 271 14.89 -16.51 19.34
N VAL A 272 16.07 -16.89 18.84
CA VAL A 272 17.23 -16.00 18.87
C VAL A 272 16.86 -14.72 18.10
N ALA A 273 16.31 -14.91 16.90
CA ALA A 273 15.92 -13.79 16.05
C ALA A 273 14.94 -12.91 16.77
N ASN A 274 14.06 -13.54 17.52
CA ASN A 274 13.08 -12.85 18.34
C ASN A 274 13.74 -11.96 19.42
N ALA A 275 14.56 -12.60 20.25
CA ALA A 275 15.36 -11.93 21.25
C ALA A 275 16.04 -10.69 20.67
N ILE A 276 16.58 -10.81 19.45
CA ILE A 276 17.20 -9.68 18.78
C ILE A 276 16.21 -8.53 18.63
N ILE A 277 14.95 -8.81 18.31
CA ILE A 277 13.98 -7.74 18.20
C ILE A 277 13.51 -7.35 19.61
N GLY A 278 13.31 -8.37 20.44
CA GLY A 278 13.00 -8.18 21.86
C GLY A 278 11.63 -7.66 22.23
N HIS A 279 11.57 -6.91 23.30
CA HIS A 279 10.32 -6.34 23.72
C HIS A 279 10.53 -4.89 24.19
N TYR A 280 9.50 -4.29 24.73
CA TYR A 280 9.62 -2.92 25.19
C TYR A 280 8.41 -2.59 26.03
N ASP A 281 8.54 -1.57 26.86
CA ASP A 281 7.45 -1.19 27.71
C ASP A 281 7.92 0.13 28.16
N CYS A 282 7.02 1.03 28.52
CA CYS A 282 7.48 2.36 28.76
C CYS A 282 8.13 2.56 30.08
N THR A 283 8.12 1.55 30.90
CA THR A 283 8.76 1.65 32.20
C THR A 283 10.17 1.08 32.13
N TYR A 284 10.61 0.77 30.91
CA TYR A 284 11.94 0.25 30.74
C TYR A 284 12.90 1.35 31.00
N GLY A 285 14.06 0.97 31.46
CA GLY A 285 15.09 1.92 31.75
C GLY A 285 16.00 1.88 30.59
N GLY A 286 16.43 3.04 30.15
CA GLY A 286 17.28 3.10 28.95
C GLY A 286 16.39 3.05 27.73
N GLY A 287 16.44 4.12 26.96
CA GLY A 287 15.58 4.20 25.80
C GLY A 287 16.50 4.18 24.65
N ALA A 288 16.93 5.36 24.25
CA ALA A 288 17.84 5.51 23.16
C ALA A 288 18.91 4.43 23.15
N HIS A 289 19.39 4.03 24.31
CA HIS A 289 20.46 3.08 24.32
C HIS A 289 20.16 1.61 24.29
N LEU A 290 18.88 1.25 24.22
CA LEU A 290 18.55 -0.16 24.05
C LEU A 290 19.24 -0.70 22.78
N SER A 291 19.65 -1.95 22.84
CA SER A 291 20.29 -2.57 21.71
C SER A 291 19.31 -2.68 20.57
N SER A 292 18.16 -3.31 20.81
CA SER A 292 17.18 -3.51 19.74
C SER A 292 16.75 -2.28 19.01
N PRO A 293 16.99 -2.29 17.72
CA PRO A 293 16.64 -1.18 16.85
C PRO A 293 15.17 -0.78 16.98
N LEU A 294 14.28 -1.76 17.08
CA LEU A 294 12.87 -1.48 17.25
C LEU A 294 12.70 -0.72 18.57
N ALA A 295 13.09 -1.41 19.64
CA ALA A 295 12.97 -0.93 21.00
C ALA A 295 13.50 0.45 21.15
N SER A 296 14.65 0.67 20.55
CA SER A 296 15.27 1.96 20.61
C SER A 296 14.41 2.96 19.92
N ILE A 297 14.20 2.75 18.62
CA ILE A 297 13.49 3.73 17.79
C ILE A 297 12.22 4.03 18.44
N ALA A 298 11.57 2.97 18.92
CA ALA A 298 10.29 3.08 19.58
C ALA A 298 10.42 4.04 20.72
N ALA A 299 11.35 3.75 21.61
CA ALA A 299 11.51 4.58 22.79
C ALA A 299 11.88 6.00 22.50
N THR A 300 12.63 6.24 21.44
CA THR A 300 13.10 7.60 21.20
C THR A 300 12.07 8.46 20.59
N ASN A 301 11.36 7.92 19.61
CA ASN A 301 10.31 8.67 18.94
C ASN A 301 8.89 8.42 19.53
N LYS A 302 8.81 7.64 20.61
CA LYS A 302 7.52 7.31 21.25
C LYS A 302 6.51 6.61 20.32
N LEU A 303 7.00 5.65 19.54
CA LEU A 303 6.13 4.94 18.61
C LEU A 303 5.22 3.88 19.21
N CYS A 304 5.25 3.74 20.55
CA CYS A 304 4.40 2.79 21.23
C CYS A 304 4.56 2.90 22.71
N GLN A 305 3.66 2.20 23.43
CA GLN A 305 3.62 2.21 24.88
C GLN A 305 4.18 0.88 25.31
N SER A 306 4.25 -0.06 24.38
CA SER A 306 4.84 -1.36 24.70
C SER A 306 4.66 -2.29 23.56
N PHE A 307 5.70 -3.04 23.23
CA PHE A 307 5.54 -4.06 22.22
C PHE A 307 6.17 -5.32 22.79
N GLN A 308 6.13 -6.40 22.03
CA GLN A 308 6.72 -7.63 22.46
C GLN A 308 6.59 -8.66 21.40
N THR A 309 7.70 -9.27 21.03
CA THR A 309 7.69 -10.32 20.03
C THR A 309 7.27 -11.62 20.68
N PHE A 310 7.05 -12.67 19.89
CA PHE A 310 6.62 -13.95 20.43
C PHE A 310 6.67 -15.05 19.42
N ASN A 311 6.49 -16.28 19.90
CA ASN A 311 6.45 -17.46 19.05
C ASN A 311 5.54 -18.52 19.67
N ILE A 312 4.29 -18.54 19.29
CA ILE A 312 3.38 -19.50 19.89
C ILE A 312 3.43 -20.85 19.18
N CYS A 313 3.77 -21.91 19.93
CA CYS A 313 3.85 -23.25 19.34
C CYS A 313 2.65 -24.13 19.52
N TYR A 314 2.21 -24.75 18.46
CA TYR A 314 1.14 -25.72 18.52
C TYR A 314 1.60 -26.98 17.78
N ALA A 315 0.90 -28.09 17.95
CA ALA A 315 1.19 -29.38 17.32
C ALA A 315 1.99 -29.31 16.03
N ASP A 316 1.38 -28.90 14.94
CA ASP A 316 2.17 -28.83 13.74
C ASP A 316 2.17 -27.45 13.09
N THR A 317 2.05 -26.41 13.92
CA THR A 317 1.95 -25.05 13.45
C THR A 317 2.13 -24.14 14.63
N GLY A 318 1.95 -22.85 14.42
CA GLY A 318 2.06 -21.88 15.48
C GLY A 318 2.10 -20.49 14.91
N LEU A 319 1.84 -19.52 15.74
CA LEU A 319 1.92 -18.17 15.27
C LEU A 319 3.28 -17.61 15.70
N LEU A 320 3.83 -16.75 14.85
CA LEU A 320 5.13 -16.17 15.07
C LEU A 320 5.08 -14.75 14.67
N GLY A 321 5.31 -13.85 15.63
CA GLY A 321 5.30 -12.42 15.36
C GLY A 321 5.52 -11.51 16.57
N ALA A 322 4.80 -10.40 16.58
CA ALA A 322 4.94 -9.45 17.65
C ALA A 322 3.57 -8.92 17.92
N HIS A 323 3.44 -8.07 18.91
CA HIS A 323 2.16 -7.48 19.22
C HIS A 323 2.55 -6.20 19.85
N PHE A 324 1.88 -5.12 19.51
CA PHE A 324 2.21 -3.84 20.15
C PHE A 324 0.99 -3.03 20.65
N VAL A 325 1.22 -1.83 21.14
CA VAL A 325 0.14 -0.99 21.67
C VAL A 325 0.52 0.48 21.51
N CYS A 326 -0.41 1.33 21.12
CA CYS A 326 0.06 2.66 20.93
C CYS A 326 -1.01 3.65 20.58
N ASP A 327 -0.57 4.91 20.49
CA ASP A 327 -1.43 6.02 20.20
C ASP A 327 -1.96 5.76 18.85
N HIS A 328 -3.16 6.32 18.63
CA HIS A 328 -3.87 6.22 17.37
C HIS A 328 -3.10 6.73 16.21
N MET A 329 -2.18 7.68 16.40
CA MET A 329 -1.38 8.11 15.27
C MET A 329 -0.01 7.46 15.15
N SER A 330 0.18 6.29 15.74
CA SER A 330 1.49 5.68 15.63
C SER A 330 1.50 4.26 15.11
N ILE A 331 0.37 3.82 14.59
CA ILE A 331 0.31 2.43 14.21
C ILE A 331 1.08 2.15 12.96
N ASP A 332 1.13 3.13 12.07
CA ASP A 332 1.84 2.99 10.81
C ASP A 332 3.31 2.82 11.09
N ASP A 333 3.91 3.88 11.65
CA ASP A 333 5.30 3.90 11.97
C ASP A 333 5.67 2.68 12.75
N MET A 334 4.90 2.39 13.76
CA MET A 334 5.21 1.22 14.57
C MET A 334 5.27 -0.04 13.73
N MET A 335 4.35 -0.15 12.76
CA MET A 335 4.30 -1.30 11.87
C MET A 335 5.48 -1.25 10.97
N PHE A 336 5.75 -0.06 10.46
CA PHE A 336 6.84 0.14 9.52
C PHE A 336 8.12 -0.41 10.05
N VAL A 337 8.45 0.03 11.24
CA VAL A 337 9.68 -0.35 11.90
C VAL A 337 9.77 -1.85 12.19
N LEU A 338 8.74 -2.38 12.83
CA LEU A 338 8.70 -3.79 13.17
C LEU A 338 8.91 -4.65 11.93
N GLN A 339 8.28 -4.24 10.84
CA GLN A 339 8.33 -5.00 9.60
C GLN A 339 9.73 -4.93 9.01
N GLY A 340 10.23 -3.72 8.88
CA GLY A 340 11.57 -3.52 8.37
C GLY A 340 12.64 -4.26 9.18
N GLN A 341 12.38 -4.40 10.48
CA GLN A 341 13.29 -5.16 11.30
C GLN A 341 13.28 -6.64 10.93
N TRP A 342 12.11 -7.24 10.82
CA TRP A 342 12.05 -8.63 10.40
C TRP A 342 12.88 -8.88 9.13
N MET A 343 12.66 -8.05 8.11
CA MET A 343 13.34 -8.22 6.83
C MET A 343 14.82 -8.07 6.96
N ARG A 344 15.23 -7.08 7.74
CA ARG A 344 16.64 -6.82 7.97
C ARG A 344 17.26 -8.09 8.47
N LEU A 345 16.56 -8.72 9.41
CA LEU A 345 16.99 -10.00 9.92
C LEU A 345 16.95 -11.12 8.84
N CYS A 346 16.07 -10.98 7.84
CA CYS A 346 15.98 -11.97 6.79
C CYS A 346 17.06 -11.79 5.75
N THR A 347 17.36 -10.53 5.47
CA THR A 347 18.29 -10.20 4.42
C THR A 347 19.70 -9.94 4.87
N SER A 348 19.84 -9.26 6.01
CA SER A 348 21.17 -8.93 6.42
C SER A 348 21.52 -8.98 7.89
N ALA A 349 21.13 -10.05 8.58
CA ALA A 349 21.48 -10.14 9.99
C ALA A 349 23.00 -10.14 10.18
N THR A 350 23.51 -9.25 11.02
CA THR A 350 24.96 -9.23 11.27
C THR A 350 25.31 -10.26 12.37
N GLU A 351 26.57 -10.70 12.37
CA GLU A 351 27.06 -11.76 13.25
C GLU A 351 26.98 -11.50 14.75
N SER A 352 27.20 -10.24 15.10
CA SER A 352 27.26 -9.79 16.49
C SER A 352 25.94 -9.85 17.21
N GLU A 353 24.88 -9.36 16.55
CA GLU A 353 23.56 -9.33 17.18
C GLU A 353 23.06 -10.74 17.49
N VAL A 354 23.41 -11.70 16.64
CA VAL A 354 22.96 -13.05 16.84
C VAL A 354 23.52 -13.65 18.13
N LEU A 355 24.69 -13.18 18.53
CA LEU A 355 25.27 -13.63 19.78
C LEU A 355 24.44 -13.06 20.94
N ARG A 356 23.99 -11.80 20.83
CA ARG A 356 23.18 -11.19 21.89
C ARG A 356 21.95 -12.01 22.11
N GLY A 357 21.27 -12.32 21.01
CA GLY A 357 20.06 -13.13 21.08
C GLY A 357 20.27 -14.54 21.62
N LYS A 358 21.39 -15.16 21.28
CA LYS A 358 21.66 -16.47 21.81
C LYS A 358 21.83 -16.29 23.32
N ASN A 359 22.54 -15.23 23.71
CA ASN A 359 22.82 -14.92 25.11
C ASN A 359 21.55 -14.58 25.89
N LEU A 360 20.63 -13.93 25.19
CA LEU A 360 19.41 -13.55 25.80
C LEU A 360 18.60 -14.77 25.98
N LEU A 361 18.71 -15.70 25.05
CA LEU A 361 17.94 -16.90 25.13
C LEU A 361 18.44 -17.81 26.26
N ARG A 362 19.76 -17.85 26.45
CA ARG A 362 20.30 -18.71 27.52
C ARG A 362 19.90 -18.17 28.87
N ASN A 363 20.01 -16.84 29.03
CA ASN A 363 19.62 -16.17 30.27
C ASN A 363 18.16 -16.35 30.59
N ALA A 364 17.36 -16.37 29.54
CA ALA A 364 15.95 -16.63 29.70
C ALA A 364 15.77 -18.11 30.01
N LEU A 365 16.39 -18.96 29.23
CA LEU A 365 16.23 -20.39 29.45
C LEU A 365 16.55 -20.76 30.87
N VAL A 366 17.76 -20.46 31.28
CA VAL A 366 18.20 -20.79 32.61
C VAL A 366 17.38 -20.07 33.68
N SER A 367 17.22 -18.77 33.53
CA SER A 367 16.47 -17.96 34.51
C SER A 367 15.05 -18.48 34.70
N HIS A 368 14.46 -19.06 33.67
CA HIS A 368 13.11 -19.51 33.78
C HIS A 368 12.91 -20.81 34.54
N LEU A 369 13.86 -21.72 34.47
CA LEU A 369 13.72 -22.96 35.19
C LEU A 369 14.28 -22.80 36.58
N ASP A 370 13.73 -21.83 37.31
CA ASP A 370 14.17 -21.54 38.65
C ASP A 370 13.04 -21.69 39.65
N GLY A 371 13.00 -22.84 40.28
CA GLY A 371 11.96 -23.07 41.25
C GLY A 371 11.21 -24.29 40.84
N THR A 372 10.81 -25.07 41.83
CA THR A 372 10.07 -26.32 41.62
C THR A 372 9.00 -26.21 40.52
N THR A 373 8.00 -25.39 40.79
CA THR A 373 6.88 -25.16 39.88
C THR A 373 7.22 -25.08 38.42
N PRO A 374 8.02 -24.08 37.99
CA PRO A 374 8.37 -23.94 36.57
C PRO A 374 9.03 -25.18 35.99
N VAL A 375 9.81 -25.84 36.82
CA VAL A 375 10.50 -27.00 36.37
C VAL A 375 9.49 -28.10 36.26
N CYS A 376 8.64 -28.24 37.25
CA CYS A 376 7.66 -29.29 37.20
C CYS A 376 6.79 -29.13 36.00
N GLU A 377 6.44 -27.89 35.74
CA GLU A 377 5.64 -27.60 34.60
C GLU A 377 6.42 -27.71 33.32
N ASP A 378 7.74 -27.75 33.40
CA ASP A 378 8.52 -27.92 32.17
C ASP A 378 8.68 -29.39 31.88
N ILE A 379 8.67 -30.20 32.93
CA ILE A 379 8.76 -31.63 32.77
C ILE A 379 7.52 -32.08 32.03
N GLY A 380 6.37 -31.80 32.65
CA GLY A 380 5.08 -32.19 32.10
C GLY A 380 4.93 -31.79 30.66
N ARG A 381 4.87 -30.49 30.46
CA ARG A 381 4.75 -29.98 29.13
C ARG A 381 5.80 -30.67 28.24
N SER A 382 7.07 -30.67 28.64
CA SER A 382 8.10 -31.31 27.81
C SER A 382 7.70 -32.70 27.39
N LEU A 383 7.27 -33.53 28.33
CA LEU A 383 6.84 -34.87 27.99
C LEU A 383 5.67 -34.90 27.01
N LEU A 384 4.72 -34.00 27.20
CA LEU A 384 3.57 -33.96 26.32
C LEU A 384 3.92 -33.52 24.93
N THR A 385 4.92 -32.69 24.81
CA THR A 385 5.19 -32.11 23.53
C THR A 385 6.42 -32.58 22.79
N TYR A 386 7.49 -32.86 23.53
CA TYR A 386 8.77 -33.30 22.94
C TYR A 386 8.93 -34.80 23.01
N GLY A 387 8.16 -35.45 23.87
CA GLY A 387 8.30 -36.87 24.08
C GLY A 387 9.37 -37.17 25.11
N ARG A 388 10.37 -36.29 25.19
CA ARG A 388 11.48 -36.39 26.14
C ARG A 388 11.37 -35.25 27.14
N ARG A 389 12.48 -34.97 27.80
CA ARG A 389 12.63 -33.74 28.59
C ARG A 389 13.97 -33.35 28.10
N ILE A 390 14.06 -32.26 27.33
CA ILE A 390 15.32 -31.83 26.73
C ILE A 390 16.20 -31.09 27.71
N PRO A 391 17.34 -31.68 28.05
CA PRO A 391 18.26 -31.11 29.01
C PRO A 391 18.88 -29.81 28.58
N LEU A 392 18.99 -28.88 29.55
CA LEU A 392 19.57 -27.55 29.35
C LEU A 392 20.76 -27.65 28.43
N ALA A 393 21.71 -28.51 28.83
CA ALA A 393 22.92 -28.72 28.08
C ALA A 393 22.65 -28.80 26.59
N GLU A 394 21.59 -29.55 26.22
CA GLU A 394 21.16 -29.70 24.80
C GLU A 394 20.69 -28.37 24.21
N TRP A 395 19.85 -27.64 24.94
CA TRP A 395 19.41 -26.38 24.41
C TRP A 395 20.59 -25.50 24.17
N GLU A 396 21.57 -25.55 25.05
CA GLU A 396 22.74 -24.71 24.85
C GLU A 396 23.37 -25.15 23.58
N SER A 397 23.58 -26.45 23.52
CA SER A 397 24.15 -27.06 22.34
C SER A 397 23.42 -26.58 21.07
N ARG A 398 22.09 -26.57 21.11
CA ARG A 398 21.24 -26.13 20.00
C ARG A 398 21.40 -24.67 19.70
N ILE A 399 21.26 -23.84 20.72
CA ILE A 399 21.47 -22.42 20.56
C ILE A 399 22.86 -22.14 19.94
N ALA A 400 23.90 -22.78 20.49
CA ALA A 400 25.29 -22.60 20.05
C ALA A 400 25.42 -22.75 18.54
N GLU A 401 24.86 -23.83 18.01
CA GLU A 401 24.88 -24.06 16.59
C GLU A 401 24.51 -22.80 15.86
N VAL A 402 23.35 -22.22 16.17
CA VAL A 402 22.87 -20.99 15.52
C VAL A 402 23.93 -19.87 15.40
N ASP A 403 24.09 -19.31 14.21
CA ASP A 403 24.98 -18.17 13.98
C ASP A 403 24.24 -17.20 13.01
N ALA A 404 24.89 -16.12 12.58
CA ALA A 404 24.20 -15.18 11.71
C ALA A 404 23.40 -15.85 10.61
N ARG A 405 24.11 -16.51 9.69
CA ARG A 405 23.53 -17.22 8.56
C ARG A 405 22.32 -18.00 9.00
N VAL A 406 22.49 -18.83 10.03
CA VAL A 406 21.36 -19.61 10.53
C VAL A 406 20.14 -18.71 10.73
N VAL A 407 20.35 -17.54 11.31
CA VAL A 407 19.24 -16.62 11.51
C VAL A 407 18.73 -16.14 10.17
N ARG A 408 19.52 -15.37 9.43
CA ARG A 408 18.96 -14.89 8.18
C ARG A 408 18.34 -15.95 7.31
N GLU A 409 18.77 -17.19 7.50
CA GLU A 409 18.24 -18.31 6.74
C GLU A 409 16.84 -18.65 7.30
N VAL A 410 16.80 -19.16 8.54
CA VAL A 410 15.53 -19.57 9.19
C VAL A 410 14.52 -18.46 9.17
N CYS A 411 14.98 -17.24 9.41
CA CYS A 411 14.09 -16.11 9.37
C CYS A 411 13.47 -15.95 7.98
N SER A 412 14.32 -15.94 6.95
CA SER A 412 13.85 -15.83 5.58
C SER A 412 12.82 -16.92 5.23
N LYS A 413 13.09 -18.14 5.69
CA LYS A 413 12.19 -19.25 5.48
C LYS A 413 10.80 -18.97 6.04
N TYR A 414 10.74 -18.43 7.28
CA TYR A 414 9.46 -18.15 7.92
C TYR A 414 8.84 -16.75 7.69
N PHE A 415 9.67 -15.72 7.58
CA PHE A 415 9.19 -14.34 7.43
C PHE A 415 9.24 -13.73 6.00
N TYR A 416 10.18 -14.13 5.14
CA TYR A 416 10.24 -13.46 3.85
C TYR A 416 9.12 -13.75 2.90
N ASP A 417 8.48 -12.68 2.47
CA ASP A 417 7.43 -12.73 1.48
C ASP A 417 6.43 -13.82 1.81
N GLN A 418 5.89 -13.77 3.01
CA GLN A 418 4.84 -14.68 3.39
C GLN A 418 3.67 -13.80 3.85
N CYS A 419 2.44 -14.28 3.67
CA CYS A 419 1.29 -13.50 4.04
C CYS A 419 1.09 -13.58 5.56
N PRO A 420 0.92 -12.43 6.21
CA PRO A 420 0.67 -12.40 7.65
C PRO A 420 -0.78 -12.59 8.05
N ALA A 421 -0.99 -12.94 9.32
CA ALA A 421 -2.32 -13.02 9.93
C ALA A 421 -2.38 -11.76 10.80
N VAL A 422 -3.22 -10.79 10.45
CA VAL A 422 -3.25 -9.52 11.19
C VAL A 422 -4.44 -9.36 12.13
N ALA A 423 -4.23 -8.86 13.34
CA ALA A 423 -5.36 -8.72 14.26
C ALA A 423 -5.29 -7.40 14.94
N GLY A 424 -6.31 -6.58 14.73
CA GLY A 424 -6.31 -5.22 15.28
C GLY A 424 -7.53 -4.91 16.08
N PHE A 425 -7.35 -4.16 17.17
CA PHE A 425 -8.44 -3.76 18.08
C PHE A 425 -8.15 -2.35 18.57
N GLY A 426 -9.16 -1.55 18.84
CA GLY A 426 -8.89 -0.22 19.30
C GLY A 426 -9.10 0.81 18.21
N PRO A 427 -8.39 1.93 18.25
CA PRO A 427 -8.52 3.01 17.27
C PRO A 427 -7.62 2.78 16.07
N ILE A 428 -7.91 1.71 15.35
CA ILE A 428 -7.12 1.29 14.22
C ILE A 428 -7.35 2.01 12.87
N GLU A 429 -7.87 3.24 12.89
CA GLU A 429 -8.05 3.98 11.61
C GLU A 429 -6.79 4.01 10.81
N GLN A 430 -5.64 3.97 11.48
CA GLN A 430 -4.39 4.06 10.72
C GLN A 430 -3.61 2.73 10.49
N LEU A 431 -4.03 1.65 11.12
CA LEU A 431 -3.45 0.34 10.90
C LEU A 431 -3.42 0.17 9.43
N PRO A 432 -2.25 -0.07 8.83
CA PRO A 432 -2.08 -0.18 7.36
C PRO A 432 -3.01 -1.12 6.63
N ASP A 433 -3.34 -0.82 5.38
CA ASP A 433 -4.20 -1.74 4.59
C ASP A 433 -3.50 -3.10 4.47
N TYR A 434 -4.24 -4.20 4.35
CA TYR A 434 -3.58 -5.52 4.31
C TYR A 434 -2.56 -5.72 3.18
N ASN A 435 -2.83 -5.15 2.02
CA ASN A 435 -1.89 -5.31 0.93
C ASN A 435 -0.63 -4.69 1.39
N ARG A 436 -0.77 -3.51 1.97
CA ARG A 436 0.37 -2.81 2.42
C ARG A 436 1.21 -3.53 3.46
N ILE A 437 0.56 -4.13 4.43
CA ILE A 437 1.28 -4.91 5.42
C ILE A 437 1.94 -6.09 4.71
N ARG A 438 1.29 -6.59 3.67
CA ARG A 438 1.79 -7.77 2.95
C ARG A 438 2.96 -7.41 2.10
N SER A 439 2.87 -6.23 1.51
CA SER A 439 3.92 -5.72 0.65
C SER A 439 5.14 -5.45 1.52
N GLY A 440 4.89 -5.17 2.79
CA GLY A 440 5.98 -4.99 3.72
C GLY A 440 6.64 -6.28 4.17
N MET A 441 6.13 -7.41 3.68
CA MET A 441 6.67 -8.68 4.08
C MET A 441 7.78 -9.13 3.17
N PHE A 442 8.37 -8.18 2.46
CA PHE A 442 9.47 -8.43 1.55
C PHE A 442 9.86 -7.06 1.10
N TRP A 443 11.11 -6.91 0.67
CA TRP A 443 11.45 -5.63 0.10
C TRP A 443 12.12 -5.71 -1.23
N LEU A 444 11.89 -4.68 -2.03
CA LEU A 444 12.39 -4.63 -3.39
C LEU A 444 13.92 -4.61 -3.50
N ARG A 445 14.63 -4.04 -2.52
CA ARG A 445 16.12 -3.98 -2.51
C ARG A 445 16.75 -5.29 -2.86
N PHE A 446 16.53 -6.21 -1.94
CA PHE A 446 17.04 -7.55 -2.00
C PHE A 446 16.09 -8.27 -2.91
N VAL B 17 19.32 -37.93 42.06
CA VAL B 17 20.61 -37.95 42.82
C VAL B 17 21.38 -36.64 42.71
N PRO B 18 20.88 -35.55 43.29
CA PRO B 18 21.60 -34.28 43.24
C PRO B 18 22.77 -34.32 44.23
N PRO B 19 23.76 -33.46 44.00
CA PRO B 19 24.91 -33.36 44.91
C PRO B 19 24.39 -32.79 46.24
N HIS B 20 25.09 -33.04 47.35
CA HIS B 20 24.69 -32.41 48.61
C HIS B 20 24.99 -30.91 48.43
N PRO B 21 24.17 -30.03 49.00
CA PRO B 21 24.33 -28.62 48.74
C PRO B 21 25.50 -28.07 49.49
N GLN B 22 25.66 -26.77 49.42
CA GLN B 22 26.74 -26.13 50.12
C GLN B 22 26.13 -25.24 51.18
N ASP B 23 26.97 -24.53 51.90
CA ASP B 23 26.47 -23.64 52.90
C ASP B 23 26.64 -22.20 52.49
N LEU B 24 25.75 -21.37 52.97
CA LEU B 24 25.88 -19.98 52.70
C LEU B 24 26.99 -19.59 53.59
N GLU B 25 27.83 -18.71 53.12
CA GLU B 25 28.90 -18.20 53.95
C GLU B 25 28.56 -16.73 54.18
N PHE B 26 28.88 -16.25 55.39
CA PHE B 26 28.45 -14.93 55.83
C PHE B 26 29.53 -14.22 56.61
N THR B 27 29.83 -12.98 56.22
CA THR B 27 30.93 -12.26 56.86
C THR B 27 30.68 -10.81 57.18
N ARG B 28 30.93 -10.39 58.43
CA ARG B 28 30.75 -8.99 58.78
C ARG B 28 32.08 -8.36 58.76
N LEU B 29 32.27 -7.34 57.94
CA LEU B 29 33.54 -6.64 57.93
C LEU B 29 33.51 -5.67 59.09
N PRO B 30 34.68 -5.35 59.65
CA PRO B 30 34.75 -4.43 60.77
C PRO B 30 34.09 -3.10 60.42
N ASN B 31 34.10 -2.72 59.14
CA ASN B 31 33.52 -1.45 58.76
C ASN B 31 32.05 -1.40 58.78
N GLY B 32 31.45 -2.57 59.04
CA GLY B 32 30.00 -2.73 59.13
C GLY B 32 29.33 -3.49 57.98
N LEU B 33 30.01 -3.59 56.83
CA LEU B 33 29.47 -4.24 55.65
C LEU B 33 29.32 -5.70 55.96
N VAL B 34 28.25 -6.29 55.46
CA VAL B 34 27.95 -7.70 55.63
C VAL B 34 28.13 -8.26 54.27
N ILE B 35 28.59 -9.47 54.19
CA ILE B 35 28.81 -10.12 52.92
C ILE B 35 28.30 -11.53 53.11
N ALA B 36 27.51 -12.03 52.18
CA ALA B 36 26.98 -13.38 52.29
C ALA B 36 26.87 -13.98 50.91
N SER B 37 27.11 -15.28 50.80
CA SER B 37 27.01 -15.90 49.48
C SER B 37 26.65 -17.35 49.54
N LEU B 38 26.40 -17.93 48.37
CA LEU B 38 26.05 -19.35 48.27
C LEU B 38 26.50 -19.79 46.91
N GLU B 39 27.14 -20.94 46.85
CA GLU B 39 27.52 -21.46 45.56
C GLU B 39 26.57 -22.56 45.19
N ASN B 40 25.34 -22.18 44.81
CA ASN B 40 24.44 -23.16 44.22
C ASN B 40 25.14 -23.31 42.90
N TYR B 41 25.40 -24.52 42.42
CA TYR B 41 26.16 -24.59 41.17
C TYR B 41 25.43 -24.16 39.90
N ALA B 42 24.46 -23.28 40.10
CA ALA B 42 23.64 -22.68 39.08
C ALA B 42 24.38 -22.21 37.85
N PRO B 43 23.77 -22.37 36.68
CA PRO B 43 24.34 -21.89 35.45
C PRO B 43 24.30 -20.38 35.37
N ALA B 44 23.60 -19.74 36.30
CA ALA B 44 23.53 -18.28 36.28
C ALA B 44 23.91 -17.66 37.61
N SER B 45 24.15 -16.35 37.60
CA SER B 45 24.52 -15.63 38.83
C SER B 45 23.66 -14.45 39.18
N ARG B 46 23.50 -14.25 40.47
CA ARG B 46 22.75 -13.15 40.98
C ARG B 46 23.61 -12.43 41.99
N ILE B 47 23.81 -11.15 41.79
CA ILE B 47 24.54 -10.36 42.77
C ILE B 47 23.65 -9.19 43.15
N GLY B 48 23.43 -9.01 44.43
CA GLY B 48 22.66 -7.87 44.86
C GLY B 48 23.29 -7.06 46.00
N LEU B 49 23.50 -5.77 45.79
CA LEU B 49 23.97 -4.92 46.86
C LEU B 49 22.73 -4.31 47.55
N PHE B 50 22.50 -4.64 48.82
CA PHE B 50 21.33 -4.11 49.55
C PHE B 50 21.65 -2.87 50.38
N ILE B 51 20.92 -1.81 50.19
CA ILE B 51 21.24 -0.61 50.93
C ILE B 51 20.10 -0.09 51.78
N LYS B 52 20.42 0.38 52.99
CA LYS B 52 19.43 1.05 53.85
C LYS B 52 19.24 2.48 53.37
N ALA B 53 18.58 2.64 52.23
CA ALA B 53 18.39 3.95 51.62
C ALA B 53 16.99 4.03 51.17
N GLY B 54 16.13 3.23 51.78
CA GLY B 54 14.73 3.22 51.42
C GLY B 54 14.09 4.55 51.65
N SER B 55 12.89 4.72 51.12
CA SER B 55 12.16 5.97 51.18
C SER B 55 12.07 6.61 52.59
N ARG B 56 12.14 5.81 53.64
CA ARG B 56 11.95 6.46 54.93
C ARG B 56 13.05 7.40 55.29
N TYR B 57 14.04 7.58 54.44
CA TYR B 57 15.15 8.42 54.82
C TYR B 57 15.11 9.71 54.08
N GLU B 58 13.93 9.98 53.51
CA GLU B 58 13.81 11.25 52.76
C GLU B 58 13.26 12.14 53.80
N ASN B 59 13.14 13.43 53.51
CA ASN B 59 12.47 14.30 54.43
C ASN B 59 11.69 15.40 53.73
N SER B 60 10.84 16.08 54.48
CA SER B 60 10.03 17.17 53.97
C SER B 60 10.71 18.03 52.95
N ASN B 61 12.04 18.06 52.93
CA ASN B 61 12.74 18.81 51.91
C ASN B 61 13.23 18.08 50.65
N ASN B 62 13.10 16.76 50.55
CA ASN B 62 13.56 16.08 49.34
C ASN B 62 12.74 14.81 49.00
N LEU B 63 11.45 14.84 49.28
CA LEU B 63 10.66 13.70 48.96
C LEU B 63 10.78 13.30 47.50
N GLY B 64 11.12 12.04 47.27
CA GLY B 64 11.13 11.48 45.93
C GLY B 64 12.52 11.25 45.47
N THR B 65 13.48 11.75 46.22
CA THR B 65 14.83 11.63 45.77
C THR B 65 15.21 10.17 45.57
N SER B 66 14.57 9.29 46.32
CA SER B 66 14.89 7.88 46.25
C SER B 66 14.15 7.23 45.15
N HIS B 67 13.23 7.95 44.54
CA HIS B 67 12.44 7.40 43.45
C HIS B 67 13.23 7.67 42.22
N LEU B 68 13.36 8.95 41.89
CA LEU B 68 14.16 9.35 40.77
C LEU B 68 15.48 8.56 40.86
N LEU B 69 15.95 8.29 42.09
CA LEU B 69 17.17 7.51 42.29
C LEU B 69 16.96 6.10 41.80
N ARG B 70 15.93 5.46 42.28
CA ARG B 70 15.59 4.11 41.86
C ARG B 70 15.53 4.08 40.34
N LEU B 71 15.25 5.21 39.73
CA LEU B 71 15.05 5.20 38.33
C LEU B 71 16.28 5.53 37.60
N ALA B 72 17.27 6.08 38.30
CA ALA B 72 18.47 6.56 37.60
C ALA B 72 19.58 5.56 37.49
N SER B 73 19.25 4.28 37.57
CA SER B 73 20.23 3.22 37.64
C SER B 73 21.00 2.94 36.42
N SER B 74 20.74 3.66 35.33
CA SER B 74 21.59 3.52 34.15
C SER B 74 22.03 4.79 33.50
N LEU B 75 22.08 5.87 34.29
CA LEU B 75 22.59 7.17 33.87
C LEU B 75 24.10 6.97 33.93
N THR B 76 24.90 7.89 33.38
CA THR B 76 26.34 7.61 33.34
C THR B 76 27.05 7.59 34.70
N THR B 77 28.02 6.69 34.84
CA THR B 77 28.85 6.63 36.04
C THR B 77 30.28 6.98 35.65
N LYS B 78 31.18 7.17 36.62
CA LYS B 78 32.57 7.38 36.21
C LYS B 78 32.99 5.97 35.82
N GLY B 79 33.55 5.77 34.67
CA GLY B 79 33.90 4.38 34.37
C GLY B 79 32.80 3.47 33.79
N ALA B 80 31.63 4.06 33.48
CA ALA B 80 30.60 3.39 32.70
C ALA B 80 29.52 4.33 32.30
N SER B 81 29.54 4.72 31.05
CA SER B 81 28.54 5.60 30.46
C SER B 81 27.24 4.85 30.24
N SER B 82 26.17 5.64 30.19
CA SER B 82 24.81 5.17 29.99
C SER B 82 24.77 4.12 28.90
N PHE B 83 25.23 4.51 27.73
CA PHE B 83 25.21 3.62 26.60
C PHE B 83 25.85 2.30 26.91
N LYS B 84 27.00 2.34 27.57
CA LYS B 84 27.70 1.10 27.84
C LYS B 84 27.00 0.26 28.87
N ILE B 85 26.41 0.91 29.87
CA ILE B 85 25.77 0.13 30.90
C ILE B 85 24.70 -0.63 30.24
N THR B 86 23.99 0.06 29.36
CA THR B 86 22.91 -0.58 28.62
C THR B 86 23.37 -1.64 27.60
N ARG B 87 24.20 -1.17 26.68
CA ARG B 87 24.73 -2.02 25.66
C ARG B 87 25.53 -3.12 26.25
N GLY B 88 26.28 -2.77 27.30
CA GLY B 88 27.18 -3.72 27.95
C GLY B 88 26.47 -4.92 28.50
N ILE B 89 25.42 -4.64 29.27
CA ILE B 89 24.64 -5.66 29.97
C ILE B 89 23.83 -6.55 29.04
N GLU B 90 23.14 -5.89 28.11
CA GLU B 90 22.29 -6.55 27.15
C GLU B 90 23.12 -7.49 26.34
N ALA B 91 24.33 -7.07 26.04
CA ALA B 91 25.22 -7.89 25.27
C ALA B 91 25.43 -9.27 25.88
N VAL B 92 25.35 -9.37 27.19
CA VAL B 92 25.54 -10.69 27.81
C VAL B 92 24.20 -11.27 28.31
N GLY B 93 23.13 -10.65 27.85
CA GLY B 93 21.81 -11.16 28.15
C GLY B 93 21.51 -11.04 29.61
N GLY B 94 22.32 -10.24 30.30
CA GLY B 94 22.15 -10.02 31.72
C GLY B 94 21.08 -9.00 31.99
N LYS B 95 20.84 -8.72 33.26
CA LYS B 95 19.84 -7.75 33.66
C LYS B 95 20.33 -6.89 34.85
N LEU B 96 19.86 -5.64 34.90
CA LEU B 96 20.19 -4.73 36.01
C LEU B 96 18.86 -4.14 36.58
N SER B 97 18.49 -4.46 37.81
CA SER B 97 17.24 -3.94 38.32
C SER B 97 17.32 -3.50 39.74
N VAL B 98 16.72 -2.37 40.04
CA VAL B 98 16.78 -1.80 41.37
C VAL B 98 15.41 -1.72 41.99
N THR B 99 15.30 -2.24 43.19
CA THR B 99 14.00 -2.30 43.79
C THR B 99 13.95 -1.77 45.18
N SER B 100 13.18 -0.73 45.37
CA SER B 100 13.03 -0.13 46.68
C SER B 100 11.79 -0.57 47.46
N THR B 101 11.88 -0.38 48.79
CA THR B 101 10.78 -0.53 49.73
C THR B 101 10.93 0.69 50.64
N ARG B 102 10.02 0.89 51.60
CA ARG B 102 10.11 2.02 52.55
C ARG B 102 11.40 1.98 53.35
N GLU B 103 12.03 0.82 53.38
CA GLU B 103 13.24 0.70 54.11
C GLU B 103 14.56 0.46 53.34
N ASN B 104 14.59 -0.43 52.38
CA ASN B 104 15.86 -0.65 51.69
C ASN B 104 15.85 -0.29 50.23
N MET B 105 17.00 -0.41 49.59
CA MET B 105 17.03 -0.33 48.14
C MET B 105 17.88 -1.51 47.77
N ALA B 106 17.53 -2.16 46.68
CA ALA B 106 18.23 -3.36 46.33
C ALA B 106 18.62 -3.35 44.90
N TYR B 107 19.91 -3.15 44.67
CA TYR B 107 20.45 -3.20 43.33
C TYR B 107 20.83 -4.67 43.06
N THR B 108 20.13 -5.29 42.13
CA THR B 108 20.30 -6.71 41.80
C THR B 108 20.59 -6.87 40.35
N VAL B 109 21.74 -7.44 40.07
CA VAL B 109 22.22 -7.66 38.72
C VAL B 109 22.23 -9.21 38.47
N GLU B 110 21.87 -9.66 37.27
CA GLU B 110 21.86 -11.12 37.04
C GLU B 110 22.35 -11.54 35.66
N CYS B 111 22.98 -12.73 35.58
CA CYS B 111 23.53 -13.24 34.31
C CYS B 111 24.07 -14.68 34.48
N LEU B 112 24.74 -15.22 33.46
CA LEU B 112 25.29 -16.57 33.55
C LEU B 112 26.62 -16.38 34.20
N ARG B 113 27.17 -17.44 34.82
CA ARG B 113 28.38 -17.32 35.68
C ARG B 113 29.60 -16.75 35.03
N ASP B 114 29.87 -17.22 33.83
CA ASP B 114 31.06 -16.80 33.09
C ASP B 114 31.10 -15.28 32.96
N ASP B 115 30.00 -14.65 33.35
CA ASP B 115 29.84 -13.23 33.15
C ASP B 115 29.67 -12.34 34.38
N VAL B 116 29.82 -12.86 35.60
CA VAL B 116 29.63 -11.99 36.76
C VAL B 116 30.62 -10.84 36.80
N ASP B 117 31.84 -11.13 36.41
CA ASP B 117 32.88 -10.13 36.38
C ASP B 117 32.45 -8.83 35.70
N ILE B 118 31.75 -8.93 34.58
CA ILE B 118 31.30 -7.72 33.94
C ILE B 118 30.06 -7.05 34.56
N LEU B 119 29.21 -7.81 35.23
CA LEU B 119 28.01 -7.21 35.85
C LEU B 119 28.33 -6.62 37.17
N MET B 120 29.29 -7.23 37.84
CA MET B 120 29.71 -6.77 39.14
C MET B 120 30.35 -5.41 38.97
N GLU B 121 30.96 -5.18 37.82
CA GLU B 121 31.58 -3.90 37.60
C GLU B 121 30.53 -2.82 37.44
N PHE B 122 29.59 -3.05 36.52
CA PHE B 122 28.51 -2.11 36.28
C PHE B 122 27.82 -1.83 37.56
N LEU B 123 27.53 -2.92 38.27
CA LEU B 123 26.86 -2.84 39.54
C LEU B 123 27.52 -1.75 40.39
N LEU B 124 28.84 -1.90 40.58
CA LEU B 124 29.61 -1.00 41.42
C LEU B 124 29.63 0.41 40.95
N ASN B 125 29.75 0.59 39.64
CA ASN B 125 29.77 1.92 39.07
C ASN B 125 28.48 2.66 39.36
N VAL B 126 27.37 1.95 39.19
CA VAL B 126 26.07 2.52 39.47
C VAL B 126 25.86 2.91 40.95
N THR B 127 26.28 2.03 41.86
CA THR B 127 26.08 2.23 43.29
C THR B 127 27.10 3.10 43.87
N THR B 128 28.30 3.11 43.29
CA THR B 128 29.35 3.92 43.88
C THR B 128 30.02 4.92 42.98
N ALA B 129 29.63 5.03 41.73
CA ALA B 129 30.25 6.08 40.94
C ALA B 129 29.30 6.91 40.12
N PRO B 130 28.07 7.16 40.58
CA PRO B 130 27.07 7.77 39.73
C PRO B 130 27.39 9.19 39.46
N GLU B 131 27.35 9.70 38.24
CA GLU B 131 27.66 11.11 38.10
C GLU B 131 26.44 12.08 38.25
N PHE B 132 25.23 11.59 37.99
CA PHE B 132 24.02 12.41 38.03
C PHE B 132 24.24 13.68 37.26
N ARG B 133 24.47 13.57 35.95
CA ARG B 133 24.72 14.78 35.18
C ARG B 133 23.43 15.53 34.94
N ARG B 134 23.48 16.82 35.12
CA ARG B 134 22.36 17.73 34.93
C ARG B 134 21.36 17.31 33.86
N TRP B 135 21.86 17.26 32.63
CA TRP B 135 21.02 16.97 31.47
C TRP B 135 20.58 15.51 31.38
N GLU B 136 21.21 14.59 32.10
CA GLU B 136 20.71 13.22 32.03
C GLU B 136 19.59 13.11 33.00
N VAL B 137 19.71 13.82 34.11
CA VAL B 137 18.70 13.71 35.14
C VAL B 137 17.45 14.47 34.73
N ALA B 138 17.64 15.62 34.04
CA ALA B 138 16.52 16.45 33.61
C ALA B 138 15.71 15.55 32.75
N ALA B 139 16.44 14.90 31.85
CA ALA B 139 15.86 13.97 30.90
C ALA B 139 15.00 12.90 31.51
N LEU B 140 15.16 12.63 32.79
CA LEU B 140 14.49 11.49 33.40
C LEU B 140 13.27 11.80 34.29
N GLN B 141 13.16 13.06 34.73
CA GLN B 141 12.09 13.44 35.62
C GLN B 141 10.75 12.93 35.13
N PRO B 142 10.42 13.20 33.87
CA PRO B 142 9.23 12.66 33.27
C PRO B 142 9.01 11.25 33.66
N GLN B 143 10.03 10.42 33.69
CA GLN B 143 9.73 9.06 34.06
C GLN B 143 9.10 8.85 35.43
N LEU B 144 9.30 9.79 36.34
CA LEU B 144 8.62 9.69 37.61
C LEU B 144 7.09 9.71 37.38
N ARG B 145 6.65 10.49 36.42
CA ARG B 145 5.24 10.61 36.15
C ARG B 145 4.71 9.35 35.52
N ILE B 146 5.36 8.91 34.45
CA ILE B 146 5.03 7.65 33.76
C ILE B 146 5.09 6.47 34.77
N ASP B 147 6.15 6.45 35.60
CA ASP B 147 6.37 5.33 36.50
C ASP B 147 5.30 5.12 37.53
N LYS B 148 4.98 6.21 38.21
CA LYS B 148 4.01 6.26 39.26
C LYS B 148 2.65 5.99 38.65
N ALA B 149 2.44 6.56 37.48
CA ALA B 149 1.18 6.39 36.79
C ALA B 149 0.90 4.90 36.65
N VAL B 150 1.88 4.20 36.10
CA VAL B 150 1.77 2.78 35.87
C VAL B 150 1.53 2.00 37.15
N ALA B 151 2.01 2.52 38.27
CA ALA B 151 1.94 1.79 39.53
C ALA B 151 0.67 2.06 40.22
N LEU B 152 0.27 3.32 40.20
CA LEU B 152 -0.92 3.73 40.89
C LEU B 152 -2.16 3.35 40.16
N GLN B 153 -2.03 2.52 39.13
CA GLN B 153 -3.24 2.09 38.52
C GLN B 153 -3.86 0.93 39.22
N ASN B 154 -3.28 0.49 40.34
CA ASN B 154 -3.94 -0.51 41.22
C ASN B 154 -4.34 0.25 42.44
N PRO B 155 -5.61 0.22 42.75
CA PRO B 155 -6.07 0.94 43.91
C PRO B 155 -5.17 0.64 45.08
N GLN B 156 -4.76 -0.59 45.28
CA GLN B 156 -3.97 -0.85 46.45
C GLN B 156 -2.74 -0.01 46.66
N ALA B 157 -2.06 0.34 45.60
CA ALA B 157 -0.93 1.22 45.73
C ALA B 157 -1.34 2.45 46.50
N HIS B 158 -2.23 3.30 45.97
CA HIS B 158 -2.63 4.50 46.71
C HIS B 158 -3.10 4.16 48.13
N VAL B 159 -3.99 3.18 48.26
CA VAL B 159 -4.48 2.91 49.59
C VAL B 159 -3.36 2.67 50.61
N ILE B 160 -2.41 1.81 50.28
CA ILE B 160 -1.35 1.49 51.18
C ILE B 160 -0.43 2.67 51.32
N GLU B 161 -0.36 3.46 50.26
CA GLU B 161 0.47 4.63 50.32
C GLU B 161 -0.18 5.62 51.26
N ASN B 162 -1.49 5.70 51.20
CA ASN B 162 -2.15 6.61 52.07
C ASN B 162 -2.18 6.07 53.47
N LEU B 163 -2.28 4.73 53.60
CA LEU B 163 -2.37 4.02 54.90
C LEU B 163 -1.21 4.42 55.71
N HIS B 164 -0.06 4.38 55.04
CA HIS B 164 1.19 4.72 55.64
C HIS B 164 1.31 6.13 55.96
N ALA B 165 0.85 6.98 55.06
CA ALA B 165 0.93 8.41 55.35
C ALA B 165 0.04 8.79 56.51
N ALA B 166 -0.96 7.96 56.73
CA ALA B 166 -1.88 8.26 57.75
C ALA B 166 -1.35 7.79 59.06
N ALA B 167 -0.83 6.57 59.05
CA ALA B 167 -0.38 5.94 60.26
C ALA B 167 0.78 6.60 60.91
N TYR B 168 1.70 7.14 60.11
CA TYR B 168 2.89 7.74 60.69
C TYR B 168 2.99 9.20 60.39
N ARG B 169 3.85 9.90 61.14
CA ARG B 169 4.09 11.30 60.86
C ARG B 169 5.53 11.44 60.43
N ASN B 170 6.22 10.34 60.50
CA ASN B 170 7.60 10.38 60.41
C ASN B 170 8.14 9.96 59.13
N ALA B 171 8.71 8.76 59.12
CA ALA B 171 9.50 8.32 58.01
C ALA B 171 8.81 7.29 57.24
N LEU B 172 8.17 6.36 57.92
CA LEU B 172 7.45 5.34 57.23
C LEU B 172 6.26 5.93 56.47
N ALA B 173 5.90 7.15 56.78
CA ALA B 173 4.81 7.75 56.08
C ALA B 173 5.21 8.21 54.71
N ASN B 174 6.50 8.45 54.49
CA ASN B 174 6.97 8.91 53.18
C ASN B 174 6.58 7.85 52.21
N SER B 175 6.19 8.29 51.01
CA SER B 175 5.68 7.41 49.94
C SER B 175 6.70 6.82 49.02
N LEU B 176 6.40 5.66 48.48
CA LEU B 176 7.30 5.05 47.52
C LEU B 176 7.45 5.79 46.25
N TYR B 177 6.50 6.62 45.90
CA TYR B 177 6.55 7.33 44.62
C TYR B 177 6.70 8.83 44.85
N CYS B 178 7.30 9.54 43.94
CA CYS B 178 7.56 10.92 44.20
C CYS B 178 6.28 11.77 44.19
N PRO B 179 6.08 12.59 45.22
CA PRO B 179 4.97 13.54 45.29
C PRO B 179 4.91 14.31 44.03
N ASP B 180 3.69 14.51 43.56
CA ASP B 180 3.47 15.14 42.28
C ASP B 180 4.11 16.45 42.26
N TYR B 181 4.08 17.18 43.36
CA TYR B 181 4.70 18.51 43.34
C TYR B 181 6.18 18.51 43.22
N ARG B 182 6.79 17.33 43.30
CA ARG B 182 8.20 17.23 43.29
C ARG B 182 8.72 16.76 42.01
N ILE B 183 7.84 16.31 41.13
CA ILE B 183 8.29 15.80 39.84
C ILE B 183 8.89 16.93 39.06
N GLY B 184 10.09 16.72 38.55
CA GLY B 184 10.73 17.75 37.79
C GLY B 184 11.49 18.65 38.72
N LYS B 185 11.54 18.33 40.00
CA LYS B 185 12.15 19.23 40.97
C LYS B 185 13.23 18.64 41.82
N VAL B 186 13.40 17.33 41.75
CA VAL B 186 14.46 16.70 42.52
C VAL B 186 15.75 16.96 41.74
N THR B 187 16.76 17.45 42.43
CA THR B 187 17.98 17.83 41.78
C THR B 187 19.09 16.81 41.83
N PRO B 188 20.03 16.95 40.92
CA PRO B 188 21.18 16.04 40.94
C PRO B 188 21.93 16.20 42.26
N VAL B 189 22.04 17.41 42.79
CA VAL B 189 22.73 17.51 44.07
C VAL B 189 22.04 16.67 45.15
N GLU B 190 20.71 16.69 45.15
CA GLU B 190 19.90 15.86 46.07
C GLU B 190 20.21 14.36 45.87
N LEU B 191 20.32 13.94 44.62
CA LEU B 191 20.71 12.56 44.33
C LEU B 191 22.13 12.33 44.91
N HIS B 192 23.06 13.21 44.56
CA HIS B 192 24.39 13.15 45.13
C HIS B 192 24.32 13.00 46.65
N ASP B 193 23.74 13.99 47.33
CA ASP B 193 23.62 13.89 48.78
C ASP B 193 22.96 12.60 49.17
N TYR B 194 21.84 12.21 48.54
CA TYR B 194 21.17 10.97 48.97
C TYR B 194 22.10 9.74 48.94
N VAL B 195 22.99 9.67 47.96
CA VAL B 195 23.91 8.54 47.90
C VAL B 195 24.97 8.55 49.00
N GLN B 196 25.64 9.69 49.17
CA GLN B 196 26.69 9.83 50.17
C GLN B 196 26.09 9.68 51.49
N ASN B 197 24.87 10.14 51.60
CA ASN B 197 24.15 9.94 52.80
C ASN B 197 23.78 8.61 53.29
N HIS B 198 23.43 7.75 52.35
CA HIS B 198 22.93 6.44 52.69
C HIS B 198 23.61 5.26 52.08
N PHE B 199 24.30 5.42 50.95
CA PHE B 199 24.93 4.25 50.32
C PHE B 199 26.34 4.11 50.87
N THR B 200 26.46 3.74 52.13
CA THR B 200 27.76 3.54 52.72
C THR B 200 27.89 2.17 53.38
N SER B 201 29.13 1.71 53.53
CA SER B 201 29.45 0.40 54.17
C SER B 201 28.55 -0.09 55.31
N ALA B 202 28.23 0.75 56.29
CA ALA B 202 27.47 0.30 57.44
C ALA B 202 25.99 0.11 57.15
N ARG B 203 25.55 0.55 55.98
CA ARG B 203 24.17 0.43 55.65
C ARG B 203 24.13 -0.44 54.43
N MET B 204 25.25 -1.02 54.07
CA MET B 204 25.25 -1.87 52.89
C MET B 204 25.39 -3.35 53.18
N ALA B 205 24.89 -4.20 52.31
CA ALA B 205 25.09 -5.64 52.41
C ALA B 205 25.30 -6.08 51.00
N LEU B 206 26.06 -7.15 50.80
CA LEU B 206 26.35 -7.61 49.42
C LEU B 206 26.12 -9.10 49.33
N ILE B 207 25.14 -9.48 48.55
CA ILE B 207 24.78 -10.88 48.48
C ILE B 207 25.17 -11.56 47.18
N GLY B 208 25.71 -12.77 47.30
CA GLY B 208 26.13 -13.47 46.11
C GLY B 208 25.55 -14.83 45.93
N LEU B 209 24.87 -14.99 44.81
CA LEU B 209 24.38 -16.29 44.45
C LEU B 209 25.13 -16.68 43.23
N GLY B 210 25.85 -17.79 43.30
CA GLY B 210 26.59 -18.24 42.16
C GLY B 210 27.94 -17.61 42.11
N VAL B 211 28.32 -16.89 43.16
CA VAL B 211 29.71 -16.44 43.25
C VAL B 211 30.33 -17.01 44.50
N SER B 212 31.63 -16.85 44.61
CA SER B 212 32.36 -17.42 45.73
C SER B 212 32.80 -16.37 46.74
N HIS B 213 32.77 -16.75 48.01
CA HIS B 213 32.99 -15.83 49.12
C HIS B 213 34.24 -14.97 49.07
N PRO B 214 35.35 -15.53 48.61
CA PRO B 214 36.58 -14.76 48.47
C PRO B 214 36.43 -13.68 47.47
N VAL B 215 35.58 -13.85 46.46
CA VAL B 215 35.44 -12.78 45.47
C VAL B 215 34.63 -11.62 46.01
N LEU B 216 33.40 -11.94 46.47
CA LEU B 216 32.55 -10.94 47.05
C LEU B 216 33.37 -10.15 48.06
N LYS B 217 34.05 -10.88 48.98
CA LYS B 217 34.87 -10.25 50.01
C LYS B 217 35.86 -9.28 49.42
N GLN B 218 36.58 -9.74 48.41
CA GLN B 218 37.56 -8.89 47.76
C GLN B 218 36.81 -7.71 47.15
N VAL B 219 35.71 -7.98 46.45
CA VAL B 219 35.00 -6.88 45.81
C VAL B 219 34.64 -5.92 46.90
N ALA B 220 34.12 -6.45 47.99
CA ALA B 220 33.67 -5.62 49.11
C ALA B 220 34.79 -4.77 49.64
N GLU B 221 35.87 -5.43 50.03
CA GLU B 221 36.99 -4.74 50.62
C GLU B 221 37.69 -3.78 49.64
N GLN B 222 37.71 -4.12 48.35
CA GLN B 222 38.32 -3.25 47.38
C GLN B 222 37.38 -2.12 47.08
N PHE B 223 36.16 -2.48 46.70
CA PHE B 223 35.18 -1.49 46.21
C PHE B 223 34.07 -0.91 47.07
N LEU B 224 33.73 -1.53 48.20
CA LEU B 224 32.63 -1.05 49.04
C LEU B 224 32.99 -0.50 50.41
N ASN B 225 34.21 0.02 50.55
CA ASN B 225 34.57 0.66 51.80
C ASN B 225 34.26 2.12 51.70
N ILE B 226 33.01 2.44 51.95
CA ILE B 226 32.52 3.80 51.83
C ILE B 226 31.97 4.14 53.17
N ARG B 227 32.35 5.27 53.74
CA ARG B 227 31.73 5.64 54.98
C ARG B 227 31.87 7.04 55.36
N GLY B 228 30.71 7.67 55.53
CA GLY B 228 30.61 9.06 55.98
C GLY B 228 29.20 9.60 55.78
N GLY B 229 28.21 8.69 55.84
CA GLY B 229 26.80 9.06 55.75
C GLY B 229 26.23 9.17 57.16
N LEU B 230 25.00 8.72 57.34
CA LEU B 230 24.41 8.73 58.67
C LEU B 230 24.68 7.34 59.37
N GLY B 231 24.05 7.06 60.52
CA GLY B 231 24.34 5.78 61.18
C GLY B 231 23.25 4.72 61.45
N LEU B 232 22.12 5.17 61.95
CA LEU B 232 21.06 4.27 62.33
C LEU B 232 20.02 3.88 61.23
N SER B 233 19.22 2.84 61.55
CA SER B 233 18.08 2.42 60.71
C SER B 233 16.85 3.26 61.16
N GLY B 234 17.08 4.57 61.36
CA GLY B 234 16.02 5.49 61.68
C GLY B 234 16.09 6.92 62.23
N ALA B 235 14.95 7.58 62.02
CA ALA B 235 14.60 8.84 62.60
C ALA B 235 13.69 8.31 63.72
N LYS B 236 13.29 7.04 63.54
CA LYS B 236 12.39 6.32 64.44
C LYS B 236 11.03 6.85 64.17
N ALA B 237 10.22 5.99 63.57
CA ALA B 237 8.91 6.37 63.13
C ALA B 237 8.04 6.66 64.29
N LYS B 238 7.42 7.81 64.28
CA LYS B 238 6.46 8.04 65.34
C LYS B 238 5.11 7.51 64.78
N TYR B 239 4.48 6.57 65.48
CA TYR B 239 3.15 6.18 65.07
C TYR B 239 2.23 7.28 65.57
N HIS B 240 1.06 7.36 64.97
CA HIS B 240 0.21 8.46 65.26
C HIS B 240 -1.24 8.00 65.15
N GLY B 241 -1.65 7.50 63.99
CA GLY B 241 -3.02 7.11 63.80
C GLY B 241 -3.67 8.11 62.88
N GLY B 242 -4.95 8.00 62.61
CA GLY B 242 -5.61 8.93 61.68
C GLY B 242 -6.13 8.17 60.48
N GLU B 243 -6.77 8.85 59.54
CA GLU B 243 -7.27 8.12 58.41
C GLU B 243 -7.41 8.95 57.19
N ILE B 244 -7.15 8.37 56.01
CA ILE B 244 -7.24 9.16 54.77
C ILE B 244 -8.28 8.60 53.81
N ARG B 245 -9.09 9.47 53.24
CA ARG B 245 -10.18 9.03 52.43
C ARG B 245 -10.19 9.64 51.05
N GLU B 246 -10.27 8.79 50.02
CA GLU B 246 -10.29 9.27 48.65
C GLU B 246 -11.61 8.99 47.90
N GLN B 247 -12.35 10.07 47.60
CA GLN B 247 -13.57 10.04 46.81
C GLN B 247 -13.19 9.81 45.38
N ASN B 248 -13.86 8.86 44.78
CA ASN B 248 -13.33 8.28 43.58
C ASN B 248 -14.34 7.93 42.55
N GLY B 249 -15.27 7.06 42.94
CA GLY B 249 -16.17 6.43 41.98
C GLY B 249 -15.34 5.32 41.26
N ASP B 250 -15.16 4.18 41.94
CA ASP B 250 -14.50 3.01 41.37
C ASP B 250 -15.38 1.79 41.56
N SER B 251 -16.63 2.07 41.93
CA SER B 251 -17.68 1.07 42.12
C SER B 251 -17.39 0.13 43.22
N LEU B 252 -16.10 -0.19 43.38
CA LEU B 252 -15.61 -1.02 44.44
C LEU B 252 -14.90 -0.12 45.38
N VAL B 253 -15.12 -0.24 46.69
CA VAL B 253 -14.43 0.60 47.65
C VAL B 253 -13.29 -0.20 48.19
N HIS B 254 -12.09 0.34 48.14
CA HIS B 254 -10.95 -0.32 48.70
C HIS B 254 -10.75 0.35 50.03
N ALA B 255 -10.47 -0.44 51.06
CA ALA B 255 -10.27 0.14 52.38
C ALA B 255 -9.34 -0.70 53.12
N ALA B 256 -8.49 -0.05 53.92
CA ALA B 256 -7.63 -0.78 54.85
C ALA B 256 -7.71 -0.09 56.22
N LEU B 257 -7.87 -0.91 57.26
CA LEU B 257 -8.00 -0.44 58.63
C LEU B 257 -6.90 -1.13 59.34
N VAL B 258 -6.19 -0.47 60.26
CA VAL B 258 -4.96 -1.07 60.87
C VAL B 258 -4.46 -0.43 62.18
N ALA B 259 -3.69 -1.19 62.96
CA ALA B 259 -3.08 -0.65 64.22
C ALA B 259 -1.63 -0.97 64.23
N GLU B 260 -0.87 -0.25 65.05
CA GLU B 260 0.60 -0.48 65.19
C GLU B 260 0.86 -1.88 65.76
N SER B 261 1.76 -2.66 65.17
CA SER B 261 1.96 -4.08 65.58
C SER B 261 3.28 -4.33 66.27
N ALA B 262 4.14 -5.12 65.67
CA ALA B 262 5.45 -5.41 66.28
C ALA B 262 6.50 -5.25 65.28
N ALA B 263 7.68 -4.78 65.72
CA ALA B 263 8.80 -4.61 64.80
C ALA B 263 9.37 -5.91 64.28
N ILE B 264 9.94 -5.82 63.10
CA ILE B 264 10.40 -7.04 62.45
C ILE B 264 11.55 -7.70 63.20
N GLY B 265 11.60 -9.02 63.12
CA GLY B 265 12.64 -9.72 63.86
C GLY B 265 12.07 -10.20 65.17
N SER B 266 11.79 -9.26 66.09
CA SER B 266 11.09 -9.57 67.37
C SER B 266 10.06 -10.78 67.42
N ALA B 267 9.88 -11.35 68.60
CA ALA B 267 9.00 -12.51 68.76
C ALA B 267 7.56 -12.13 68.49
N GLU B 268 7.11 -11.02 69.07
CA GLU B 268 5.75 -10.55 68.87
C GLU B 268 5.38 -10.50 67.39
N ALA B 269 6.33 -10.12 66.59
CA ALA B 269 6.04 -9.99 65.19
C ALA B 269 5.87 -11.31 64.46
N ASN B 270 6.03 -12.43 65.17
CA ASN B 270 5.73 -13.75 64.60
C ASN B 270 4.42 -14.17 65.17
N ALA B 271 4.00 -13.51 66.25
CA ALA B 271 2.71 -13.84 66.76
C ALA B 271 1.78 -13.23 65.73
N PHE B 272 2.13 -12.03 65.28
CA PHE B 272 1.34 -11.35 64.31
C PHE B 272 1.42 -12.07 63.00
N SER B 273 2.61 -12.51 62.63
CA SER B 273 2.71 -13.21 61.35
C SER B 273 1.80 -14.48 61.35
N VAL B 274 1.72 -15.14 62.49
CA VAL B 274 0.83 -16.25 62.63
C VAL B 274 -0.61 -15.79 62.53
N LEU B 275 -0.96 -14.68 63.19
CA LEU B 275 -2.34 -14.15 63.14
C LEU B 275 -2.83 -13.96 61.71
N GLN B 276 -2.11 -13.19 60.93
CA GLN B 276 -2.48 -12.98 59.55
C GLN B 276 -2.97 -14.30 58.96
N HIS B 277 -2.24 -15.37 59.19
CA HIS B 277 -2.68 -16.63 58.64
C HIS B 277 -3.89 -17.25 59.31
N VAL B 278 -4.23 -16.83 60.51
CA VAL B 278 -5.44 -17.32 61.13
C VAL B 278 -6.56 -16.54 60.43
N LEU B 279 -6.58 -15.22 60.62
CA LEU B 279 -7.54 -14.35 59.92
C LEU B 279 -7.58 -14.59 58.39
N GLY B 280 -6.43 -14.90 57.80
CA GLY B 280 -6.39 -15.21 56.37
C GLY B 280 -5.67 -14.22 55.47
N ALA B 281 -4.80 -14.74 54.59
CA ALA B 281 -4.08 -13.93 53.61
C ALA B 281 -4.61 -14.34 52.29
N GLY B 282 -3.74 -14.67 51.35
CA GLY B 282 -4.21 -15.02 50.00
C GLY B 282 -4.98 -16.33 49.83
N PRO B 283 -5.49 -16.61 48.63
CA PRO B 283 -6.19 -17.86 48.37
C PRO B 283 -5.21 -18.99 48.11
N HIS B 284 -5.60 -20.23 48.29
CA HIS B 284 -4.64 -21.29 48.06
C HIS B 284 -5.11 -22.23 46.96
N VAL B 285 -6.36 -22.06 46.53
CA VAL B 285 -6.95 -22.93 45.52
C VAL B 285 -7.67 -22.10 44.48
N LYS B 286 -7.32 -22.23 43.20
CA LYS B 286 -7.93 -21.39 42.18
C LYS B 286 -9.40 -21.36 42.32
N ARG B 287 -9.94 -20.18 42.66
CA ARG B 287 -11.37 -19.95 42.88
C ARG B 287 -11.92 -20.84 44.05
N GLY B 288 -11.69 -20.38 45.27
CA GLY B 288 -12.13 -21.15 46.42
C GLY B 288 -12.96 -20.33 47.38
N SER B 289 -13.68 -21.03 48.24
CA SER B 289 -14.52 -20.40 49.23
C SER B 289 -13.65 -19.81 50.31
N ASN B 290 -12.45 -20.36 50.41
CA ASN B 290 -11.45 -19.98 51.39
C ASN B 290 -11.93 -20.47 52.71
N ALA B 291 -12.36 -21.72 52.71
CA ALA B 291 -12.88 -22.36 53.88
C ALA B 291 -12.07 -22.01 55.14
N THR B 292 -10.75 -22.23 55.11
CA THR B 292 -9.93 -21.91 56.27
C THR B 292 -9.68 -20.43 56.48
N SER B 293 -10.60 -19.59 56.04
CA SER B 293 -10.39 -18.18 56.23
C SER B 293 -11.36 -17.48 57.15
N SER B 294 -10.95 -17.31 58.42
CA SER B 294 -11.74 -16.60 59.41
C SER B 294 -12.43 -15.36 58.87
N LEU B 295 -11.72 -14.48 58.15
CA LEU B 295 -12.34 -13.28 57.66
C LEU B 295 -13.35 -13.52 56.56
N TYR B 296 -12.95 -14.26 55.54
CA TYR B 296 -13.83 -14.45 54.39
C TYR B 296 -15.09 -15.14 54.72
N GLN B 297 -15.07 -16.02 55.73
CA GLN B 297 -16.29 -16.73 56.08
C GLN B 297 -17.10 -15.80 56.91
N ALA B 298 -16.42 -15.03 57.74
CA ALA B 298 -17.14 -14.12 58.60
C ALA B 298 -17.82 -13.03 57.82
N VAL B 299 -17.38 -12.83 56.58
CA VAL B 299 -17.99 -11.77 55.78
C VAL B 299 -19.20 -12.22 54.98
N ALA B 300 -19.05 -13.37 54.30
CA ALA B 300 -20.09 -13.95 53.47
C ALA B 300 -21.36 -14.12 54.27
N LYS B 301 -21.19 -14.67 55.47
CA LYS B 301 -22.28 -14.84 56.41
C LYS B 301 -23.22 -13.62 56.34
N GLY B 302 -22.65 -12.42 56.55
CA GLY B 302 -23.43 -11.19 56.51
C GLY B 302 -23.52 -10.41 55.19
N VAL B 303 -22.63 -10.73 54.25
CA VAL B 303 -22.57 -10.03 52.97
C VAL B 303 -22.78 -10.98 51.82
N HIS B 304 -23.70 -10.65 50.93
CA HIS B 304 -24.01 -11.55 49.84
C HIS B 304 -23.53 -11.14 48.47
N GLN B 305 -22.22 -11.26 48.21
CA GLN B 305 -21.67 -11.02 46.87
C GLN B 305 -20.22 -10.47 46.75
N PRO B 306 -19.90 -9.78 45.64
CA PRO B 306 -18.52 -9.44 45.33
C PRO B 306 -17.80 -8.78 46.48
N PHE B 307 -16.77 -9.43 46.98
CA PHE B 307 -15.97 -8.85 48.01
C PHE B 307 -14.71 -9.69 48.22
N ASP B 308 -13.66 -9.04 48.65
CA ASP B 308 -12.51 -9.78 49.05
C ASP B 308 -12.04 -9.10 50.30
N VAL B 309 -11.37 -9.87 51.15
CA VAL B 309 -10.72 -9.33 52.32
C VAL B 309 -9.60 -10.22 52.74
N SER B 310 -8.59 -9.57 53.29
CA SER B 310 -7.44 -10.26 53.78
C SER B 310 -6.82 -9.50 54.92
N ALA B 311 -6.21 -10.23 55.84
CA ALA B 311 -5.50 -9.60 56.89
C ALA B 311 -4.28 -8.88 56.29
N PHE B 312 -3.98 -7.66 56.75
CA PHE B 312 -2.79 -6.92 56.27
C PHE B 312 -1.66 -6.91 57.28
N ASN B 313 -0.44 -7.15 56.80
CA ASN B 313 0.72 -7.21 57.71
C ASN B 313 2.03 -6.68 57.24
N ALA B 314 2.30 -5.42 57.55
CA ALA B 314 3.60 -4.86 57.25
C ALA B 314 4.42 -4.86 58.51
N SER B 315 5.71 -5.12 58.40
CA SER B 315 6.56 -4.91 59.53
C SER B 315 7.86 -4.33 59.15
N TYR B 316 8.15 -3.20 59.75
CA TYR B 316 9.39 -2.53 59.49
C TYR B 316 10.44 -2.73 60.61
N SER B 317 11.59 -2.08 60.43
CA SER B 317 12.69 -2.18 61.36
C SER B 317 12.28 -1.72 62.76
N ASP B 318 11.46 -0.70 62.84
CA ASP B 318 11.13 -0.22 64.14
C ASP B 318 9.69 0.09 64.37
N SER B 319 8.82 -0.64 63.68
CA SER B 319 7.37 -0.54 63.87
C SER B 319 6.73 -1.55 62.98
N GLY B 320 5.45 -1.36 62.75
CA GLY B 320 4.71 -2.23 61.88
C GLY B 320 3.24 -1.95 62.02
N LEU B 321 2.49 -2.23 60.97
CA LEU B 321 1.06 -2.05 60.95
C LEU B 321 0.41 -3.42 60.78
N PHE B 322 -0.73 -3.66 61.41
CA PHE B 322 -1.50 -4.91 61.21
C PHE B 322 -2.99 -4.60 61.14
N GLY B 323 -3.72 -5.51 60.47
CA GLY B 323 -5.16 -5.39 60.31
C GLY B 323 -5.58 -6.13 59.09
N PHE B 324 -6.52 -5.56 58.36
CA PHE B 324 -7.04 -6.20 57.17
C PHE B 324 -7.41 -5.21 56.10
N TYR B 325 -7.48 -5.71 54.87
CA TYR B 325 -7.74 -4.89 53.69
C TYR B 325 -8.96 -5.46 53.01
N THR B 326 -9.95 -4.60 52.74
CA THR B 326 -11.23 -5.06 52.16
C THR B 326 -11.56 -4.39 50.86
N ILE B 327 -12.26 -5.11 49.99
CA ILE B 327 -12.68 -4.55 48.72
C ILE B 327 -14.09 -4.94 48.57
N SER B 328 -14.99 -3.99 48.45
CA SER B 328 -16.38 -4.37 48.24
C SER B 328 -17.10 -3.28 47.50
N GLN B 329 -18.37 -3.56 47.13
CA GLN B 329 -19.20 -2.56 46.46
C GLN B 329 -19.36 -1.39 47.39
N ALA B 330 -19.47 -0.22 46.81
CA ALA B 330 -19.57 1.00 47.56
C ALA B 330 -20.51 1.05 48.72
N ALA B 331 -21.58 0.26 48.70
CA ALA B 331 -22.57 0.22 49.80
C ALA B 331 -22.37 -0.89 50.83
N SER B 332 -21.70 -1.97 50.48
CA SER B 332 -21.48 -2.97 51.49
C SER B 332 -20.21 -2.62 52.28
N ALA B 333 -19.38 -1.73 51.72
CA ALA B 333 -18.12 -1.35 52.39
C ALA B 333 -18.19 -1.48 53.92
N GLY B 334 -19.07 -0.67 54.53
CA GLY B 334 -19.33 -0.68 55.96
C GLY B 334 -19.60 -2.06 56.54
N ASP B 335 -20.56 -2.76 55.95
CA ASP B 335 -20.87 -4.10 56.43
C ASP B 335 -19.62 -4.97 56.37
N VAL B 336 -18.93 -4.98 55.23
CA VAL B 336 -17.69 -5.76 55.10
C VAL B 336 -16.61 -5.34 56.15
N ILE B 337 -16.36 -4.04 56.31
CA ILE B 337 -15.40 -3.59 57.30
C ILE B 337 -15.88 -3.99 58.69
N LYS B 338 -17.13 -3.74 58.99
CA LYS B 338 -17.64 -4.09 60.33
C LYS B 338 -17.68 -5.58 60.66
N ALA B 339 -17.88 -6.41 59.66
CA ALA B 339 -17.88 -7.83 59.90
C ALA B 339 -16.47 -8.25 60.07
N ALA B 340 -15.61 -7.77 59.17
CA ALA B 340 -14.16 -8.09 59.21
C ALA B 340 -13.56 -7.76 60.54
N TYR B 341 -13.85 -6.55 61.00
CA TYR B 341 -13.36 -6.08 62.28
C TYR B 341 -13.77 -7.00 63.43
N ASN B 342 -15.07 -7.29 63.55
CA ASN B 342 -15.53 -8.12 64.67
C ASN B 342 -14.84 -9.47 64.76
N GLN B 343 -14.48 -10.01 63.62
CA GLN B 343 -13.87 -11.31 63.55
C GLN B 343 -12.54 -11.31 64.28
N VAL B 344 -11.74 -10.28 64.04
CA VAL B 344 -10.49 -10.13 64.75
C VAL B 344 -10.83 -9.97 66.23
N LYS B 345 -11.74 -9.03 66.50
CA LYS B 345 -12.23 -8.70 67.83
C LYS B 345 -12.63 -9.97 68.59
N THR B 346 -13.10 -10.95 67.83
CA THR B 346 -13.53 -12.20 68.41
C THR B 346 -12.36 -13.12 68.73
N ILE B 347 -11.19 -12.89 68.14
CA ILE B 347 -10.03 -13.70 68.49
C ILE B 347 -9.37 -13.08 69.71
N ALA B 348 -9.44 -11.75 69.76
CA ALA B 348 -8.97 -10.98 70.90
C ALA B 348 -9.76 -11.45 72.10
N GLN B 349 -10.98 -11.91 71.87
CA GLN B 349 -11.80 -12.35 72.97
C GLN B 349 -11.46 -13.75 73.50
N GLY B 350 -10.52 -14.43 72.84
CA GLY B 350 -10.06 -15.73 73.29
C GLY B 350 -10.64 -16.90 72.52
N ASN B 351 -11.60 -16.60 71.67
CA ASN B 351 -12.26 -17.61 70.88
C ASN B 351 -11.38 -18.12 69.71
N LEU B 352 -10.17 -18.54 70.05
CA LEU B 352 -9.24 -19.03 69.07
C LEU B 352 -9.07 -20.49 69.32
N SER B 353 -9.10 -21.29 68.26
CA SER B 353 -9.03 -22.73 68.38
C SER B 353 -7.68 -23.20 68.86
N ASN B 354 -7.13 -24.17 68.18
CA ASN B 354 -5.79 -24.64 68.49
C ASN B 354 -5.32 -25.33 67.26
N PRO B 355 -6.11 -26.30 66.76
CA PRO B 355 -5.83 -26.87 65.45
C PRO B 355 -5.90 -25.74 64.42
N ASP B 356 -6.57 -24.64 64.76
CA ASP B 356 -6.61 -23.46 63.91
C ASP B 356 -5.25 -22.80 63.93
N VAL B 357 -4.77 -22.34 65.09
CA VAL B 357 -3.43 -21.72 65.14
C VAL B 357 -2.44 -22.67 64.51
N GLN B 358 -2.69 -23.96 64.72
CA GLN B 358 -1.88 -25.01 64.11
C GLN B 358 -1.95 -24.89 62.58
N ALA B 359 -3.15 -24.83 62.04
CA ALA B 359 -3.28 -24.68 60.60
C ALA B 359 -2.51 -23.45 60.13
N ALA B 360 -2.71 -22.31 60.80
CA ALA B 360 -2.01 -21.07 60.46
C ALA B 360 -0.52 -21.34 60.40
N LYS B 361 0.00 -21.87 61.50
CA LYS B 361 1.41 -22.17 61.54
C LYS B 361 1.85 -22.89 60.31
N ASN B 362 1.10 -23.88 59.87
CA ASN B 362 1.49 -24.63 58.68
C ASN B 362 1.53 -23.77 57.42
N LYS B 363 0.47 -22.97 57.18
CA LYS B 363 0.44 -22.13 55.98
C LYS B 363 1.66 -21.24 55.97
N LEU B 364 1.88 -20.55 57.10
CA LEU B 364 3.03 -19.64 57.26
C LEU B 364 4.38 -20.25 56.83
N LYS B 365 4.74 -21.34 57.48
CA LYS B 365 5.97 -21.99 57.20
C LYS B 365 6.05 -22.42 55.77
N ALA B 366 5.10 -23.25 55.35
CA ALA B 366 5.11 -23.78 53.99
C ALA B 366 5.26 -22.63 53.07
N GLY B 367 4.63 -21.55 53.44
CA GLY B 367 4.68 -20.36 52.63
C GLY B 367 6.04 -19.81 52.55
N TYR B 368 6.71 -19.78 53.70
CA TYR B 368 8.04 -19.23 53.79
C TYR B 368 8.94 -20.12 53.01
N LEU B 369 9.01 -21.39 53.37
CA LEU B 369 9.84 -22.29 52.59
C LEU B 369 9.61 -21.98 51.13
N MET B 370 8.36 -22.08 50.71
CA MET B 370 7.97 -21.75 49.36
C MET B 370 8.53 -20.41 48.88
N SER B 371 8.57 -19.43 49.78
CA SER B 371 8.99 -18.12 49.39
C SER B 371 10.38 -18.04 48.89
N VAL B 372 11.23 -18.98 49.28
CA VAL B 372 12.60 -18.98 48.80
C VAL B 372 13.04 -20.14 47.92
N GLU B 373 12.07 -20.84 47.34
CA GLU B 373 12.35 -21.93 46.46
C GLU B 373 13.29 -21.39 45.43
N SER B 374 12.95 -20.22 44.90
CA SER B 374 13.74 -19.65 43.79
C SER B 374 14.90 -18.83 44.23
N SER B 375 15.78 -18.59 43.29
CA SER B 375 16.94 -17.79 43.58
C SER B 375 16.53 -16.36 43.87
N GLU B 376 15.97 -15.71 42.87
CA GLU B 376 15.57 -14.34 43.00
C GLU B 376 14.87 -14.13 44.34
N GLY B 377 14.23 -15.18 44.82
CA GLY B 377 13.53 -15.10 46.09
C GLY B 377 14.42 -15.24 47.32
N PHE B 378 15.31 -16.23 47.25
CA PHE B 378 16.27 -16.50 48.30
C PHE B 378 17.21 -15.33 48.46
N LEU B 379 17.77 -14.82 47.35
CA LEU B 379 18.68 -13.69 47.41
C LEU B 379 18.04 -12.48 48.08
N ASP B 380 16.77 -12.28 47.85
CA ASP B 380 16.09 -11.18 48.51
C ASP B 380 15.93 -11.42 50.01
N GLU B 381 15.70 -12.67 50.40
CA GLU B 381 15.55 -13.02 51.80
C GLU B 381 16.85 -12.77 52.53
N VAL B 382 17.93 -13.33 51.99
CA VAL B 382 19.21 -13.14 52.59
C VAL B 382 19.59 -11.69 52.61
N GLY B 383 19.40 -10.99 51.52
CA GLY B 383 19.72 -9.59 51.49
C GLY B 383 19.06 -8.80 52.60
N SER B 384 17.78 -9.03 52.86
CA SER B 384 17.03 -8.20 53.81
C SER B 384 17.38 -8.56 55.17
N GLN B 385 17.68 -9.84 55.36
CA GLN B 385 18.04 -10.36 56.66
C GLN B 385 19.30 -9.65 57.05
N ALA B 386 20.28 -9.71 56.17
CA ALA B 386 21.52 -9.03 56.38
C ALA B 386 21.30 -7.64 56.97
N LEU B 387 20.37 -6.89 56.42
CA LEU B 387 20.16 -5.55 56.87
C LEU B 387 19.27 -5.44 58.10
N ALA B 388 18.44 -6.41 58.31
CA ALA B 388 17.52 -6.27 59.43
C ALA B 388 18.11 -6.87 60.65
N ALA B 389 18.94 -7.89 60.44
CA ALA B 389 19.51 -8.64 61.53
C ALA B 389 21.00 -8.72 61.64
N GLY B 390 21.73 -8.65 60.52
CA GLY B 390 23.17 -8.80 60.56
C GLY B 390 23.43 -10.25 60.83
N SER B 391 22.56 -11.10 60.27
CA SER B 391 22.61 -12.55 60.46
C SER B 391 22.13 -13.20 59.21
N TYR B 392 22.13 -14.53 59.24
CA TYR B 392 21.46 -15.30 58.19
C TYR B 392 20.84 -16.39 58.96
N THR B 393 19.54 -16.36 59.06
CA THR B 393 18.84 -17.31 59.88
C THR B 393 18.26 -18.37 59.03
N PRO B 394 18.76 -19.59 59.14
CA PRO B 394 18.32 -20.71 58.31
C PRO B 394 16.85 -21.05 58.50
N PRO B 395 16.25 -21.65 57.47
CA PRO B 395 14.86 -22.06 57.52
C PRO B 395 14.56 -22.89 58.75
N SER B 396 15.41 -23.88 59.04
CA SER B 396 15.21 -24.78 60.18
C SER B 396 14.87 -24.02 61.40
N THR B 397 15.59 -22.93 61.63
CA THR B 397 15.32 -22.16 62.80
C THR B 397 14.16 -21.18 62.63
N VAL B 398 13.96 -20.66 61.42
CA VAL B 398 12.81 -19.77 61.21
C VAL B 398 11.56 -20.61 61.54
N LEU B 399 11.54 -21.83 61.02
CA LEU B 399 10.43 -22.74 61.28
C LEU B 399 10.36 -22.99 62.77
N GLN B 400 11.49 -23.31 63.38
CA GLN B 400 11.56 -23.50 64.82
C GLN B 400 11.02 -22.22 65.51
N GLN B 401 11.26 -21.09 64.89
CA GLN B 401 10.76 -19.86 65.46
C GLN B 401 9.23 -19.73 65.38
N ILE B 402 8.69 -19.96 64.18
CA ILE B 402 7.25 -19.90 63.96
C ILE B 402 6.55 -20.85 64.94
N ASP B 403 7.19 -21.97 65.21
CA ASP B 403 6.65 -22.94 66.13
C ASP B 403 6.50 -22.37 67.53
N ALA B 404 7.40 -21.51 67.94
CA ALA B 404 7.32 -21.02 69.29
C ALA B 404 6.19 -20.08 69.56
N VAL B 405 5.43 -19.74 68.54
CA VAL B 405 4.27 -18.92 68.77
C VAL B 405 3.21 -19.67 69.61
N ALA B 406 2.91 -19.17 70.80
CA ALA B 406 1.92 -19.80 71.67
C ALA B 406 0.53 -19.37 71.20
N ASP B 407 -0.51 -20.17 71.45
CA ASP B 407 -1.86 -19.73 71.05
C ASP B 407 -2.18 -18.41 71.73
N ALA B 408 -1.68 -18.25 72.94
CA ALA B 408 -1.94 -17.05 73.68
C ALA B 408 -1.25 -15.91 73.03
N ASP B 409 -0.08 -16.17 72.46
CA ASP B 409 0.64 -15.11 71.77
C ASP B 409 -0.23 -14.46 70.67
N VAL B 410 -0.88 -15.32 69.87
CA VAL B 410 -1.71 -14.89 68.78
C VAL B 410 -2.84 -14.09 69.34
N ILE B 411 -3.56 -14.67 70.30
CA ILE B 411 -4.65 -13.96 70.89
C ILE B 411 -4.21 -12.57 71.24
N ASN B 412 -3.14 -12.49 72.02
CA ASN B 412 -2.59 -11.21 72.44
C ASN B 412 -2.34 -10.20 71.31
N ALA B 413 -1.83 -10.73 70.18
CA ALA B 413 -1.55 -9.93 69.00
C ALA B 413 -2.88 -9.35 68.63
N ALA B 414 -3.88 -10.21 68.46
CA ALA B 414 -5.20 -9.70 68.12
C ALA B 414 -5.71 -8.71 69.16
N LYS B 415 -5.57 -9.08 70.42
CA LYS B 415 -5.96 -8.16 71.47
C LYS B 415 -5.35 -6.80 71.19
N LYS B 416 -4.08 -6.79 70.75
CA LYS B 416 -3.37 -5.55 70.52
C LYS B 416 -3.93 -4.76 69.39
N PHE B 417 -4.43 -5.47 68.37
CA PHE B 417 -4.94 -4.82 67.20
C PHE B 417 -6.18 -4.14 67.57
N VAL B 418 -7.02 -4.90 68.26
CA VAL B 418 -8.34 -4.46 68.63
C VAL B 418 -8.37 -3.27 69.54
N SER B 419 -7.33 -3.16 70.36
CA SER B 419 -7.33 -2.13 71.39
C SER B 419 -6.50 -0.94 71.15
N GLY B 420 -5.79 -0.89 70.04
CA GLY B 420 -4.84 0.20 69.85
C GLY B 420 -5.18 1.25 68.83
N ARG B 421 -4.63 2.46 68.96
CA ARG B 421 -5.00 3.54 68.08
C ARG B 421 -4.93 3.06 66.67
N LYS B 422 -5.95 3.42 65.87
CA LYS B 422 -6.07 2.90 64.50
C LYS B 422 -5.76 3.82 63.34
N SER B 423 -5.71 3.22 62.14
CA SER B 423 -5.40 3.95 60.92
C SER B 423 -6.16 3.42 59.72
N MET B 424 -6.93 4.26 59.01
CA MET B 424 -7.74 3.74 57.91
C MET B 424 -7.43 4.52 56.73
N ALA B 425 -7.37 3.84 55.59
CA ALA B 425 -7.24 4.53 54.32
C ALA B 425 -8.23 3.77 53.45
N ALA B 426 -8.95 4.53 52.63
CA ALA B 426 -9.99 3.98 51.80
C ALA B 426 -10.23 4.88 50.63
N SER B 427 -10.60 4.31 49.49
CA SER B 427 -10.83 5.12 48.30
C SER B 427 -11.91 4.53 47.47
N GLY B 428 -12.79 5.36 46.94
CA GLY B 428 -13.88 4.87 46.13
C GLY B 428 -15.06 5.76 46.36
N ASN B 429 -16.26 5.21 46.28
CA ASN B 429 -17.42 5.99 46.65
C ASN B 429 -17.54 5.72 48.12
N LEU B 430 -17.03 6.65 48.91
CA LEU B 430 -16.97 6.46 50.34
C LEU B 430 -18.25 6.61 51.13
N GLY B 431 -19.34 6.99 50.45
CA GLY B 431 -20.61 7.26 51.09
C GLY B 431 -21.20 6.26 52.06
N HIS B 432 -20.61 5.09 52.20
CA HIS B 432 -21.13 4.07 53.10
C HIS B 432 -19.98 3.36 53.75
N THR B 433 -18.78 3.85 53.45
CA THR B 433 -17.54 3.41 54.09
C THR B 433 -17.47 4.09 55.45
N PRO B 434 -17.37 3.36 56.55
CA PRO B 434 -17.41 3.95 57.89
C PRO B 434 -16.21 4.86 58.18
N PHE B 435 -16.23 5.50 59.34
CA PHE B 435 -15.22 6.49 59.65
C PHE B 435 -14.11 6.22 60.64
N ILE B 436 -14.19 5.17 61.48
CA ILE B 436 -13.12 4.77 62.49
C ILE B 436 -13.71 5.09 63.78
N ASP B 437 -14.13 6.32 63.81
CA ASP B 437 -14.96 6.97 64.74
C ASP B 437 -16.04 6.01 64.90
N GLU B 438 -16.65 5.72 63.77
CA GLU B 438 -17.80 4.90 63.68
C GLU B 438 -17.54 3.46 63.79
N LEU B 439 -16.30 3.04 63.63
CA LEU B 439 -15.99 1.61 63.71
C LEU B 439 -16.38 0.90 65.02
N THR C 2 11.67 8.99 12.15
CA THR C 2 11.51 7.53 11.76
C THR C 2 11.74 7.42 10.23
N ASN C 3 10.84 6.71 9.54
CA ASN C 3 10.75 6.52 8.05
C ASN C 3 11.68 7.26 7.04
N ILE C 4 11.15 7.62 5.87
CA ILE C 4 11.91 8.41 4.85
C ILE C 4 10.92 9.08 3.91
N ARG C 5 9.96 8.28 3.47
CA ARG C 5 8.95 8.70 2.54
C ARG C 5 8.06 9.78 3.14
N LYS C 6 7.94 9.78 4.47
CA LYS C 6 7.01 10.70 5.14
C LYS C 6 7.54 12.05 5.58
N SER C 7 8.86 12.22 5.53
CA SER C 7 9.51 13.44 6.05
C SER C 7 10.41 14.22 5.08
N HIS C 8 10.90 13.54 4.05
CA HIS C 8 11.73 14.21 3.06
C HIS C 8 10.82 15.22 2.32
N PRO C 9 11.17 16.50 2.42
CA PRO C 9 10.40 17.62 1.84
C PRO C 9 9.72 17.39 0.51
N LEU C 10 10.42 16.73 -0.39
CA LEU C 10 9.83 16.41 -1.68
C LEU C 10 8.96 15.22 -1.53
N MET C 11 9.54 14.16 -1.00
CA MET C 11 8.84 12.90 -0.91
C MET C 11 7.51 13.02 -0.25
N LYS C 12 7.47 13.70 0.90
CA LYS C 12 6.19 13.96 1.61
C LYS C 12 5.15 14.33 0.57
N ILE C 13 5.45 15.42 -0.15
CA ILE C 13 4.54 15.94 -1.15
C ILE C 13 3.99 14.84 -1.93
N VAL C 14 4.87 14.06 -2.54
CA VAL C 14 4.44 12.97 -3.38
C VAL C 14 3.61 11.95 -2.62
N ASN C 15 4.08 11.64 -1.41
CA ASN C 15 3.43 10.67 -0.56
C ASN C 15 2.01 11.06 -0.10
N ASN C 16 1.85 12.32 0.26
CA ASN C 16 0.54 12.80 0.71
C ASN C 16 -0.38 13.15 -0.48
N ALA C 17 0.04 12.81 -1.69
CA ALA C 17 -0.77 13.12 -2.83
C ALA C 17 -1.08 11.87 -3.61
N PHE C 18 -0.22 10.84 -3.50
CA PHE C 18 -0.50 9.60 -4.24
C PHE C 18 -0.11 8.31 -3.53
N ILE C 19 0.30 8.38 -2.28
CA ILE C 19 0.64 7.12 -1.65
C ILE C 19 -0.24 6.86 -0.49
N ASP C 20 -0.37 7.83 0.38
CA ASP C 20 -1.11 7.60 1.60
C ASP C 20 -2.43 8.27 1.62
N LEU C 21 -2.50 9.46 1.06
CA LEU C 21 -3.74 10.16 0.88
C LEU C 21 -4.93 9.19 0.77
N PRO C 22 -5.91 9.43 1.63
CA PRO C 22 -7.16 8.67 1.69
C PRO C 22 -8.11 8.98 0.54
N ALA C 23 -8.76 7.94 0.04
CA ALA C 23 -9.72 8.06 -1.05
C ALA C 23 -10.93 7.12 -0.84
N PRO C 24 -12.08 7.48 -1.36
CA PRO C 24 -13.28 6.68 -1.15
C PRO C 24 -13.04 5.29 -1.63
N SER C 25 -13.41 4.26 -0.88
CA SER C 25 -13.18 2.88 -1.34
C SER C 25 -14.18 2.68 -2.36
N ASN C 26 -14.95 3.76 -2.48
CA ASN C 26 -16.15 3.90 -3.25
C ASN C 26 -16.17 4.34 -4.72
N ILE C 27 -15.37 5.35 -5.08
CA ILE C 27 -15.36 5.93 -6.46
C ILE C 27 -15.23 4.96 -7.55
N SER C 28 -15.92 5.29 -8.65
CA SER C 28 -15.95 4.43 -9.82
C SER C 28 -15.12 4.95 -10.98
N SER C 29 -15.22 4.23 -12.11
CA SER C 29 -14.49 4.53 -13.33
C SER C 29 -14.55 5.96 -13.75
N TRP C 30 -15.64 6.62 -13.44
CA TRP C 30 -15.76 8.01 -13.75
C TRP C 30 -14.77 8.88 -12.91
N TRP C 31 -13.81 8.24 -12.26
CA TRP C 31 -12.81 9.01 -11.55
C TRP C 31 -11.43 8.70 -12.19
N ASN C 32 -11.43 8.44 -13.48
CA ASN C 32 -10.19 8.10 -14.12
C ASN C 32 -9.75 9.22 -15.00
N PHE C 33 -10.72 9.80 -15.70
CA PHE C 33 -10.46 10.95 -16.58
C PHE C 33 -9.76 12.10 -15.83
N GLY C 34 -9.60 11.96 -14.51
CA GLY C 34 -8.87 12.94 -13.76
C GLY C 34 -7.40 12.74 -14.05
N SER C 35 -6.94 11.51 -13.87
CA SER C 35 -5.56 11.17 -14.13
C SER C 35 -5.37 11.02 -15.65
N LEU C 36 -6.47 10.70 -16.36
CA LEU C 36 -6.36 10.55 -17.80
C LEU C 36 -6.15 11.84 -18.42
N LEU C 37 -6.71 12.88 -17.82
CA LEU C 37 -6.43 14.23 -18.29
C LEU C 37 -4.96 14.55 -18.13
N GLY C 38 -4.38 14.19 -17.00
CA GLY C 38 -2.99 14.44 -16.78
C GLY C 38 -2.13 13.77 -17.82
N ILE C 39 -2.45 12.50 -18.09
CA ILE C 39 -1.70 11.73 -19.12
C ILE C 39 -1.79 12.47 -20.45
N CYS C 40 -3.00 12.84 -20.82
CA CYS C 40 -3.22 13.63 -21.99
C CYS C 40 -2.43 14.92 -21.96
N LEU C 41 -2.27 15.55 -20.79
CA LEU C 41 -1.49 16.80 -20.74
C LEU C 41 -0.07 16.57 -21.08
N ILE C 42 0.50 15.49 -20.54
CA ILE C 42 1.93 15.26 -20.77
C ILE C 42 2.24 14.59 -22.07
N LEU C 43 1.29 13.80 -22.55
CA LEU C 43 1.46 13.15 -23.82
C LEU C 43 1.42 14.23 -24.90
N GLN C 44 0.57 15.24 -24.68
CA GLN C 44 0.52 16.39 -25.60
C GLN C 44 1.85 17.10 -25.53
N ILE C 45 2.34 17.25 -24.31
CA ILE C 45 3.57 17.96 -24.06
C ILE C 45 4.78 17.25 -24.69
N LEU C 46 4.82 15.94 -24.55
CA LEU C 46 5.88 15.13 -25.12
C LEU C 46 5.91 15.14 -26.66
N THR C 47 4.92 14.49 -27.30
CA THR C 47 4.82 14.50 -28.77
C THR C 47 4.84 15.94 -29.22
N GLY C 48 4.01 16.78 -28.59
CA GLY C 48 4.06 18.19 -28.87
C GLY C 48 5.48 18.75 -28.97
N LEU C 49 6.35 18.37 -28.01
CA LEU C 49 7.75 18.80 -28.03
C LEU C 49 8.54 18.22 -29.23
N PHE C 50 8.33 16.96 -29.52
CA PHE C 50 9.04 16.32 -30.62
C PHE C 50 8.64 16.89 -31.99
N LEU C 51 7.36 17.15 -32.17
CA LEU C 51 6.90 17.81 -33.37
C LEU C 51 7.54 19.21 -33.53
N ALA C 52 7.77 19.91 -32.41
CA ALA C 52 8.35 21.25 -32.46
C ALA C 52 9.83 21.36 -32.87
N MET C 53 10.60 20.26 -32.78
CA MET C 53 12.00 20.29 -33.23
C MET C 53 12.12 20.04 -34.77
N HIS C 54 10.98 20.07 -35.45
CA HIS C 54 10.95 19.86 -36.88
C HIS C 54 10.01 20.85 -37.53
N TYR C 55 8.92 21.16 -36.84
CA TYR C 55 7.98 22.15 -37.32
C TYR C 55 8.67 23.47 -37.56
N THR C 56 8.02 24.35 -38.30
CA THR C 56 8.58 25.64 -38.61
C THR C 56 7.50 26.63 -38.31
N SER C 57 7.86 27.85 -37.93
CA SER C 57 6.84 28.83 -37.56
C SER C 57 6.22 29.71 -38.63
N ASP C 58 6.68 29.59 -39.88
CA ASP C 58 6.19 30.49 -40.93
C ASP C 58 5.36 29.88 -42.06
N THR C 59 4.40 30.67 -42.56
CA THR C 59 3.43 30.28 -43.60
C THR C 59 4.04 29.59 -44.80
N THR C 60 5.22 30.06 -45.17
CA THR C 60 5.96 29.54 -46.31
C THR C 60 6.43 28.08 -46.14
N THR C 61 6.60 27.65 -44.91
CA THR C 61 7.00 26.26 -44.68
C THR C 61 6.06 25.58 -43.70
N ALA C 62 5.15 26.36 -43.11
CA ALA C 62 4.19 25.85 -42.13
C ALA C 62 3.64 24.49 -42.54
N PHE C 63 2.85 24.46 -43.61
CA PHE C 63 2.26 23.22 -44.11
C PHE C 63 3.34 22.17 -44.38
N SER C 64 4.42 22.61 -45.03
CA SER C 64 5.49 21.75 -45.51
C SER C 64 6.36 21.04 -44.51
N SER C 65 6.54 21.65 -43.35
CA SER C 65 7.36 21.09 -42.27
C SER C 65 6.64 19.91 -41.77
N VAL C 66 5.37 20.15 -41.45
CA VAL C 66 4.50 19.12 -40.94
C VAL C 66 4.55 17.95 -41.89
N THR C 67 4.64 18.25 -43.18
CA THR C 67 4.70 17.18 -44.16
C THR C 67 6.04 16.51 -43.99
N HIS C 68 7.10 17.34 -44.04
CA HIS C 68 8.46 16.86 -43.87
C HIS C 68 8.47 15.87 -42.72
N ILE C 69 7.81 16.25 -41.63
CA ILE C 69 7.73 15.45 -40.41
C ILE C 69 7.33 13.97 -40.61
N CYS C 70 6.13 13.73 -41.12
CA CYS C 70 5.63 12.36 -41.31
C CYS C 70 6.20 11.62 -42.55
N ARG C 71 6.82 12.39 -43.44
CA ARG C 71 7.37 11.80 -44.64
C ARG C 71 8.84 11.48 -44.46
N ASP C 72 9.57 12.41 -43.84
CA ASP C 72 10.99 12.25 -43.65
C ASP C 72 11.42 11.91 -42.22
N VAL C 73 11.19 12.84 -41.28
CA VAL C 73 11.50 12.61 -39.86
C VAL C 73 11.05 11.24 -39.49
N ASN C 74 12.00 10.33 -39.33
CA ASN C 74 11.66 8.97 -38.96
C ASN C 74 10.66 9.08 -37.84
N TYR C 75 9.53 8.43 -38.09
CA TYR C 75 8.46 8.32 -37.13
C TYR C 75 7.70 9.59 -36.85
N GLY C 76 8.07 10.65 -37.56
CA GLY C 76 7.40 11.91 -37.45
C GLY C 76 5.89 11.75 -37.57
N TRP C 77 5.45 10.67 -38.21
CA TRP C 77 4.02 10.39 -38.26
C TRP C 77 3.43 9.96 -36.92
N ILE C 78 3.74 8.76 -36.40
CA ILE C 78 3.10 8.34 -35.12
C ILE C 78 3.09 9.52 -34.23
N ILE C 79 4.20 10.24 -34.20
CA ILE C 79 4.28 11.46 -33.44
C ILE C 79 3.17 12.43 -33.82
N ARG C 80 3.11 12.82 -35.08
CA ARG C 80 2.08 13.78 -35.52
C ARG C 80 0.65 13.31 -35.28
N TYR C 81 0.35 12.07 -35.65
CA TYR C 81 -1.00 11.53 -35.44
C TYR C 81 -1.38 11.38 -33.98
N MET C 82 -0.38 11.02 -33.14
CA MET C 82 -0.59 10.87 -31.70
C MET C 82 -0.90 12.19 -31.12
N HIS C 83 -0.15 13.21 -31.52
CA HIS C 83 -0.36 14.53 -31.00
C HIS C 83 -1.77 14.93 -31.34
N ALA C 84 -2.09 14.82 -32.63
CA ALA C 84 -3.42 15.18 -33.14
C ALA C 84 -4.50 14.33 -32.49
N ASN C 85 -4.31 13.01 -32.45
CA ASN C 85 -5.31 12.16 -31.82
C ASN C 85 -5.37 12.21 -30.31
N GLY C 86 -4.21 12.42 -29.70
CA GLY C 86 -4.17 12.60 -28.26
C GLY C 86 -4.93 13.86 -27.90
N ALA C 87 -4.99 14.80 -28.84
CA ALA C 87 -5.67 16.05 -28.61
C ALA C 87 -7.16 15.90 -28.53
N SER C 88 -7.68 15.01 -29.35
CA SER C 88 -9.11 14.75 -29.35
C SER C 88 -9.41 13.93 -28.13
N MET C 89 -8.51 13.00 -27.84
CA MET C 89 -8.58 12.18 -26.63
C MET C 89 -8.61 13.07 -25.41
N PHE C 90 -7.80 14.12 -25.44
CA PHE C 90 -7.76 15.09 -24.35
C PHE C 90 -9.13 15.80 -24.24
N PHE C 91 -9.90 15.86 -25.32
CA PHE C 91 -11.21 16.50 -25.19
C PHE C 91 -12.29 15.53 -24.78
N ILE C 92 -12.12 14.25 -25.09
CA ILE C 92 -13.09 13.25 -24.69
C ILE C 92 -13.08 13.17 -23.16
N CYS C 93 -11.89 13.17 -22.58
CA CYS C 93 -11.80 13.11 -21.14
C CYS C 93 -12.19 14.43 -20.51
N LEU C 94 -11.80 15.52 -21.13
CA LEU C 94 -12.20 16.82 -20.64
C LEU C 94 -13.70 16.75 -20.47
N TYR C 95 -14.37 16.18 -21.49
CA TYR C 95 -15.84 16.08 -21.50
C TYR C 95 -16.45 15.13 -20.48
N MET C 96 -16.16 13.85 -20.59
CA MET C 96 -16.60 12.95 -19.56
C MET C 96 -16.31 13.42 -18.07
N HIS C 97 -15.11 13.98 -17.81
CA HIS C 97 -14.74 14.53 -16.49
C HIS C 97 -15.80 15.55 -16.00
N VAL C 98 -16.08 16.52 -16.87
CA VAL C 98 -17.09 17.54 -16.58
C VAL C 98 -18.46 16.86 -16.51
N GLY C 99 -18.62 15.74 -17.20
CA GLY C 99 -19.85 15.00 -17.09
C GLY C 99 -19.94 14.44 -15.68
N ARG C 100 -18.94 13.65 -15.29
CA ARG C 100 -18.86 13.08 -13.96
C ARG C 100 -19.14 14.15 -12.89
N GLY C 101 -18.37 15.23 -12.93
CA GLY C 101 -18.51 16.30 -11.98
C GLY C 101 -19.91 16.79 -11.80
N LEU C 102 -20.59 17.06 -12.93
CA LEU C 102 -21.96 17.59 -12.95
C LEU C 102 -23.00 16.57 -12.41
N TYR C 103 -22.88 15.32 -12.84
CA TYR C 103 -23.77 14.28 -12.39
C TYR C 103 -23.65 14.18 -10.90
N TYR C 104 -22.47 13.80 -10.44
CA TYR C 104 -22.24 13.51 -9.04
C TYR C 104 -22.15 14.63 -8.05
N GLY C 105 -22.39 15.87 -8.44
CA GLY C 105 -22.39 16.95 -7.46
C GLY C 105 -21.06 17.61 -7.14
N SER C 106 -20.02 17.00 -7.63
CA SER C 106 -18.70 17.45 -7.37
C SER C 106 -18.48 18.92 -7.34
N TYR C 107 -19.15 19.66 -8.23
CA TYR C 107 -19.00 21.11 -8.29
C TYR C 107 -19.13 21.79 -6.92
N THR C 108 -19.70 21.08 -5.95
CA THR C 108 -19.81 21.58 -4.58
C THR C 108 -18.48 22.20 -4.15
N PHE C 109 -17.37 21.53 -4.49
CA PHE C 109 -16.02 21.99 -4.18
C PHE C 109 -15.69 23.20 -5.01
N LEU C 110 -16.19 24.36 -4.63
CA LEU C 110 -16.02 25.56 -5.44
C LEU C 110 -14.68 25.74 -6.13
N GLU C 111 -13.67 26.08 -5.36
CA GLU C 111 -12.35 26.29 -5.93
C GLU C 111 -11.92 25.22 -6.94
N THR C 112 -12.01 23.95 -6.55
CA THR C 112 -11.60 22.86 -7.41
C THR C 112 -12.24 22.94 -8.77
N TRP C 113 -13.57 23.02 -8.76
CA TRP C 113 -14.40 23.18 -9.99
C TRP C 113 -13.96 24.37 -10.79
N ASN C 114 -13.87 25.52 -10.14
CA ASN C 114 -13.50 26.73 -10.86
C ASN C 114 -12.16 26.63 -11.50
N ILE C 115 -11.21 26.05 -10.80
CA ILE C 115 -9.95 25.85 -11.44
C ILE C 115 -10.24 25.04 -12.68
N GLY C 116 -10.92 23.90 -12.53
CA GLY C 116 -11.28 23.13 -13.69
C GLY C 116 -12.00 23.86 -14.83
N VAL C 117 -12.75 24.91 -14.52
CA VAL C 117 -13.39 25.67 -15.59
C VAL C 117 -12.30 26.47 -16.22
N ILE C 118 -11.52 27.15 -15.38
CA ILE C 118 -10.43 27.98 -15.87
C ILE C 118 -9.41 27.03 -16.58
N LEU C 119 -9.41 25.75 -16.19
CA LEU C 119 -8.57 24.77 -16.87
C LEU C 119 -9.16 24.48 -18.23
N LEU C 120 -10.43 24.07 -18.26
CA LEU C 120 -11.10 23.79 -19.53
C LEU C 120 -10.87 24.87 -20.61
N LEU C 121 -11.22 26.12 -20.31
CA LEU C 121 -11.04 27.26 -21.20
C LEU C 121 -9.64 27.26 -21.77
N THR C 122 -8.69 27.15 -20.88
CA THR C 122 -7.30 27.10 -21.21
C THR C 122 -6.93 25.96 -22.17
N VAL C 123 -7.32 24.73 -21.85
CA VAL C 123 -7.01 23.63 -22.76
C VAL C 123 -7.80 23.76 -24.03
N MET C 124 -8.92 24.49 -24.02
CA MET C 124 -9.67 24.75 -25.26
C MET C 124 -8.80 25.65 -26.08
N ALA C 125 -8.65 26.89 -25.60
CA ALA C 125 -7.81 27.92 -26.20
C ALA C 125 -6.46 27.43 -26.69
N THR C 126 -5.87 26.46 -26.01
CA THR C 126 -4.63 25.88 -26.50
C THR C 126 -4.90 25.13 -27.83
N ALA C 127 -5.84 24.18 -27.78
CA ALA C 127 -6.17 23.35 -28.92
C ALA C 127 -6.66 24.18 -30.08
N PHE C 128 -7.24 25.33 -29.75
CA PHE C 128 -7.67 26.25 -30.79
C PHE C 128 -6.46 26.66 -31.61
N MET C 129 -5.48 27.31 -30.97
CA MET C 129 -4.28 27.78 -31.67
C MET C 129 -3.47 26.61 -32.24
N GLY C 130 -3.63 25.46 -31.59
CA GLY C 130 -2.97 24.26 -32.00
C GLY C 130 -3.26 24.00 -33.45
N TYR C 131 -4.54 23.89 -33.79
CA TYR C 131 -4.90 23.56 -35.17
C TYR C 131 -4.77 24.64 -36.22
N VAL C 132 -4.34 25.83 -35.80
CA VAL C 132 -4.11 26.90 -36.75
C VAL C 132 -2.72 26.71 -37.32
N LEU C 133 -1.87 26.04 -36.54
CA LEU C 133 -0.47 25.86 -36.90
C LEU C 133 -0.06 25.36 -38.28
N PRO C 134 -0.45 24.13 -38.67
CA PRO C 134 0.00 23.59 -39.95
C PRO C 134 -0.51 24.36 -41.13
N TRP C 135 -1.31 25.40 -40.89
CA TRP C 135 -1.78 26.31 -41.93
C TRP C 135 -2.57 25.60 -43.02
N GLY C 136 -3.72 25.05 -42.64
CA GLY C 136 -4.61 24.40 -43.58
C GLY C 136 -5.81 25.32 -43.77
N GLN C 137 -6.69 24.98 -44.71
CA GLN C 137 -7.84 25.82 -44.96
C GLN C 137 -8.53 26.05 -43.63
N MET C 138 -8.94 24.95 -43.03
CA MET C 138 -9.65 25.02 -41.78
C MET C 138 -8.88 25.78 -40.73
N SER C 139 -7.55 25.65 -40.73
CA SER C 139 -6.69 26.40 -39.80
C SER C 139 -6.87 27.88 -40.02
N PHE C 140 -6.60 28.33 -41.24
CA PHE C 140 -6.72 29.74 -41.59
C PHE C 140 -8.12 30.27 -41.39
N TRP C 141 -9.09 29.50 -41.85
CA TRP C 141 -10.49 29.86 -41.71
C TRP C 141 -10.91 29.65 -40.29
N GLY C 142 -10.39 28.58 -39.70
CA GLY C 142 -10.55 28.35 -38.29
C GLY C 142 -9.98 29.55 -37.58
N ALA C 143 -8.75 29.93 -37.94
CA ALA C 143 -8.08 31.08 -37.32
C ALA C 143 -8.88 32.36 -37.43
N THR C 144 -9.60 32.49 -38.52
CA THR C 144 -10.28 33.74 -38.81
C THR C 144 -11.59 34.04 -38.08
N VAL C 145 -12.52 33.10 -38.12
CA VAL C 145 -13.84 33.27 -37.51
C VAL C 145 -13.78 33.44 -35.98
N ILE C 146 -12.88 32.68 -35.36
CA ILE C 146 -12.69 32.67 -33.94
C ILE C 146 -12.18 33.99 -33.41
N THR C 147 -11.08 34.50 -33.96
CA THR C 147 -10.57 35.82 -33.52
C THR C 147 -11.67 36.85 -33.68
N ASN C 148 -12.26 36.91 -34.89
CA ASN C 148 -13.36 37.81 -35.21
C ASN C 148 -14.55 37.82 -34.25
N LEU C 149 -14.66 36.83 -33.37
CA LEU C 149 -15.71 36.86 -32.37
C LEU C 149 -15.52 38.08 -31.49
N LEU C 150 -14.27 38.47 -31.30
CA LEU C 150 -13.99 39.63 -30.46
C LEU C 150 -14.33 40.94 -31.18
N SER C 151 -14.63 40.84 -32.47
CA SER C 151 -15.03 42.01 -33.22
C SER C 151 -16.47 42.36 -32.89
N ALA C 152 -17.01 41.64 -31.91
CA ALA C 152 -18.39 41.82 -31.46
C ALA C 152 -18.42 42.72 -30.25
N ILE C 153 -17.30 42.80 -29.56
CA ILE C 153 -17.18 43.68 -28.41
C ILE C 153 -17.34 45.15 -28.85
N PRO C 154 -18.39 45.78 -28.37
CA PRO C 154 -18.72 47.18 -28.69
C PRO C 154 -17.60 48.24 -28.57
N TYR C 155 -17.23 48.87 -29.68
CA TYR C 155 -16.31 50.00 -29.64
C TYR C 155 -14.85 49.61 -29.44
N ILE C 156 -14.58 48.33 -29.28
CA ILE C 156 -13.21 47.86 -29.08
C ILE C 156 -12.96 46.73 -30.04
N GLY C 157 -14.01 45.95 -30.26
CA GLY C 157 -14.00 44.79 -31.12
C GLY C 157 -12.90 44.76 -32.12
N THR C 158 -12.90 45.79 -32.97
CA THR C 158 -11.92 45.99 -34.02
C THR C 158 -10.49 46.01 -33.43
N ASN C 159 -10.10 47.18 -32.91
CA ASN C 159 -8.79 47.38 -32.28
C ASN C 159 -8.18 46.12 -31.66
N LEU C 160 -8.98 45.40 -30.88
CA LEU C 160 -8.54 44.17 -30.24
C LEU C 160 -8.31 43.05 -31.27
N VAL C 161 -9.33 42.77 -32.08
CA VAL C 161 -9.26 41.73 -33.11
C VAL C 161 -8.07 41.89 -34.04
N GLU C 162 -7.86 43.12 -34.53
CA GLU C 162 -6.71 43.46 -35.39
C GLU C 162 -5.40 43.33 -34.62
N TRP C 163 -5.43 43.55 -33.30
CA TRP C 163 -4.24 43.45 -32.45
C TRP C 163 -3.72 42.04 -32.20
N ILE C 164 -4.59 41.12 -31.82
CA ILE C 164 -4.12 39.76 -31.59
C ILE C 164 -3.94 39.08 -32.91
N TRP C 165 -4.15 39.83 -33.97
CA TRP C 165 -4.05 39.35 -35.32
C TRP C 165 -2.70 39.71 -35.91
N GLY C 166 -2.16 40.87 -35.56
CA GLY C 166 -0.86 41.28 -36.06
C GLY C 166 -0.92 41.77 -37.49
N GLY C 167 -1.98 42.48 -37.80
CA GLY C 167 -2.18 43.01 -39.14
C GLY C 167 -3.62 43.35 -39.45
N PHE C 168 -4.00 43.15 -40.71
CA PHE C 168 -5.35 43.44 -41.17
C PHE C 168 -6.10 42.20 -41.58
N SER C 169 -5.42 41.06 -41.52
CA SER C 169 -6.01 39.74 -41.74
C SER C 169 -5.05 38.71 -41.16
N VAL C 170 -5.44 37.45 -41.19
CA VAL C 170 -4.63 36.35 -40.67
C VAL C 170 -3.33 36.15 -41.48
N ASP C 171 -2.28 36.90 -41.12
CA ASP C 171 -1.05 36.92 -41.92
C ASP C 171 0.16 36.17 -41.38
N LYS C 172 1.33 36.79 -41.49
CA LYS C 172 2.60 36.21 -41.03
C LYS C 172 2.66 36.25 -39.52
N ALA C 173 2.33 37.41 -38.97
CA ALA C 173 2.34 37.64 -37.54
C ALA C 173 1.46 36.67 -36.77
N THR C 174 0.32 36.33 -37.36
CA THR C 174 -0.64 35.43 -36.71
C THR C 174 -0.29 33.94 -36.75
N LEU C 175 0.77 33.54 -37.43
CA LEU C 175 1.07 32.13 -37.35
C LEU C 175 2.09 31.88 -36.27
N THR C 176 3.09 32.76 -36.19
CA THR C 176 4.16 32.66 -35.17
C THR C 176 3.61 32.91 -33.75
N ARG C 177 2.74 33.91 -33.65
CA ARG C 177 2.04 34.29 -32.42
C ARG C 177 1.52 33.00 -31.88
N PHE C 178 0.61 32.42 -32.63
CA PHE C 178 -0.02 31.16 -32.27
C PHE C 178 0.95 30.04 -31.91
N PHE C 179 2.01 29.84 -32.69
CA PHE C 179 2.98 28.80 -32.33
C PHE C 179 3.64 29.07 -31.00
N ALA C 180 4.06 30.31 -30.80
CA ALA C 180 4.66 30.70 -29.52
C ALA C 180 3.68 30.46 -28.38
N PHE C 181 2.45 30.92 -28.55
CA PHE C 181 1.46 30.74 -27.54
C PHE C 181 1.17 29.26 -27.32
N HIS C 182 0.84 28.54 -28.38
CA HIS C 182 0.55 27.12 -28.25
C HIS C 182 1.71 26.30 -27.58
N PHE C 183 2.83 26.99 -27.33
CA PHE C 183 3.99 26.40 -26.66
C PHE C 183 3.93 26.78 -25.18
N ILE C 184 3.74 28.05 -24.88
CA ILE C 184 3.75 28.45 -23.49
C ILE C 184 2.47 28.21 -22.72
N LEU C 185 1.39 27.88 -23.40
CA LEU C 185 0.16 27.63 -22.65
C LEU C 185 0.06 26.34 -21.83
N PRO C 186 0.48 25.19 -22.39
CA PRO C 186 0.31 23.93 -21.70
C PRO C 186 1.16 23.84 -20.47
N PHE C 187 2.16 24.69 -20.37
CA PHE C 187 2.95 24.68 -19.15
C PHE C 187 2.12 25.38 -18.10
N ILE C 188 1.68 26.60 -18.42
CA ILE C 188 0.79 27.39 -17.53
C ILE C 188 -0.41 26.53 -17.16
N ILE C 189 -0.86 25.67 -18.08
CA ILE C 189 -1.96 24.75 -17.83
C ILE C 189 -1.58 23.89 -16.63
N MET C 190 -0.48 23.16 -16.78
CA MET C 190 0.02 22.24 -15.74
C MET C 190 0.24 22.90 -14.39
N ALA C 191 0.72 24.14 -14.41
CA ALA C 191 0.88 24.90 -13.19
C ALA C 191 -0.47 24.86 -12.48
N ILE C 192 -1.46 25.42 -13.15
CA ILE C 192 -2.85 25.52 -12.68
C ILE C 192 -3.48 24.18 -12.33
N ALA C 193 -3.19 23.15 -13.13
CA ALA C 193 -3.69 21.81 -12.86
C ALA C 193 -3.16 21.26 -11.52
N MET C 194 -2.09 21.87 -11.01
CA MET C 194 -1.55 21.46 -9.72
C MET C 194 -2.34 22.13 -8.65
N VAL C 195 -2.66 23.40 -8.85
CA VAL C 195 -3.43 24.19 -7.90
C VAL C 195 -4.80 23.53 -7.78
N HIS C 196 -5.30 23.02 -8.90
CA HIS C 196 -6.55 22.26 -8.98
C HIS C 196 -6.45 21.12 -7.99
N LEU C 197 -5.46 20.28 -8.19
CA LEU C 197 -5.19 19.19 -7.26
C LEU C 197 -4.99 19.66 -5.79
N LEU C 198 -4.18 20.70 -5.52
CA LEU C 198 -3.95 21.19 -4.16
C LEU C 198 -5.27 21.38 -3.47
N PHE C 199 -6.13 22.25 -4.05
CA PHE C 199 -7.50 22.50 -3.58
C PHE C 199 -8.34 21.23 -3.52
N LEU C 200 -8.26 20.36 -4.53
CA LEU C 200 -9.02 19.11 -4.47
C LEU C 200 -8.71 18.32 -3.19
N HIS C 201 -7.42 18.08 -3.01
CA HIS C 201 -6.89 17.33 -1.90
C HIS C 201 -7.24 17.89 -0.53
N GLU C 202 -7.72 19.12 -0.52
CA GLU C 202 -8.11 19.69 0.74
C GLU C 202 -9.36 19.09 1.29
N THR C 203 -10.17 18.49 0.43
CA THR C 203 -11.44 17.93 0.85
C THR C 203 -11.43 16.47 0.72
N GLY C 204 -10.61 16.02 -0.20
CA GLY C 204 -10.61 14.63 -0.54
C GLY C 204 -11.61 14.51 -1.67
N SER C 205 -11.67 13.34 -2.30
CA SER C 205 -12.55 13.23 -3.45
C SER C 205 -13.98 12.92 -3.09
N ASN C 206 -14.92 13.47 -3.84
CA ASN C 206 -16.32 13.12 -3.66
C ASN C 206 -16.48 11.70 -4.27
N ASN C 207 -17.65 11.09 -4.12
CA ASN C 207 -17.83 9.74 -4.62
C ASN C 207 -19.27 9.58 -5.10
N PRO C 208 -19.60 8.40 -5.69
CA PRO C 208 -20.92 8.14 -6.27
C PRO C 208 -22.16 8.35 -5.40
N THR C 209 -22.10 8.09 -4.09
CA THR C 209 -23.30 8.28 -3.29
C THR C 209 -23.53 9.72 -2.82
N GLY C 210 -22.48 10.50 -2.74
CA GLY C 210 -22.63 11.88 -2.27
C GLY C 210 -22.57 11.95 -0.74
N ILE C 211 -22.74 10.81 -0.10
CA ILE C 211 -22.62 10.71 1.33
C ILE C 211 -21.15 10.76 1.60
N SER C 212 -20.72 11.21 2.78
CA SER C 212 -19.31 11.31 3.05
C SER C 212 -18.65 9.93 3.13
N SER C 213 -17.32 9.85 2.99
CA SER C 213 -16.67 8.55 2.97
C SER C 213 -15.53 8.31 3.97
N ASP C 214 -15.19 9.34 4.75
CA ASP C 214 -14.20 9.21 5.84
C ASP C 214 -14.51 7.95 6.58
N VAL C 215 -15.80 7.64 6.61
CA VAL C 215 -16.27 6.48 7.30
C VAL C 215 -15.71 5.20 6.76
N ASP C 216 -15.11 5.26 5.58
CA ASP C 216 -14.50 4.07 5.01
C ASP C 216 -13.57 4.42 3.85
N LYS C 217 -12.46 5.09 4.15
CA LYS C 217 -11.51 5.50 3.11
C LYS C 217 -10.45 4.48 2.91
N ILE C 218 -9.81 4.53 1.75
CA ILE C 218 -8.70 3.64 1.42
C ILE C 218 -7.54 4.44 0.91
N PRO C 219 -6.34 3.89 1.04
CA PRO C 219 -5.12 4.60 0.65
C PRO C 219 -5.02 4.54 -0.82
N PHE C 220 -4.55 5.61 -1.46
CA PHE C 220 -4.29 5.56 -2.89
C PHE C 220 -3.34 4.36 -3.20
N HIS C 221 -2.38 4.09 -2.27
CA HIS C 221 -1.40 3.00 -2.33
C HIS C 221 -1.58 1.85 -3.24
N PRO C 222 -2.31 0.80 -2.93
CA PRO C 222 -2.40 -0.25 -3.94
C PRO C 222 -3.67 -0.20 -4.75
N TYR C 223 -4.51 0.82 -4.56
CA TYR C 223 -5.86 0.77 -5.13
C TYR C 223 -6.15 1.63 -6.33
N TYR C 224 -6.06 2.93 -6.11
CA TYR C 224 -6.24 3.90 -7.14
C TYR C 224 -4.93 4.13 -7.83
N THR C 225 -3.94 3.36 -7.40
CA THR C 225 -2.67 3.42 -8.06
C THR C 225 -2.85 2.55 -9.28
N ILE C 226 -3.46 1.39 -9.08
CA ILE C 226 -3.65 0.47 -10.16
C ILE C 226 -4.97 0.64 -10.92
N LYS C 227 -6.01 1.15 -10.27
CA LYS C 227 -7.25 1.39 -11.01
C LYS C 227 -7.01 2.62 -11.88
N ASP C 228 -5.88 3.28 -11.65
CA ASP C 228 -5.48 4.37 -12.52
C ASP C 228 -4.66 3.84 -13.72
N ILE C 229 -3.81 2.83 -13.49
CA ILE C 229 -2.99 2.26 -14.56
C ILE C 229 -3.90 1.71 -15.63
N LEU C 230 -4.68 0.67 -15.28
CA LEU C 230 -5.64 0.05 -16.23
C LEU C 230 -6.32 1.18 -16.99
N GLY C 231 -6.83 2.14 -16.25
CA GLY C 231 -7.41 3.33 -16.84
C GLY C 231 -6.51 3.99 -17.88
N ALA C 232 -5.21 4.04 -17.64
CA ALA C 232 -4.31 4.65 -18.60
C ALA C 232 -4.16 3.68 -19.78
N LEU C 233 -4.06 2.38 -19.48
CA LEU C 233 -3.89 1.39 -20.55
C LEU C 233 -5.00 1.53 -21.57
N LEU C 234 -6.24 1.63 -21.09
CA LEU C 234 -7.38 1.85 -21.97
C LEU C 234 -7.29 3.17 -22.74
N LEU C 235 -6.78 4.23 -22.09
CA LEU C 235 -6.61 5.54 -22.76
C LEU C 235 -5.63 5.36 -23.89
N ILE C 236 -4.75 4.38 -23.77
CA ILE C 236 -3.82 4.10 -24.84
C ILE C 236 -4.49 3.33 -25.93
N LEU C 237 -5.33 2.37 -25.57
CA LEU C 237 -6.05 1.62 -26.59
C LEU C 237 -6.81 2.59 -27.43
N ALA C 238 -7.65 3.40 -26.78
CA ALA C 238 -8.40 4.43 -27.48
C ALA C 238 -7.47 5.26 -28.40
N LEU C 239 -6.49 5.95 -27.81
CA LEU C 239 -5.57 6.72 -28.62
C LEU C 239 -4.83 5.89 -29.66
N MET C 240 -4.30 4.73 -29.27
CA MET C 240 -3.56 3.92 -30.23
C MET C 240 -4.42 3.37 -31.33
N LEU C 241 -5.68 3.10 -31.01
CA LEU C 241 -6.56 2.58 -32.03
C LEU C 241 -6.75 3.60 -33.11
N LEU C 242 -7.06 4.84 -32.74
CA LEU C 242 -7.23 5.89 -33.71
C LEU C 242 -6.02 6.07 -34.60
N VAL C 243 -4.92 6.58 -34.04
CA VAL C 243 -3.72 6.81 -34.86
C VAL C 243 -3.18 5.64 -35.63
N LEU C 244 -3.19 4.44 -35.06
CA LEU C 244 -2.67 3.28 -35.78
C LEU C 244 -3.62 2.55 -36.73
N PHE C 245 -4.84 3.07 -36.87
CA PHE C 245 -5.80 2.42 -37.74
C PHE C 245 -6.61 3.38 -38.52
N ALA C 246 -7.13 4.42 -37.86
CA ALA C 246 -7.99 5.37 -38.54
C ALA C 246 -7.62 6.82 -38.23
N PRO C 247 -6.40 7.21 -38.55
CA PRO C 247 -5.83 8.50 -38.14
C PRO C 247 -6.44 9.78 -38.65
N ASP C 248 -7.27 9.75 -39.67
CA ASP C 248 -7.87 11.00 -40.17
C ASP C 248 -9.36 11.17 -39.80
N LEU C 249 -9.90 10.15 -39.15
CA LEU C 249 -11.31 10.06 -38.80
C LEU C 249 -11.95 11.29 -38.15
N LEU C 250 -11.29 11.85 -37.14
CA LEU C 250 -11.83 13.03 -36.46
C LEU C 250 -11.33 14.34 -37.06
N GLY C 251 -10.72 14.26 -38.25
CA GLY C 251 -10.15 15.44 -38.88
C GLY C 251 -10.61 15.78 -40.29
N ASP C 252 -11.04 17.03 -40.46
CA ASP C 252 -11.49 17.55 -41.77
C ASP C 252 -10.36 17.47 -42.77
N PRO C 253 -10.60 16.76 -43.87
CA PRO C 253 -9.57 16.60 -44.90
C PRO C 253 -9.52 17.80 -45.80
N ASP C 254 -9.46 19.01 -45.26
CA ASP C 254 -9.44 20.19 -46.10
C ASP C 254 -8.31 21.03 -45.57
N ASN C 255 -7.95 20.70 -44.34
CA ASN C 255 -6.83 21.34 -43.69
C ASN C 255 -5.59 20.70 -44.29
N TYR C 256 -5.85 19.73 -45.17
CA TYR C 256 -4.85 19.02 -45.94
C TYR C 256 -4.60 19.78 -47.25
N THR C 257 -5.39 20.82 -47.49
CA THR C 257 -5.22 21.63 -48.67
C THR C 257 -4.79 23.00 -48.17
N PRO C 258 -3.54 23.35 -48.47
CA PRO C 258 -2.89 24.59 -48.00
C PRO C 258 -3.75 25.83 -47.92
N ALA C 259 -3.34 26.73 -47.04
CA ALA C 259 -4.09 27.94 -46.78
C ALA C 259 -4.32 28.74 -48.03
N ASN C 260 -5.40 29.52 -48.02
CA ASN C 260 -5.83 30.28 -49.16
C ASN C 260 -6.90 31.25 -48.69
N PRO C 261 -6.53 32.52 -48.49
CA PRO C 261 -7.47 33.54 -48.00
C PRO C 261 -8.41 34.04 -49.09
N LEU C 262 -8.29 33.45 -50.29
CA LEU C 262 -9.09 33.79 -51.46
C LEU C 262 -10.20 32.76 -51.60
N ASN C 263 -9.90 31.54 -51.18
CA ASN C 263 -10.84 30.42 -51.24
C ASN C 263 -12.06 30.45 -50.28
N THR C 264 -11.89 29.96 -49.04
CA THR C 264 -12.99 29.78 -48.05
C THR C 264 -13.88 28.65 -48.52
N PRO C 265 -13.78 27.51 -47.84
CA PRO C 265 -14.55 26.33 -48.22
C PRO C 265 -16.02 26.58 -47.95
N PRO C 266 -16.91 25.83 -48.62
CA PRO C 266 -18.37 25.97 -48.42
C PRO C 266 -18.79 25.27 -47.14
N HIS C 267 -18.15 24.13 -46.90
CA HIS C 267 -18.32 23.26 -45.73
C HIS C 267 -18.10 23.93 -44.32
N ILE C 268 -17.01 24.72 -44.18
CA ILE C 268 -16.59 25.48 -42.98
C ILE C 268 -16.99 25.12 -41.49
N LYS C 269 -16.69 23.90 -41.07
CA LYS C 269 -16.98 23.52 -39.67
C LYS C 269 -15.68 23.39 -38.84
N PRO C 270 -15.75 23.64 -37.54
CA PRO C 270 -14.57 23.46 -36.67
C PRO C 270 -14.30 21.97 -36.38
N GLU C 271 -13.41 21.69 -35.43
CA GLU C 271 -13.14 20.32 -35.01
C GLU C 271 -14.28 19.95 -34.08
N TRP C 272 -14.78 18.73 -34.24
CA TRP C 272 -15.93 18.21 -33.50
C TRP C 272 -16.13 18.75 -32.08
N TYR C 273 -15.04 18.83 -31.34
CA TYR C 273 -15.08 19.25 -29.97
C TYR C 273 -15.34 20.75 -29.82
N PHE C 274 -15.98 21.35 -30.81
CA PHE C 274 -16.38 22.75 -30.73
C PHE C 274 -17.72 22.89 -31.42
N LEU C 275 -18.18 21.75 -31.98
CA LEU C 275 -19.42 21.68 -32.75
C LEU C 275 -20.58 22.07 -31.91
N PHE C 276 -20.74 21.39 -30.78
CA PHE C 276 -21.82 21.72 -29.88
C PHE C 276 -21.93 23.25 -29.74
N ALA C 277 -20.79 23.92 -29.67
CA ALA C 277 -20.75 25.36 -29.44
C ALA C 277 -20.90 26.15 -30.71
N TYR C 278 -20.45 25.57 -31.80
CA TYR C 278 -20.58 26.21 -33.11
C TYR C 278 -22.09 26.30 -33.41
N ALA C 279 -22.78 25.17 -33.26
CA ALA C 279 -24.21 25.12 -33.45
C ALA C 279 -24.92 26.24 -32.67
N ILE C 280 -24.50 26.48 -31.42
CA ILE C 280 -25.11 27.50 -30.56
C ILE C 280 -25.00 28.95 -31.08
N LEU C 281 -23.78 29.35 -31.45
CA LEU C 281 -23.49 30.70 -31.88
C LEU C 281 -24.22 31.13 -33.13
N ARG C 282 -24.27 30.28 -34.15
CA ARG C 282 -24.95 30.67 -35.39
C ARG C 282 -26.50 30.58 -35.34
N SER C 283 -27.00 29.88 -34.32
CA SER C 283 -28.44 29.77 -34.12
C SER C 283 -29.02 31.08 -33.68
N ILE C 284 -28.18 32.09 -33.62
CA ILE C 284 -28.61 33.42 -33.24
C ILE C 284 -28.34 34.39 -34.37
N PRO C 285 -29.41 35.03 -34.82
CA PRO C 285 -29.31 36.01 -35.89
C PRO C 285 -28.79 37.27 -35.24
N ASN C 286 -27.55 37.22 -34.76
CA ASN C 286 -26.88 38.38 -34.20
C ASN C 286 -25.41 38.19 -33.90
N LYS C 287 -24.60 39.07 -34.48
CA LYS C 287 -23.16 39.06 -34.25
C LYS C 287 -23.01 39.14 -32.71
N LEU C 288 -23.56 40.19 -32.09
CA LEU C 288 -23.48 40.33 -30.63
C LEU C 288 -24.26 39.26 -29.94
N GLY C 289 -25.34 38.82 -30.57
CA GLY C 289 -26.13 37.80 -29.95
C GLY C 289 -25.41 36.47 -29.88
N GLY C 290 -24.92 36.01 -31.03
CA GLY C 290 -24.27 34.72 -31.13
C GLY C 290 -22.95 34.65 -30.42
N VAL C 291 -22.15 35.71 -30.52
CA VAL C 291 -20.88 35.71 -29.80
C VAL C 291 -21.16 35.61 -28.29
N LEU C 292 -22.01 36.49 -27.77
CA LEU C 292 -22.36 36.54 -26.35
C LEU C 292 -23.03 35.25 -25.89
N ALA C 293 -23.80 34.61 -26.74
CA ALA C 293 -24.38 33.34 -26.35
C ALA C 293 -23.36 32.19 -26.37
N LEU C 294 -22.43 32.20 -27.34
CA LEU C 294 -21.38 31.17 -27.41
C LEU C 294 -20.63 31.20 -26.10
N ALA C 295 -20.22 32.41 -25.72
CA ALA C 295 -19.54 32.65 -24.48
C ALA C 295 -20.35 32.03 -23.33
N PHE C 296 -21.58 32.51 -23.15
CA PHE C 296 -22.46 32.04 -22.08
C PHE C 296 -22.69 30.51 -22.07
N SER C 297 -22.48 29.84 -23.21
CA SER C 297 -22.63 28.39 -23.23
C SER C 297 -21.50 27.65 -22.48
N ILE C 298 -20.31 28.22 -22.42
CA ILE C 298 -19.24 27.59 -21.66
C ILE C 298 -18.99 28.29 -20.33
N LEU C 299 -19.02 29.60 -20.34
CA LEU C 299 -18.89 30.35 -19.09
C LEU C 299 -20.02 30.07 -18.07
N ILE C 300 -20.84 29.05 -18.35
CA ILE C 300 -22.00 28.70 -17.53
C ILE C 300 -21.63 27.70 -16.47
N LEU C 301 -20.57 26.93 -16.72
CA LEU C 301 -20.14 25.96 -15.76
C LEU C 301 -19.77 26.69 -14.49
N ALA C 302 -19.36 27.95 -14.65
CA ALA C 302 -19.05 28.82 -13.54
C ALA C 302 -20.30 29.12 -12.72
N LEU C 303 -21.47 28.85 -13.30
CA LEU C 303 -22.75 29.10 -12.65
C LEU C 303 -23.44 27.89 -12.09
N ILE C 304 -23.13 26.70 -12.58
CA ILE C 304 -23.78 25.51 -12.02
C ILE C 304 -23.99 25.44 -10.46
N PRO C 305 -22.92 25.58 -9.66
CA PRO C 305 -23.03 25.55 -8.19
C PRO C 305 -23.99 26.56 -7.56
N LEU C 306 -24.24 27.71 -8.19
CA LEU C 306 -25.18 28.64 -7.60
C LEU C 306 -26.61 28.13 -7.80
N LEU C 307 -26.74 27.07 -8.60
CA LEU C 307 -28.04 26.48 -8.90
C LEU C 307 -28.29 25.12 -8.23
N HIS C 308 -27.42 24.72 -7.32
CA HIS C 308 -27.73 23.49 -6.63
C HIS C 308 -28.97 23.80 -5.85
N THR C 309 -29.85 22.83 -5.75
CA THR C 309 -31.14 23.11 -5.18
C THR C 309 -31.56 21.93 -4.32
N SER C 310 -31.09 20.76 -4.75
CA SER C 310 -31.41 19.52 -4.11
C SER C 310 -30.78 19.42 -2.77
N LYS C 311 -31.46 18.71 -1.89
CA LYS C 311 -30.96 18.53 -0.54
C LYS C 311 -29.99 17.33 -0.49
N GLN C 312 -29.86 16.64 -1.61
CA GLN C 312 -28.94 15.50 -1.73
C GLN C 312 -27.84 15.87 -2.70
N ARG C 313 -26.61 15.46 -2.42
CA ARG C 313 -25.46 15.90 -3.21
C ARG C 313 -25.33 15.29 -4.60
N SER C 314 -25.24 13.97 -4.67
CA SER C 314 -25.08 13.26 -5.94
C SER C 314 -26.42 13.08 -6.66
N MET C 315 -26.39 12.59 -7.89
CA MET C 315 -27.65 12.32 -8.57
C MET C 315 -27.91 10.81 -8.51
N MET C 316 -27.17 10.13 -7.65
CA MET C 316 -27.25 8.68 -7.52
C MET C 316 -28.62 8.20 -7.11
N PHE C 317 -29.28 8.97 -6.27
CA PHE C 317 -30.61 8.60 -5.84
C PHE C 317 -31.69 9.52 -6.39
N ARG C 318 -31.45 10.24 -7.46
CA ARG C 318 -32.52 11.10 -7.95
C ARG C 318 -33.02 11.07 -9.43
N PRO C 319 -34.04 10.24 -9.68
CA PRO C 319 -34.54 10.03 -11.04
C PRO C 319 -34.92 11.26 -11.85
N LEU C 320 -35.70 12.21 -11.34
CA LEU C 320 -36.04 13.40 -12.14
C LEU C 320 -34.80 14.00 -12.77
N SER C 321 -33.78 14.15 -11.94
CA SER C 321 -32.56 14.80 -12.35
C SER C 321 -31.75 13.98 -13.34
N GLN C 322 -31.68 12.67 -13.09
CA GLN C 322 -31.00 11.74 -13.98
C GLN C 322 -31.56 11.89 -15.40
N CYS C 323 -32.88 11.96 -15.50
CA CYS C 323 -33.52 12.13 -16.76
C CYS C 323 -33.08 13.42 -17.38
N LEU C 324 -33.11 14.48 -16.61
CA LEU C 324 -32.70 15.74 -17.13
C LEU C 324 -31.22 15.76 -17.46
N PHE C 325 -30.40 15.09 -16.66
CA PHE C 325 -28.94 15.02 -16.95
C PHE C 325 -28.77 14.61 -18.38
N TRP C 326 -29.34 13.46 -18.72
CA TRP C 326 -29.26 12.88 -20.05
C TRP C 326 -29.81 13.70 -21.22
N ALA C 327 -30.87 14.48 -20.95
CA ALA C 327 -31.38 15.42 -21.93
C ALA C 327 -30.24 16.37 -22.25
N LEU C 328 -29.52 16.80 -21.22
CA LEU C 328 -28.40 17.71 -21.38
C LEU C 328 -27.36 17.02 -22.25
N VAL C 329 -27.08 15.76 -21.97
CA VAL C 329 -26.12 15.02 -22.78
C VAL C 329 -26.53 14.94 -24.26
N ALA C 330 -27.69 14.33 -24.51
CA ALA C 330 -28.27 14.19 -25.85
C ALA C 330 -28.38 15.55 -26.53
N ASP C 331 -28.99 16.52 -25.86
CA ASP C 331 -29.04 17.87 -26.38
C ASP C 331 -27.63 18.35 -26.86
N LEU C 332 -26.59 17.93 -26.14
CA LEU C 332 -25.23 18.22 -26.54
C LEU C 332 -24.83 17.33 -27.73
N LEU C 333 -25.33 16.09 -27.75
CA LEU C 333 -25.09 15.19 -28.88
C LEU C 333 -25.82 15.77 -30.06
N THR C 334 -27.01 16.30 -29.80
CA THR C 334 -27.80 16.96 -30.83
C THR C 334 -27.04 18.17 -31.30
N LEU C 335 -26.67 19.04 -30.36
CA LEU C 335 -25.91 20.25 -30.66
C LEU C 335 -24.63 20.02 -31.48
N THR C 336 -23.86 19.01 -31.13
CA THR C 336 -22.69 18.67 -31.91
C THR C 336 -23.10 18.35 -33.33
N TRP C 337 -24.05 17.44 -33.50
CA TRP C 337 -24.55 17.02 -34.81
C TRP C 337 -24.99 18.20 -35.74
N ILE C 338 -25.83 19.09 -35.19
CA ILE C 338 -26.30 20.29 -35.89
C ILE C 338 -25.12 21.17 -36.27
N GLY C 339 -24.17 21.30 -35.35
CA GLY C 339 -22.97 22.07 -35.59
C GLY C 339 -22.26 21.59 -36.82
N GLY C 340 -22.42 20.29 -37.13
CA GLY C 340 -21.77 19.65 -38.27
C GLY C 340 -22.61 19.46 -39.54
N GLN C 341 -23.66 20.27 -39.68
CA GLN C 341 -24.57 20.25 -40.82
C GLN C 341 -24.77 21.70 -41.28
N PRO C 342 -24.97 21.93 -42.58
CA PRO C 342 -25.12 23.29 -43.15
C PRO C 342 -26.32 24.11 -42.65
N VAL C 343 -26.18 25.43 -42.70
CA VAL C 343 -27.23 26.34 -42.20
C VAL C 343 -28.46 26.50 -43.11
N GLU C 344 -29.19 25.40 -43.31
CA GLU C 344 -30.34 25.39 -44.18
C GLU C 344 -31.47 24.59 -43.52
N HIS C 345 -32.45 24.20 -44.33
CA HIS C 345 -33.62 23.43 -43.96
C HIS C 345 -34.02 23.16 -42.53
N PRO C 346 -34.06 21.90 -42.13
CA PRO C 346 -34.58 21.57 -40.80
C PRO C 346 -33.59 22.14 -39.81
N TYR C 347 -32.36 21.71 -40.01
CA TYR C 347 -31.20 22.00 -39.20
C TYR C 347 -31.13 23.35 -38.52
N ILE C 348 -31.66 24.41 -39.16
CA ILE C 348 -31.63 25.75 -38.54
C ILE C 348 -32.49 25.79 -37.29
N THR C 349 -33.79 25.66 -37.52
CA THR C 349 -34.71 25.68 -36.42
C THR C 349 -34.48 24.56 -35.41
N ILE C 350 -34.14 23.35 -35.87
CA ILE C 350 -33.91 22.32 -34.87
C ILE C 350 -32.76 22.63 -33.95
N GLY C 351 -31.75 23.29 -34.49
CA GLY C 351 -30.59 23.71 -33.73
C GLY C 351 -30.96 24.84 -32.78
N GLN C 352 -31.80 25.77 -33.25
CA GLN C 352 -32.28 26.87 -32.43
C GLN C 352 -32.99 26.38 -31.18
N LEU C 353 -33.56 25.16 -31.27
CA LEU C 353 -34.26 24.52 -30.14
C LEU C 353 -33.28 23.86 -29.19
N ALA C 354 -32.37 23.05 -29.74
CA ALA C 354 -31.30 22.42 -28.97
C ALA C 354 -30.74 23.49 -28.05
N SER C 355 -30.32 24.61 -28.68
CA SER C 355 -29.86 25.83 -27.99
C SER C 355 -30.75 26.25 -26.81
N VAL C 356 -31.91 26.84 -27.08
CA VAL C 356 -32.81 27.20 -25.98
C VAL C 356 -32.88 26.08 -24.91
N LEU C 357 -33.21 24.84 -25.32
CA LEU C 357 -33.30 23.69 -24.41
C LEU C 357 -32.08 23.59 -23.48
N TYR C 358 -30.88 23.63 -24.05
CA TYR C 358 -29.64 23.61 -23.29
C TYR C 358 -29.81 24.57 -22.16
N PHE C 359 -29.87 25.85 -22.48
CA PHE C 359 -30.00 26.89 -21.46
C PHE C 359 -31.21 26.75 -20.57
N LEU C 360 -32.34 26.41 -21.18
CA LEU C 360 -33.57 26.22 -20.43
C LEU C 360 -33.47 25.05 -19.42
N LEU C 361 -32.79 23.99 -19.84
CA LEU C 361 -32.56 22.82 -19.02
C LEU C 361 -31.61 23.18 -17.83
N ILE C 362 -30.35 23.49 -18.11
CA ILE C 362 -29.40 23.90 -17.07
C ILE C 362 -29.87 25.07 -16.20
N LEU C 363 -30.48 26.08 -16.80
CA LEU C 363 -30.91 27.26 -16.02
C LEU C 363 -32.25 27.22 -15.27
N VAL C 364 -33.14 26.30 -15.65
CA VAL C 364 -34.49 26.28 -15.08
C VAL C 364 -35.03 24.86 -14.84
N LEU C 365 -34.72 23.93 -15.75
CA LEU C 365 -35.21 22.57 -15.61
C LEU C 365 -34.55 21.76 -14.48
N MET C 366 -33.23 21.71 -14.42
CA MET C 366 -32.60 20.96 -13.34
C MET C 366 -32.86 21.44 -11.90
N PRO C 367 -32.75 22.75 -11.66
CA PRO C 367 -33.04 23.31 -10.34
C PRO C 367 -34.45 23.02 -9.87
N THR C 368 -35.44 23.30 -10.69
CA THR C 368 -36.80 23.01 -10.29
C THR C 368 -36.95 21.50 -10.11
N ALA C 369 -36.38 20.71 -11.02
CA ALA C 369 -36.52 19.27 -10.93
C ALA C 369 -36.00 18.80 -9.59
N GLY C 370 -34.97 19.49 -9.13
CA GLY C 370 -34.36 19.16 -7.84
C GLY C 370 -35.11 19.58 -6.61
N THR C 371 -35.83 20.69 -6.72
CA THR C 371 -36.63 21.23 -5.65
C THR C 371 -37.77 20.29 -5.48
N ILE C 372 -38.25 19.78 -6.61
CA ILE C 372 -39.38 18.85 -6.56
C ILE C 372 -39.01 17.59 -5.81
N GLU C 373 -37.83 17.05 -6.13
CA GLU C 373 -37.37 15.84 -5.49
C GLU C 373 -37.28 16.00 -3.98
N ASN C 374 -37.12 17.24 -3.54
CA ASN C 374 -37.05 17.50 -2.11
C ASN C 374 -38.45 17.32 -1.58
N LYS C 375 -39.40 18.03 -2.17
CA LYS C 375 -40.78 17.98 -1.73
C LYS C 375 -41.33 16.58 -1.77
N LEU C 376 -40.76 15.75 -2.64
CA LEU C 376 -41.19 14.37 -2.72
C LEU C 376 -40.61 13.54 -1.57
N LEU C 377 -39.45 13.92 -1.06
CA LEU C 377 -38.84 13.22 0.08
C LEU C 377 -39.31 13.76 1.46
N LYS C 378 -39.84 14.99 1.45
CA LYS C 378 -40.39 15.67 2.60
C LYS C 378 -39.36 16.48 3.27
N TRP C 379 -38.39 16.86 2.45
CA TRP C 379 -37.20 17.66 2.82
C TRP C 379 -37.38 19.13 2.45
N SER D 1 -25.10 21.29 -60.09
CA SER D 1 -24.94 22.59 -59.38
C SER D 1 -25.80 22.61 -58.09
N ASP D 2 -25.17 22.38 -56.94
CA ASP D 2 -25.82 22.41 -55.61
C ASP D 2 -26.62 21.18 -55.09
N LEU D 3 -26.55 20.07 -55.82
CA LEU D 3 -27.18 18.80 -55.45
C LEU D 3 -26.06 17.84 -55.73
N GLU D 4 -26.04 16.66 -55.12
CA GLU D 4 -24.92 15.74 -55.40
C GLU D 4 -25.15 14.26 -55.12
N LEU D 5 -24.15 13.46 -55.50
CA LEU D 5 -24.10 12.01 -55.27
C LEU D 5 -22.71 11.61 -54.67
N HIS D 6 -22.70 10.60 -53.79
CA HIS D 6 -21.48 10.11 -53.15
C HIS D 6 -20.96 8.76 -53.70
N PRO D 7 -19.63 8.65 -53.79
CA PRO D 7 -18.94 7.44 -54.28
C PRO D 7 -19.36 6.11 -53.66
N PRO D 8 -19.33 5.03 -54.41
CA PRO D 8 -19.71 3.71 -53.90
C PRO D 8 -18.56 3.15 -53.11
N SER D 9 -18.79 2.04 -52.43
CA SER D 9 -17.75 1.43 -51.58
C SER D 9 -16.82 0.46 -52.35
N TYR D 10 -15.87 1.01 -53.11
CA TYR D 10 -14.96 0.18 -53.91
C TYR D 10 -13.97 -0.60 -53.05
N PRO D 11 -14.06 -1.92 -53.14
CA PRO D 11 -13.27 -2.85 -52.33
C PRO D 11 -11.81 -2.93 -52.69
N TRP D 12 -11.02 -1.90 -52.37
CA TRP D 12 -9.58 -1.92 -52.65
C TRP D 12 -8.88 -3.09 -51.94
N SER D 13 -7.62 -3.30 -52.30
CA SER D 13 -6.83 -4.36 -51.68
C SER D 13 -6.17 -3.86 -50.37
N HIS D 14 -6.52 -2.64 -49.99
CA HIS D 14 -6.03 -2.01 -48.76
C HIS D 14 -7.19 -1.36 -47.95
N ARG D 15 -8.40 -1.88 -48.13
CA ARG D 15 -9.59 -1.39 -47.44
C ARG D 15 -9.63 -2.02 -46.04
N GLY D 16 -9.43 -3.34 -46.01
CA GLY D 16 -9.43 -4.13 -44.77
C GLY D 16 -8.45 -3.65 -43.72
N LEU D 17 -8.67 -4.05 -42.47
CA LEU D 17 -7.85 -3.56 -41.36
C LEU D 17 -6.34 -3.77 -41.32
N LEU D 18 -5.87 -4.97 -41.58
CA LEU D 18 -4.44 -5.19 -41.56
C LEU D 18 -4.08 -5.45 -42.99
N SER D 19 -4.48 -4.54 -43.87
CA SER D 19 -4.26 -4.72 -45.29
C SER D 19 -3.23 -3.84 -45.94
N SER D 20 -2.12 -4.47 -46.33
CA SER D 20 -1.02 -3.80 -46.99
C SER D 20 -1.43 -3.33 -48.37
N LEU D 21 -0.60 -2.50 -48.97
CA LEU D 21 -0.87 -1.96 -50.30
C LEU D 21 -0.40 -2.94 -51.39
N ASP D 22 -0.94 -2.80 -52.59
CA ASP D 22 -0.49 -3.63 -53.71
C ASP D 22 0.64 -2.83 -54.39
N HIS D 23 1.89 -3.13 -54.01
CA HIS D 23 3.05 -2.42 -54.53
C HIS D 23 3.24 -2.53 -56.01
N THR D 24 2.88 -3.69 -56.54
CA THR D 24 2.90 -3.94 -57.97
C THR D 24 1.94 -2.92 -58.57
N SER D 25 0.79 -2.72 -57.92
CA SER D 25 -0.18 -1.75 -58.40
C SER D 25 0.19 -0.29 -58.14
N ILE D 26 1.20 -0.03 -57.32
CA ILE D 26 1.59 1.36 -57.08
C ILE D 26 2.49 1.85 -58.22
N ARG D 27 3.15 0.89 -58.87
CA ARG D 27 4.04 1.17 -59.98
C ARG D 27 3.23 1.68 -61.11
N ARG D 28 2.31 0.84 -61.54
CA ARG D 28 1.45 1.15 -62.67
C ARG D 28 0.79 2.50 -62.49
N GLY D 29 0.44 2.82 -61.24
CA GLY D 29 -0.14 4.12 -60.93
C GLY D 29 0.89 5.19 -61.08
N PHE D 30 2.09 4.92 -60.56
CA PHE D 30 3.19 5.87 -60.71
C PHE D 30 3.30 6.07 -62.20
N GLN D 31 3.33 4.98 -62.95
CA GLN D 31 3.41 5.08 -64.40
C GLN D 31 2.32 6.03 -64.87
N VAL D 32 1.07 5.76 -64.52
CA VAL D 32 -0.03 6.64 -64.90
C VAL D 32 0.26 8.11 -64.56
N TYR D 33 1.02 8.34 -63.48
CA TYR D 33 1.38 9.70 -63.11
C TYR D 33 2.49 10.26 -64.03
N LYS D 34 3.52 9.44 -64.26
CA LYS D 34 4.70 9.81 -65.04
C LYS D 34 4.42 10.46 -66.39
N GLN D 35 3.40 9.98 -67.09
CA GLN D 35 3.11 10.46 -68.44
C GLN D 35 1.96 11.45 -68.53
N VAL D 36 0.78 11.00 -68.08
CA VAL D 36 -0.46 11.79 -68.13
C VAL D 36 -0.59 12.96 -67.12
N CYS D 37 -0.69 12.64 -65.83
CA CYS D 37 -0.90 13.68 -64.81
C CYS D 37 0.23 14.69 -64.68
N SER D 38 1.47 14.20 -64.66
CA SER D 38 2.67 15.03 -64.46
C SER D 38 2.82 16.30 -65.27
N SER D 39 1.99 16.47 -66.29
CA SER D 39 2.01 17.67 -67.16
C SER D 39 0.93 18.66 -66.73
N CYS D 40 0.22 18.32 -65.68
CA CYS D 40 -0.81 19.18 -65.15
C CYS D 40 -0.73 19.16 -63.62
N HIS D 41 -0.50 17.98 -63.08
CA HIS D 41 -0.48 17.80 -61.64
C HIS D 41 0.86 17.82 -60.95
N SER D 42 0.99 18.77 -60.04
CA SER D 42 2.18 18.86 -59.19
C SER D 42 2.18 17.76 -58.10
N MET D 43 3.35 17.21 -57.80
CA MET D 43 3.44 16.23 -56.72
C MET D 43 4.69 16.53 -55.91
N ASP D 44 4.77 17.80 -55.50
CA ASP D 44 5.90 18.41 -54.77
C ASP D 44 6.48 17.69 -53.54
N TYR D 45 5.74 16.72 -53.01
CA TYR D 45 6.15 16.06 -51.80
C TYR D 45 6.72 14.68 -51.96
N VAL D 46 6.35 13.98 -53.03
CA VAL D 46 6.93 12.66 -53.22
C VAL D 46 8.24 12.85 -53.95
N ALA D 47 9.17 11.91 -53.78
CA ALA D 47 10.50 12.02 -54.38
C ALA D 47 10.95 10.69 -54.98
N TYR D 48 12.01 10.73 -55.76
CA TYR D 48 12.50 9.53 -56.41
C TYR D 48 12.95 8.50 -55.41
N ARG D 49 13.63 8.96 -54.38
CA ARG D 49 14.03 8.05 -53.32
C ARG D 49 12.78 7.47 -52.60
N HIS D 50 11.69 8.24 -52.51
CA HIS D 50 10.48 7.76 -51.82
C HIS D 50 9.97 6.49 -52.47
N LEU D 51 10.26 6.33 -53.76
CA LEU D 51 9.86 5.13 -54.48
C LEU D 51 10.77 3.94 -54.16
N VAL D 52 11.99 4.22 -53.72
CA VAL D 52 12.98 3.18 -53.47
C VAL D 52 12.54 2.05 -52.57
N GLY D 53 12.08 2.41 -51.40
CA GLY D 53 11.65 1.38 -50.47
C GLY D 53 10.47 0.59 -51.01
N VAL D 54 9.60 1.28 -51.74
CA VAL D 54 8.36 0.72 -52.22
C VAL D 54 8.47 -0.38 -53.25
N CYS D 55 8.41 0.05 -54.51
CA CYS D 55 8.34 -0.83 -55.66
C CYS D 55 9.66 -1.12 -56.38
N TYR D 56 10.22 -0.04 -56.91
CA TYR D 56 11.47 -0.03 -57.68
C TYR D 56 12.71 -0.45 -56.91
N THR D 57 13.87 -0.40 -57.57
CA THR D 57 15.13 -0.66 -56.87
C THR D 57 16.03 0.55 -57.00
N GLU D 58 17.08 0.59 -56.16
CA GLU D 58 18.06 1.69 -56.16
C GLU D 58 18.33 2.14 -57.59
N ASP D 59 18.81 1.19 -58.40
CA ASP D 59 19.14 1.41 -59.80
C ASP D 59 18.00 2.00 -60.64
N GLU D 60 16.85 1.32 -60.68
CA GLU D 60 15.69 1.75 -61.48
C GLU D 60 15.33 3.20 -61.20
N ALA D 61 15.27 3.50 -59.90
CA ALA D 61 14.89 4.84 -59.42
C ALA D 61 15.80 5.95 -59.96
N LYS D 62 17.12 5.73 -59.87
CA LYS D 62 18.10 6.68 -60.36
C LYS D 62 17.70 7.02 -61.75
N ALA D 63 17.72 6.01 -62.62
CA ALA D 63 17.40 6.17 -64.03
C ALA D 63 16.10 6.93 -64.24
N LEU D 64 15.05 6.54 -63.52
CA LEU D 64 13.75 7.21 -63.64
C LEU D 64 13.92 8.69 -63.38
N ALA D 65 14.68 9.02 -62.34
CA ALA D 65 14.96 10.39 -61.97
C ALA D 65 15.81 11.02 -63.03
N GLU D 66 16.68 10.21 -63.61
CA GLU D 66 17.62 10.65 -64.65
C GLU D 66 16.97 11.00 -65.99
N GLU D 67 15.66 10.78 -66.11
CA GLU D 67 14.93 11.03 -67.33
C GLU D 67 14.31 12.43 -67.41
N VAL D 68 14.92 13.41 -66.75
CA VAL D 68 14.43 14.79 -66.80
C VAL D 68 15.68 15.65 -66.68
N GLU D 69 15.49 16.94 -66.44
CA GLU D 69 16.57 17.90 -66.25
C GLU D 69 16.10 18.90 -65.19
N VAL D 70 16.88 19.02 -64.13
CA VAL D 70 16.43 19.77 -62.95
C VAL D 70 16.62 21.28 -62.80
N GLN D 71 17.87 21.73 -62.88
CA GLN D 71 18.31 23.12 -62.60
C GLN D 71 18.96 23.02 -61.24
N ASP D 72 20.15 22.44 -61.21
CA ASP D 72 20.87 22.34 -59.96
C ASP D 72 21.36 23.74 -59.59
N GLY D 73 22.10 23.87 -58.50
CA GLY D 73 22.54 25.16 -58.00
C GLY D 73 23.50 25.97 -58.85
N PRO D 74 23.66 27.26 -58.52
CA PRO D 74 24.56 28.16 -59.25
C PRO D 74 26.05 27.90 -59.00
N ASN D 75 26.89 28.26 -59.95
CA ASN D 75 28.34 28.08 -59.81
C ASN D 75 29.11 29.27 -60.38
N GLU D 76 30.13 29.71 -59.64
CA GLU D 76 31.02 30.80 -60.05
C GLU D 76 30.43 32.04 -60.73
N ASP D 77 29.78 31.87 -61.88
CA ASP D 77 29.18 32.98 -62.60
C ASP D 77 27.79 33.34 -62.03
N GLY D 78 27.26 32.48 -61.16
CA GLY D 78 25.92 32.66 -60.63
C GLY D 78 25.02 32.42 -61.81
N GLU D 79 24.91 31.15 -62.21
CA GLU D 79 24.31 30.79 -63.49
C GLU D 79 22.88 30.29 -63.55
N MET D 80 22.74 28.96 -63.43
CA MET D 80 21.48 28.20 -63.51
C MET D 80 21.46 27.19 -64.66
N PHE D 81 22.17 26.07 -64.47
CA PHE D 81 22.26 25.04 -65.50
C PHE D 81 21.19 23.95 -65.44
N MET D 82 21.55 22.72 -65.84
CA MET D 82 20.64 21.58 -65.83
C MET D 82 21.40 20.30 -65.47
N ARG D 83 20.65 19.29 -65.02
CA ARG D 83 21.24 18.07 -64.50
C ARG D 83 20.27 16.91 -64.79
N PRO D 84 20.78 15.69 -65.02
CA PRO D 84 19.94 14.51 -65.29
C PRO D 84 18.85 14.22 -64.26
N GLY D 85 19.00 14.67 -63.01
CA GLY D 85 18.04 14.36 -61.98
C GLY D 85 18.64 13.23 -61.15
N LYS D 86 18.70 13.46 -59.83
CA LYS D 86 19.36 12.49 -58.97
C LYS D 86 18.50 11.37 -58.43
N LEU D 87 18.08 11.54 -57.17
CA LEU D 87 17.25 10.60 -56.45
C LEU D 87 16.66 11.45 -55.37
N SER D 88 17.42 12.50 -55.08
CA SER D 88 17.16 13.49 -54.06
C SER D 88 16.21 14.55 -54.54
N ASP D 89 15.75 14.39 -55.77
CA ASP D 89 14.81 15.33 -56.32
C ASP D 89 13.43 14.84 -56.04
N TYR D 90 12.51 15.78 -55.92
CA TYR D 90 11.13 15.43 -55.76
C TYR D 90 10.55 15.37 -57.18
N PHE D 91 9.26 15.55 -57.29
CA PHE D 91 8.63 15.56 -58.58
C PHE D 91 8.03 16.96 -58.89
N PRO D 92 8.68 18.11 -58.55
CA PRO D 92 8.05 19.41 -58.83
C PRO D 92 8.08 19.69 -60.34
N LYS D 93 6.93 19.68 -61.01
CA LYS D 93 7.02 19.80 -62.43
C LYS D 93 6.24 20.76 -63.33
N PRO D 94 4.98 20.44 -63.66
CA PRO D 94 4.23 21.14 -64.70
C PRO D 94 4.67 22.55 -65.00
N TYR D 95 4.35 23.47 -64.11
CA TYR D 95 4.66 24.86 -64.37
C TYR D 95 5.01 25.69 -63.14
N PRO D 96 5.80 26.74 -63.36
CA PRO D 96 6.26 27.67 -62.30
C PRO D 96 5.21 28.35 -61.40
N ASN D 97 4.77 29.54 -61.81
CA ASN D 97 3.77 30.33 -61.05
C ASN D 97 2.37 29.64 -61.03
N PRO D 98 1.57 29.87 -59.99
CA PRO D 98 0.23 29.24 -59.90
C PRO D 98 -0.66 29.49 -61.12
N GLU D 99 -0.65 30.72 -61.60
CA GLU D 99 -1.45 31.13 -62.73
C GLU D 99 -1.06 30.49 -64.07
N ALA D 100 0.10 29.83 -64.11
CA ALA D 100 0.55 29.14 -65.33
C ALA D 100 -0.22 27.85 -65.59
N ALA D 101 -0.98 27.41 -64.60
CA ALA D 101 -1.85 26.27 -64.78
C ALA D 101 -3.09 26.84 -65.41
N ARG D 102 -3.54 27.95 -64.81
CA ARG D 102 -4.73 28.67 -65.22
C ARG D 102 -4.62 29.14 -66.64
N ALA D 103 -3.53 29.83 -66.96
CA ALA D 103 -3.28 30.30 -68.31
C ALA D 103 -3.45 29.14 -69.29
N ALA D 104 -2.92 27.98 -68.89
CA ALA D 104 -2.98 26.78 -69.71
C ALA D 104 -4.36 26.11 -69.73
N ASN D 105 -4.74 25.51 -68.60
CA ASN D 105 -6.02 24.77 -68.48
C ASN D 105 -7.29 25.65 -68.39
N ASN D 106 -7.10 26.97 -68.40
CA ASN D 106 -8.14 28.03 -68.26
C ASN D 106 -8.65 28.21 -66.88
N GLY D 107 -8.13 29.24 -66.19
CA GLY D 107 -8.53 29.60 -64.82
C GLY D 107 -8.95 28.43 -63.96
N ALA D 108 -8.19 27.33 -64.07
CA ALA D 108 -8.46 26.09 -63.35
C ALA D 108 -7.14 25.42 -62.97
N LEU D 109 -7.04 25.01 -61.72
CA LEU D 109 -5.82 24.38 -61.26
C LEU D 109 -6.02 22.91 -61.06
N PRO D 110 -5.23 22.08 -61.75
CA PRO D 110 -5.20 20.63 -61.50
C PRO D 110 -4.46 20.47 -60.18
N PRO D 111 -5.15 20.45 -59.02
CA PRO D 111 -4.47 20.47 -57.74
C PRO D 111 -3.59 19.27 -57.49
N ASP D 112 -2.41 19.57 -56.92
CA ASP D 112 -1.37 18.61 -56.60
C ASP D 112 -1.87 17.26 -56.15
N LEU D 113 -1.32 16.22 -56.76
CA LEU D 113 -1.75 14.85 -56.48
C LEU D 113 -1.03 14.25 -55.30
N SER D 114 -0.08 15.01 -54.78
CA SER D 114 0.66 14.61 -53.59
C SER D 114 -0.25 14.29 -52.43
N TYR D 115 -1.27 15.11 -52.23
CA TYR D 115 -2.16 14.96 -51.09
C TYR D 115 -3.65 14.76 -51.46
N ILE D 116 -3.95 14.55 -52.74
CA ILE D 116 -5.35 14.44 -53.19
C ILE D 116 -6.25 13.39 -52.52
N VAL D 117 -5.77 12.15 -52.42
CA VAL D 117 -6.56 11.09 -51.80
C VAL D 117 -7.09 11.43 -50.39
N ARG D 118 -6.26 12.09 -49.59
CA ARG D 118 -6.64 12.48 -48.24
C ARG D 118 -7.30 13.84 -48.16
N ALA D 119 -7.33 14.56 -49.27
CA ALA D 119 -7.90 15.90 -49.27
C ALA D 119 -9.30 15.95 -49.86
N ARG D 120 -9.80 14.78 -50.27
CA ARG D 120 -11.06 14.79 -50.90
C ARG D 120 -12.34 14.61 -50.12
N HIS D 121 -12.63 13.38 -49.72
CA HIS D 121 -13.88 13.01 -49.01
C HIS D 121 -14.41 11.91 -49.86
N GLY D 122 -14.19 10.70 -49.37
CA GLY D 122 -14.35 9.55 -50.20
C GLY D 122 -12.86 9.39 -50.43
N GLY D 123 -12.35 8.18 -50.28
CA GLY D 123 -10.92 8.01 -50.35
C GLY D 123 -10.42 8.10 -51.75
N GLU D 124 -9.89 6.98 -52.20
CA GLU D 124 -9.44 6.86 -53.54
C GLU D 124 -10.74 6.70 -54.28
N ASP D 125 -11.75 6.19 -53.57
CA ASP D 125 -13.11 5.98 -54.09
C ASP D 125 -13.59 7.18 -54.90
N TYR D 126 -13.58 8.37 -54.30
CA TYR D 126 -13.96 9.59 -55.03
C TYR D 126 -13.14 9.78 -56.31
N VAL D 127 -11.81 9.73 -56.16
CA VAL D 127 -10.93 9.92 -57.30
C VAL D 127 -11.17 8.83 -58.30
N PHE D 128 -11.10 7.58 -57.85
CA PHE D 128 -11.38 6.47 -58.74
C PHE D 128 -12.64 6.75 -59.50
N SER D 129 -13.71 7.00 -58.78
CA SER D 129 -14.99 7.24 -59.41
C SER D 129 -15.07 8.48 -60.26
N LEU D 130 -14.27 9.50 -59.95
CA LEU D 130 -14.27 10.73 -60.74
C LEU D 130 -13.64 10.42 -62.09
N LEU D 131 -12.47 9.80 -62.04
CA LEU D 131 -11.75 9.40 -63.26
C LEU D 131 -12.50 8.34 -64.09
N THR D 132 -13.00 7.31 -63.43
CA THR D 132 -13.68 6.21 -64.11
C THR D 132 -15.16 6.49 -64.48
N GLY D 133 -15.84 7.32 -63.70
CA GLY D 133 -17.26 7.57 -63.93
C GLY D 133 -17.68 8.76 -64.79
N TYR D 134 -16.85 9.08 -65.77
CA TYR D 134 -17.13 10.17 -66.70
C TYR D 134 -18.40 9.95 -67.51
N CYS D 135 -19.28 10.94 -67.51
CA CYS D 135 -20.56 10.81 -68.22
C CYS D 135 -20.95 11.98 -69.13
N GLU D 136 -22.15 11.88 -69.71
CA GLU D 136 -22.69 12.80 -70.72
C GLU D 136 -23.77 13.75 -70.17
N PRO D 137 -23.58 15.05 -70.41
CA PRO D 137 -24.44 16.12 -69.88
C PRO D 137 -25.92 15.92 -70.12
N PRO D 138 -26.71 15.92 -69.06
CA PRO D 138 -28.16 15.79 -69.18
C PRO D 138 -28.84 17.02 -69.76
N THR D 139 -30.10 16.81 -70.08
CA THR D 139 -31.01 17.77 -70.69
C THR D 139 -31.11 19.11 -69.97
N GLY D 140 -31.47 20.15 -70.70
CA GLY D 140 -31.65 21.47 -70.12
C GLY D 140 -30.44 22.20 -69.54
N VAL D 141 -29.30 21.53 -69.38
CA VAL D 141 -28.13 22.21 -68.87
C VAL D 141 -27.04 22.33 -69.91
N SER D 142 -26.51 23.54 -70.08
CA SER D 142 -25.43 23.83 -71.03
C SER D 142 -24.14 24.19 -70.31
N LEU D 143 -23.02 23.75 -70.86
CA LEU D 143 -21.70 24.00 -70.26
C LEU D 143 -21.03 25.19 -70.93
N ARG D 144 -19.70 25.15 -70.94
CA ARG D 144 -18.92 26.19 -71.58
C ARG D 144 -17.83 25.55 -72.41
N GLU D 145 -18.10 24.33 -72.92
CA GLU D 145 -17.14 23.55 -73.72
C GLU D 145 -15.66 23.58 -73.30
N GLY D 146 -15.47 23.62 -71.99
CA GLY D 146 -14.17 23.60 -71.35
C GLY D 146 -14.52 23.01 -70.03
N LEU D 147 -15.74 23.31 -69.60
CA LEU D 147 -16.28 22.78 -68.38
C LEU D 147 -16.97 21.46 -68.67
N TYR D 148 -16.16 20.42 -68.87
CA TYR D 148 -16.64 19.06 -69.12
C TYR D 148 -17.64 18.59 -68.05
N PHE D 149 -18.43 17.58 -68.38
CA PHE D 149 -19.41 17.10 -67.42
C PHE D 149 -18.89 15.87 -66.66
N ASN D 150 -19.08 15.92 -65.33
CA ASN D 150 -18.74 14.82 -64.44
C ASN D 150 -19.78 14.79 -63.33
N PRO D 151 -20.43 13.64 -63.09
CA PRO D 151 -21.47 13.57 -62.06
C PRO D 151 -20.85 13.50 -60.65
N TYR D 152 -19.68 12.90 -60.55
CA TYR D 152 -18.98 12.78 -59.29
C TYR D 152 -18.15 14.01 -59.02
N PHE D 153 -18.75 15.18 -59.11
CA PHE D 153 -17.99 16.40 -58.94
C PHE D 153 -18.90 17.50 -58.46
N PRO D 154 -18.44 18.21 -57.45
CA PRO D 154 -19.15 19.37 -56.90
C PRO D 154 -19.62 20.34 -57.97
N GLY D 155 -20.91 20.29 -58.28
CA GLY D 155 -21.49 21.16 -59.28
C GLY D 155 -21.65 20.47 -60.61
N GLN D 156 -20.77 19.49 -60.85
CA GLN D 156 -20.72 18.70 -62.09
C GLN D 156 -20.11 19.51 -63.24
N ALA D 157 -19.74 20.75 -62.94
CA ALA D 157 -19.13 21.68 -63.88
C ALA D 157 -17.62 21.75 -63.66
N ILE D 158 -16.92 20.71 -64.11
CA ILE D 158 -15.47 20.55 -63.95
C ILE D 158 -14.79 21.08 -65.19
N GLY D 159 -13.57 21.60 -65.06
CA GLY D 159 -12.82 22.07 -66.22
C GLY D 159 -11.74 21.08 -66.64
N MET D 160 -11.90 19.83 -66.19
CA MET D 160 -10.91 18.79 -66.40
C MET D 160 -11.28 17.71 -67.39
N ALA D 161 -10.46 17.59 -68.44
CA ALA D 161 -10.67 16.59 -69.52
C ALA D 161 -10.42 15.15 -69.03
N PRO D 162 -11.28 14.20 -69.46
CA PRO D 162 -11.23 12.76 -69.06
C PRO D 162 -10.09 11.93 -69.64
N PRO D 163 -8.89 11.95 -69.07
CA PRO D 163 -7.77 11.34 -69.75
C PRO D 163 -7.48 9.97 -69.24
N ILE D 164 -8.45 9.08 -69.26
CA ILE D 164 -8.16 7.74 -68.79
C ILE D 164 -8.14 6.57 -69.83
N TYR D 165 -8.66 6.77 -71.03
CA TYR D 165 -8.50 5.70 -72.00
C TYR D 165 -7.37 5.92 -72.99
N ASN D 166 -6.75 7.10 -72.94
CA ASN D 166 -5.55 7.32 -73.74
C ASN D 166 -4.52 6.33 -73.17
N GLU D 167 -4.71 5.07 -73.54
CA GLU D 167 -3.94 3.94 -73.07
C GLU D 167 -2.48 4.01 -73.47
N VAL D 168 -1.67 4.48 -72.54
CA VAL D 168 -0.23 4.45 -72.72
C VAL D 168 0.12 3.17 -71.95
N LEU D 169 1.34 3.09 -71.44
CA LEU D 169 1.77 1.94 -70.65
C LEU D 169 3.08 1.23 -70.84
N GLU D 170 3.73 0.90 -69.74
CA GLU D 170 5.00 0.16 -69.78
C GLU D 170 4.89 -0.91 -68.71
N PHE D 171 3.79 -1.65 -68.77
CA PHE D 171 3.44 -2.68 -67.79
C PHE D 171 4.41 -3.85 -67.77
N ASP D 172 5.70 -3.56 -67.60
CA ASP D 172 6.76 -4.58 -67.64
C ASP D 172 6.31 -6.04 -67.76
N ASP D 173 5.70 -6.60 -66.70
CA ASP D 173 5.22 -7.98 -66.73
C ASP D 173 4.12 -8.20 -67.78
N GLY D 174 3.24 -7.21 -67.95
CA GLY D 174 2.21 -7.26 -69.00
C GLY D 174 0.78 -7.14 -68.51
N THR D 175 0.21 -5.94 -68.55
CA THR D 175 -1.17 -5.74 -68.11
C THR D 175 -2.07 -4.89 -69.03
N PRO D 176 -3.28 -5.38 -69.27
CA PRO D 176 -4.27 -4.66 -70.08
C PRO D 176 -4.55 -3.26 -69.54
N ALA D 177 -4.18 -2.24 -70.29
CA ALA D 177 -4.40 -0.85 -69.87
C ALA D 177 -5.80 -0.23 -70.17
N THR D 178 -6.86 -0.90 -69.73
CA THR D 178 -8.25 -0.39 -69.89
C THR D 178 -8.50 0.75 -68.90
N MET D 179 -9.62 1.48 -69.08
CA MET D 179 -9.98 2.62 -68.21
C MET D 179 -10.05 2.32 -66.72
N SER D 180 -10.67 1.21 -66.37
CA SER D 180 -10.81 0.84 -64.96
C SER D 180 -9.51 0.37 -64.34
N GLN D 181 -8.95 -0.73 -64.88
CA GLN D 181 -7.68 -1.28 -64.42
C GLN D 181 -6.60 -0.20 -64.27
N VAL D 182 -6.63 0.81 -65.15
CA VAL D 182 -5.69 1.93 -65.05
C VAL D 182 -6.05 2.92 -63.91
N ALA D 183 -7.34 3.08 -63.59
CA ALA D 183 -7.75 4.00 -62.51
C ALA D 183 -7.39 3.47 -61.11
N LYS D 184 -7.63 2.17 -60.91
CA LYS D 184 -7.31 1.47 -59.65
C LYS D 184 -5.84 1.63 -59.36
N ASP D 185 -5.07 1.55 -60.42
CA ASP D 185 -3.66 1.62 -60.33
C ASP D 185 -3.17 2.98 -59.96
N VAL D 186 -3.81 4.04 -60.47
CA VAL D 186 -3.35 5.39 -60.15
C VAL D 186 -3.80 5.84 -58.74
N CYS D 187 -5.00 5.42 -58.38
CA CYS D 187 -5.53 5.73 -57.08
C CYS D 187 -4.69 5.00 -56.05
N THR D 188 -4.43 3.70 -56.28
CA THR D 188 -3.60 2.95 -55.34
C THR D 188 -2.28 3.66 -55.09
N PHE D 189 -1.72 4.21 -56.15
CA PHE D 189 -0.51 5.00 -56.02
C PHE D 189 -0.83 6.32 -55.28
N LEU D 190 -1.96 6.95 -55.61
CA LEU D 190 -2.36 8.20 -54.96
C LEU D 190 -2.67 7.98 -53.47
N ARG D 191 -3.00 6.75 -53.11
CA ARG D 191 -3.22 6.38 -51.70
C ARG D 191 -1.86 6.52 -51.06
N TRP D 192 -0.91 5.72 -51.57
CA TRP D 192 0.46 5.69 -51.10
C TRP D 192 1.17 7.05 -51.25
N ALA D 193 0.75 7.87 -52.20
CA ALA D 193 1.38 9.20 -52.39
C ALA D 193 1.02 10.15 -51.25
N ALA D 194 -0.20 10.04 -50.75
CA ALA D 194 -0.69 10.93 -49.71
C ALA D 194 -0.38 10.41 -48.30
N GLU D 195 -0.36 9.09 -48.16
CA GLU D 195 -0.09 8.43 -46.88
C GLU D 195 0.81 7.21 -47.13
N PRO D 196 2.11 7.44 -47.31
CA PRO D 196 3.10 6.36 -47.59
C PRO D 196 3.26 5.40 -46.43
N GLU D 197 3.16 5.97 -45.23
CA GLU D 197 3.26 5.31 -43.94
C GLU D 197 2.26 4.15 -43.79
N HIS D 198 1.18 4.22 -44.58
CA HIS D 198 0.08 3.24 -44.63
C HIS D 198 0.31 1.79 -44.16
N ASP D 199 1.32 1.13 -44.73
CA ASP D 199 1.54 -0.29 -44.47
C ASP D 199 2.23 -0.58 -43.18
N HIS D 200 3.28 0.19 -42.89
CA HIS D 200 4.08 0.04 -41.66
C HIS D 200 3.22 0.25 -40.40
N ARG D 201 2.28 1.17 -40.50
CA ARG D 201 1.39 1.48 -39.40
C ARG D 201 0.48 0.33 -38.99
N LYS D 202 -0.25 -0.24 -39.95
CA LYS D 202 -1.17 -1.35 -39.68
C LYS D 202 -0.40 -2.60 -39.26
N ARG D 203 0.90 -2.58 -39.47
CA ARG D 203 1.75 -3.67 -39.05
C ARG D 203 1.88 -3.54 -37.55
N MET D 204 2.21 -2.34 -37.09
CA MET D 204 2.37 -2.06 -35.67
C MET D 204 1.04 -2.16 -35.03
N GLY D 205 0.00 -1.80 -35.79
CA GLY D 205 -1.38 -1.87 -35.34
C GLY D 205 -1.74 -3.32 -35.07
N LEU D 206 -1.21 -4.21 -35.90
CA LEU D 206 -1.42 -5.65 -35.71
C LEU D 206 -0.86 -6.04 -34.34
N LYS D 207 0.24 -5.40 -33.96
CA LYS D 207 0.89 -5.65 -32.66
C LYS D 207 0.20 -4.88 -31.51
N MET D 208 -0.15 -3.61 -31.77
CA MET D 208 -0.90 -2.79 -30.82
C MET D 208 -2.20 -3.52 -30.49
N LEU D 209 -2.84 -4.13 -31.47
CA LEU D 209 -4.01 -4.93 -31.19
C LEU D 209 -3.61 -6.28 -30.53
N LEU D 210 -2.41 -6.80 -30.82
CA LEU D 210 -1.97 -8.07 -30.23
C LEU D 210 -1.38 -7.89 -28.82
N MET D 211 -0.48 -6.91 -28.65
CA MET D 211 0.15 -6.67 -27.35
C MET D 211 -0.88 -6.37 -26.33
N MET D 212 -1.85 -5.57 -26.73
CA MET D 212 -2.92 -5.15 -25.87
C MET D 212 -3.71 -6.31 -25.38
N GLY D 213 -4.05 -7.21 -26.30
CA GLY D 213 -4.85 -8.39 -25.99
C GLY D 213 -4.12 -9.32 -25.05
N LEU D 214 -2.84 -9.03 -24.83
CA LEU D 214 -2.05 -9.78 -23.89
C LEU D 214 -1.98 -9.00 -22.55
N LEU D 215 -1.68 -7.69 -22.63
CA LEU D 215 -1.53 -6.82 -21.44
C LEU D 215 -2.82 -6.53 -20.66
N LEU D 216 -3.79 -6.00 -21.39
CA LEU D 216 -5.09 -5.74 -20.84
C LEU D 216 -5.64 -6.81 -19.90
N PRO D 217 -5.62 -8.09 -20.27
CA PRO D 217 -6.06 -9.10 -19.30
C PRO D 217 -5.10 -9.10 -18.13
N LEU D 218 -3.81 -9.31 -18.36
CA LEU D 218 -2.84 -9.24 -17.25
C LEU D 218 -3.00 -8.02 -16.29
N VAL D 219 -3.11 -6.82 -16.82
CA VAL D 219 -3.31 -5.68 -15.95
C VAL D 219 -4.68 -5.73 -15.21
N TYR D 220 -5.71 -6.27 -15.84
CA TYR D 220 -7.00 -6.47 -15.19
C TYR D 220 -6.76 -7.44 -14.05
N ALA D 221 -6.07 -8.55 -14.34
CA ALA D 221 -5.76 -9.55 -13.33
C ALA D 221 -4.98 -8.94 -12.18
N MET D 222 -4.03 -8.05 -12.50
CA MET D 222 -3.22 -7.34 -11.48
C MET D 222 -4.10 -6.56 -10.49
N LYS D 223 -5.00 -5.75 -11.01
CA LYS D 223 -5.86 -4.92 -10.18
C LYS D 223 -6.91 -5.76 -9.46
N ARG D 224 -7.44 -6.76 -10.14
CA ARG D 224 -8.42 -7.63 -9.52
C ARG D 224 -7.78 -8.15 -8.27
N HIS D 225 -6.58 -8.69 -8.44
CA HIS D 225 -5.76 -9.22 -7.36
C HIS D 225 -5.58 -8.30 -6.10
N LYS D 226 -5.16 -7.07 -6.33
CA LYS D 226 -5.04 -6.18 -5.19
C LYS D 226 -6.37 -5.75 -4.60
N TRP D 227 -7.40 -5.65 -5.44
CA TRP D 227 -8.69 -5.25 -4.91
C TRP D 227 -9.43 -6.41 -4.31
N SER D 228 -8.87 -7.59 -4.54
CA SER D 228 -9.40 -8.82 -4.03
C SER D 228 -9.73 -8.67 -2.52
N VAL D 229 -8.76 -8.15 -1.78
CA VAL D 229 -8.89 -7.80 -0.38
C VAL D 229 -10.11 -6.92 -0.08
N LEU D 230 -10.42 -5.94 -0.92
CA LEU D 230 -11.55 -5.08 -0.61
C LEU D 230 -12.87 -5.68 -0.99
N LYS D 231 -12.87 -6.50 -2.03
CA LYS D 231 -14.12 -7.07 -2.51
C LYS D 231 -14.72 -8.15 -1.60
N SER D 232 -13.88 -8.96 -0.98
CA SER D 232 -14.43 -9.97 -0.09
C SER D 232 -14.55 -9.56 1.40
N ARG D 233 -14.30 -8.28 1.72
CA ARG D 233 -14.43 -7.84 3.10
C ARG D 233 -15.85 -8.03 3.59
N LYS D 234 -15.97 -8.70 4.72
CA LYS D 234 -17.25 -8.90 5.33
C LYS D 234 -17.27 -7.98 6.55
N LEU D 235 -18.38 -7.25 6.71
CA LEU D 235 -18.50 -6.34 7.84
C LEU D 235 -19.39 -6.92 8.91
N ALA D 236 -19.25 -6.35 10.11
CA ALA D 236 -20.05 -6.77 11.27
C ALA D 236 -20.22 -5.52 12.12
N TYR D 237 -21.41 -5.32 12.69
CA TYR D 237 -21.67 -4.14 13.54
C TYR D 237 -22.07 -4.60 14.92
N ARG D 238 -21.27 -4.29 15.92
CA ARG D 238 -21.57 -4.87 17.23
C ARG D 238 -21.64 -3.89 18.34
N PRO D 239 -22.70 -3.09 18.35
CA PRO D 239 -22.80 -2.01 19.32
C PRO D 239 -23.16 -2.57 20.67
N PRO D 240 -22.82 -1.85 21.73
CA PRO D 240 -23.11 -2.24 23.09
C PRO D 240 -24.58 -2.40 23.34
N LYS D 241 -24.88 -3.38 24.21
CA LYS D 241 -26.23 -3.86 24.63
C LYS D 241 -26.95 -4.77 23.57
N SER E 1 -16.89 -13.20 25.78
CA SER E 1 -17.98 -12.74 24.89
C SER E 1 -17.48 -12.04 23.64
N HIS E 2 -16.16 -11.90 23.52
CA HIS E 2 -15.62 -11.45 22.25
C HIS E 2 -15.34 -12.82 21.58
N THR E 3 -15.63 -13.88 22.34
CA THR E 3 -15.47 -15.24 21.90
C THR E 3 -16.69 -15.74 21.17
N ASP E 4 -17.72 -14.92 21.05
CA ASP E 4 -18.86 -15.30 20.23
C ASP E 4 -18.41 -15.08 18.78
N ILE E 5 -17.33 -14.31 18.61
CA ILE E 5 -16.83 -13.95 17.30
C ILE E 5 -16.38 -15.08 16.44
N LYS E 6 -17.04 -15.11 15.31
CA LYS E 6 -16.94 -16.07 14.29
C LYS E 6 -16.15 -15.41 13.19
N VAL E 7 -15.33 -16.13 12.47
CA VAL E 7 -14.78 -15.48 11.29
C VAL E 7 -15.59 -16.08 10.15
N PRO E 8 -16.27 -15.20 9.42
CA PRO E 8 -17.11 -15.57 8.28
C PRO E 8 -16.50 -16.67 7.43
N ASP E 9 -17.33 -17.54 6.85
CA ASP E 9 -16.82 -18.60 5.99
C ASP E 9 -16.36 -17.99 4.65
N PHE E 10 -15.19 -18.40 4.15
CA PHE E 10 -14.67 -17.76 2.96
C PHE E 10 -14.57 -18.62 1.73
N SER E 11 -14.90 -19.90 1.88
CA SER E 11 -14.85 -20.85 0.77
C SER E 11 -15.25 -20.23 -0.55
N ASP E 12 -16.22 -19.32 -0.48
CA ASP E 12 -16.79 -18.65 -1.63
C ASP E 12 -15.81 -17.83 -2.49
N TYR E 13 -14.62 -17.55 -1.95
CA TYR E 13 -13.62 -16.77 -2.68
C TYR E 13 -12.28 -17.45 -2.66
N ARG E 14 -12.11 -18.44 -1.80
CA ARG E 14 -10.84 -19.14 -1.65
C ARG E 14 -10.40 -19.92 -2.86
N ARG E 15 -9.13 -19.77 -3.22
CA ARG E 15 -8.54 -20.56 -4.32
C ARG E 15 -8.71 -22.04 -3.95
N PRO E 16 -8.75 -22.93 -4.93
CA PRO E 16 -9.02 -24.36 -4.66
C PRO E 16 -7.99 -24.99 -3.75
N GLU E 17 -6.76 -24.53 -3.88
CA GLU E 17 -5.63 -25.04 -3.13
C GLU E 17 -5.78 -24.77 -1.63
N VAL E 18 -6.55 -23.73 -1.29
CA VAL E 18 -6.76 -23.30 0.08
C VAL E 18 -8.23 -23.49 0.46
N LEU E 19 -8.70 -24.73 0.49
CA LEU E 19 -10.11 -24.95 0.79
C LEU E 19 -10.35 -25.89 1.94
N ASP E 20 -9.34 -26.68 2.23
CA ASP E 20 -9.44 -27.64 3.25
C ASP E 20 -8.82 -27.13 4.56
N SER E 21 -9.60 -27.13 5.64
CA SER E 21 -9.06 -26.81 6.96
C SER E 21 -8.09 -27.93 7.35
N THR E 22 -8.36 -29.15 6.85
CA THR E 22 -7.53 -30.32 7.12
C THR E 22 -6.06 -30.16 6.79
N LYS E 23 -5.71 -29.35 5.79
CA LYS E 23 -4.29 -29.26 5.45
C LYS E 23 -3.64 -27.89 5.23
N SER E 24 -2.32 -27.87 5.36
CA SER E 24 -1.49 -26.70 5.27
C SER E 24 -1.71 -25.85 4.07
N SER E 25 -1.42 -24.57 4.23
CA SER E 25 -1.51 -23.64 3.15
C SER E 25 -0.06 -23.43 2.76
N LYS E 26 0.80 -24.05 3.55
CA LYS E 26 2.23 -23.98 3.34
C LYS E 26 2.58 -24.50 1.94
N GLU E 27 1.98 -25.63 1.59
CA GLU E 27 2.23 -26.27 0.31
C GLU E 27 1.75 -25.44 -0.90
N SER E 28 0.51 -24.97 -0.84
CA SER E 28 -0.10 -24.20 -1.92
C SER E 28 0.48 -22.80 -2.13
N SER E 29 1.19 -22.30 -1.13
CA SER E 29 1.75 -20.95 -1.13
C SER E 29 2.67 -20.63 -2.30
N GLU E 30 3.70 -21.45 -2.46
CA GLU E 30 4.68 -21.22 -3.54
C GLU E 30 3.98 -21.03 -4.88
N ALA E 31 3.14 -22.00 -5.21
CA ALA E 31 2.34 -22.01 -6.42
C ALA E 31 1.41 -20.82 -6.53
N ARG E 32 0.63 -20.58 -5.46
CA ARG E 32 -0.27 -19.45 -5.46
C ARG E 32 0.53 -18.18 -5.66
N LYS E 33 1.66 -18.09 -4.96
CA LYS E 33 2.51 -16.92 -5.10
C LYS E 33 3.10 -16.88 -6.51
N GLY E 34 3.68 -18.00 -6.92
CA GLY E 34 4.25 -18.07 -8.25
C GLY E 34 3.29 -17.56 -9.31
N PHE E 35 2.06 -18.08 -9.28
CA PHE E 35 1.02 -17.70 -10.23
C PHE E 35 0.81 -16.20 -10.39
N SER E 36 0.54 -15.50 -9.28
CA SER E 36 0.31 -14.03 -9.30
C SER E 36 1.58 -13.21 -9.60
N TYR E 37 2.74 -13.78 -9.27
CA TYR E 37 4.00 -13.16 -9.58
C TYR E 37 4.27 -13.33 -11.09
N LEU E 38 4.10 -14.54 -11.60
CA LEU E 38 4.24 -14.81 -13.03
C LEU E 38 3.39 -13.84 -13.82
N VAL E 39 2.21 -13.56 -13.28
CA VAL E 39 1.28 -12.63 -13.90
C VAL E 39 1.86 -11.22 -14.05
N THR E 40 2.38 -10.67 -12.97
CA THR E 40 2.99 -9.34 -13.06
C THR E 40 4.28 -9.41 -13.85
N ALA E 41 5.05 -10.48 -13.63
CA ALA E 41 6.34 -10.64 -14.33
C ALA E 41 6.15 -10.42 -15.83
N THR E 42 5.25 -11.23 -16.39
CA THR E 42 4.85 -11.17 -17.78
C THR E 42 4.32 -9.77 -18.11
N THR E 43 3.47 -9.21 -17.26
CA THR E 43 2.95 -7.87 -17.51
C THR E 43 4.06 -6.86 -17.78
N THR E 44 5.09 -6.87 -16.93
CA THR E 44 6.23 -5.98 -17.10
C THR E 44 6.89 -6.31 -18.42
N VAL E 45 7.14 -7.59 -18.68
CA VAL E 45 7.71 -7.99 -19.96
C VAL E 45 6.93 -7.27 -21.06
N GLY E 46 5.60 -7.42 -21.01
CA GLY E 46 4.71 -6.75 -21.94
C GLY E 46 4.94 -5.24 -21.94
N VAL E 47 4.95 -4.62 -20.77
CA VAL E 47 5.22 -3.18 -20.71
C VAL E 47 6.62 -2.86 -21.28
N ALA E 48 7.57 -3.76 -21.04
CA ALA E 48 8.94 -3.56 -21.51
C ALA E 48 8.92 -3.36 -23.01
N TYR E 49 8.48 -4.41 -23.71
CA TYR E 49 8.43 -4.42 -25.18
C TYR E 49 7.85 -3.14 -25.72
N ALA E 50 6.72 -2.72 -25.18
CA ALA E 50 6.04 -1.52 -25.63
C ALA E 50 6.79 -0.26 -25.30
N ALA E 51 7.50 -0.27 -24.18
CA ALA E 51 8.19 0.93 -23.74
C ALA E 51 9.43 1.20 -24.57
N LYS E 52 10.14 0.15 -24.96
CA LYS E 52 11.34 0.38 -25.77
C LYS E 52 10.91 1.11 -26.98
N ASN E 53 10.06 0.43 -27.74
CA ASN E 53 9.50 0.91 -28.97
C ASN E 53 9.13 2.40 -28.97
N VAL E 54 8.15 2.79 -28.17
CA VAL E 54 7.75 4.21 -28.08
C VAL E 54 8.97 5.10 -27.85
N VAL E 55 9.82 4.69 -26.89
CA VAL E 55 11.05 5.40 -26.55
C VAL E 55 12.01 5.42 -27.74
N SER E 56 12.33 4.23 -28.27
CA SER E 56 13.21 4.12 -29.42
C SER E 56 12.72 4.96 -30.61
N GLN E 57 11.44 4.86 -30.94
CA GLN E 57 10.86 5.66 -32.01
C GLN E 57 11.00 7.17 -31.74
N PHE E 58 10.85 7.59 -30.50
CA PHE E 58 11.08 9.01 -30.19
C PHE E 58 12.59 9.37 -30.29
N VAL E 59 13.47 8.37 -30.09
CA VAL E 59 14.93 8.55 -30.21
C VAL E 59 15.31 8.77 -31.67
N SER E 60 14.88 7.86 -32.53
CA SER E 60 15.15 7.95 -33.97
C SER E 60 14.52 9.18 -34.61
N SER E 61 13.49 9.73 -33.97
CA SER E 61 12.84 10.93 -34.47
C SER E 61 13.79 12.13 -34.47
N MET E 62 15.04 11.90 -34.13
CA MET E 62 16.02 12.97 -34.10
C MET E 62 17.23 12.72 -35.03
N SER E 63 17.15 11.74 -35.93
CA SER E 63 18.32 11.36 -36.76
C SER E 63 18.32 11.53 -38.34
N ALA E 64 17.76 10.55 -39.07
CA ALA E 64 17.68 10.62 -40.53
C ALA E 64 16.71 11.73 -41.04
N SER E 65 16.19 11.58 -42.27
CA SER E 65 15.25 12.58 -42.85
C SER E 65 15.35 12.75 -44.38
N ALA E 66 15.44 14.03 -44.73
CA ALA E 66 15.67 14.53 -46.08
C ALA E 66 17.18 14.79 -46.18
N ASP E 67 17.93 14.12 -45.29
CA ASP E 67 19.38 14.26 -45.16
C ASP E 67 20.09 12.90 -45.21
N VAL E 68 20.25 12.35 -46.40
CA VAL E 68 21.00 11.10 -46.59
C VAL E 68 21.85 11.38 -47.84
N LEU E 69 21.74 12.62 -48.32
CA LEU E 69 22.44 13.15 -49.51
C LEU E 69 23.73 12.42 -49.89
N ALA E 70 24.86 12.86 -49.32
CA ALA E 70 26.20 12.28 -49.59
C ALA E 70 26.59 12.15 -51.08
N MET E 71 25.97 12.97 -51.94
CA MET E 71 26.26 12.92 -53.38
C MET E 71 27.53 13.69 -53.61
N SER E 72 27.37 14.99 -53.89
CA SER E 72 28.47 15.91 -54.17
C SER E 72 29.52 15.29 -55.11
N LYS E 73 30.39 14.43 -54.56
CA LYS E 73 31.45 13.73 -55.30
C LYS E 73 32.14 14.65 -56.27
N ILE E 74 32.34 15.89 -55.84
CA ILE E 74 32.85 16.95 -56.70
C ILE E 74 34.08 16.71 -57.58
N GLU E 75 33.92 17.09 -58.84
CA GLU E 75 35.00 17.02 -59.79
C GLU E 75 35.61 18.42 -59.80
N ILE E 76 36.91 18.49 -59.50
CA ILE E 76 37.61 19.77 -59.42
C ILE E 76 38.68 19.90 -60.52
N LYS E 77 38.65 21.02 -61.27
CA LYS E 77 39.65 21.26 -62.32
C LYS E 77 41.00 21.64 -61.70
N LEU E 78 41.94 20.70 -61.73
CA LEU E 78 43.27 20.85 -61.10
C LEU E 78 44.08 22.11 -61.42
N SER E 79 43.95 22.63 -62.64
CA SER E 79 44.69 23.82 -63.06
C SER E 79 43.93 25.13 -62.75
N ASP E 80 43.20 25.14 -61.64
CA ASP E 80 42.46 26.33 -61.17
C ASP E 80 43.17 26.82 -59.91
N ILE E 81 44.09 25.98 -59.46
CA ILE E 81 44.86 26.25 -58.27
C ILE E 81 46.35 26.30 -58.65
N PRO E 82 46.93 27.50 -58.65
CA PRO E 82 48.35 27.69 -58.96
C PRO E 82 49.24 27.12 -57.84
N GLU E 83 50.55 27.03 -58.06
CA GLU E 83 51.50 26.53 -57.06
C GLU E 83 51.50 27.28 -55.72
N GLY E 84 51.13 26.58 -54.64
CA GLY E 84 51.16 27.15 -53.30
C GLY E 84 49.85 27.63 -52.70
N LYS E 85 48.72 27.22 -53.27
CA LYS E 85 47.41 27.65 -52.75
C LYS E 85 46.42 26.55 -52.34
N ASN E 86 45.75 26.79 -51.22
CA ASN E 86 44.72 25.91 -50.67
C ASN E 86 43.34 26.32 -51.24
N MET E 87 42.85 25.61 -52.26
CA MET E 87 41.51 25.93 -52.79
C MET E 87 40.41 25.09 -52.14
N ALA E 88 39.57 25.77 -51.35
CA ALA E 88 38.50 25.16 -50.54
C ALA E 88 37.11 25.04 -51.15
N PHE E 89 36.58 23.81 -51.19
CA PHE E 89 35.24 23.52 -51.74
C PHE E 89 34.25 22.97 -50.69
N LYS E 90 32.96 23.03 -50.99
CA LYS E 90 31.94 22.46 -50.09
C LYS E 90 31.52 21.07 -50.59
N TRP E 91 31.77 20.06 -49.78
CA TRP E 91 31.47 18.69 -50.17
C TRP E 91 30.80 17.94 -49.03
N ARG E 92 29.58 17.44 -49.27
CA ARG E 92 28.77 16.76 -48.23
C ARG E 92 28.51 17.70 -47.07
N GLY E 93 28.34 18.98 -47.38
CA GLY E 93 28.16 20.01 -46.37
C GLY E 93 29.46 20.30 -45.62
N LYS E 94 30.48 19.49 -45.89
CA LYS E 94 31.79 19.58 -45.24
C LYS E 94 32.74 20.32 -46.12
N PRO E 95 33.39 21.34 -45.57
CA PRO E 95 34.43 22.05 -46.33
C PRO E 95 35.49 21.04 -46.78
N LEU E 96 35.80 21.05 -48.07
CA LEU E 96 36.78 20.13 -48.68
C LEU E 96 38.00 20.91 -49.18
N PHE E 97 39.18 20.47 -48.75
CA PHE E 97 40.41 21.15 -49.13
C PHE E 97 41.20 20.40 -50.24
N VAL E 98 41.57 21.12 -51.29
CA VAL E 98 42.42 20.57 -52.35
C VAL E 98 43.62 21.52 -52.50
N ARG E 99 44.82 20.99 -52.32
CA ARG E 99 45.99 21.84 -52.24
C ARG E 99 47.16 21.56 -53.20
N HIS E 100 47.61 22.61 -53.89
CA HIS E 100 48.76 22.50 -54.76
C HIS E 100 49.96 22.82 -53.91
N ARG E 101 50.82 21.84 -53.69
CA ARG E 101 52.01 22.06 -52.90
C ARG E 101 53.21 22.35 -53.81
N THR E 102 54.06 23.29 -53.39
CA THR E 102 55.25 23.63 -54.15
C THR E 102 56.29 22.53 -53.91
N LYS E 103 57.26 22.41 -54.83
CA LYS E 103 58.33 21.38 -54.71
C LYS E 103 58.98 21.42 -53.31
N LYS E 104 59.29 22.64 -52.86
CA LYS E 104 59.84 22.90 -51.52
C LYS E 104 59.04 22.22 -50.39
N GLU E 105 57.73 22.13 -50.56
CA GLU E 105 56.85 21.53 -49.56
C GLU E 105 56.75 20.00 -49.58
N ILE E 106 56.90 19.39 -50.76
CA ILE E 106 56.86 17.94 -50.88
C ILE E 106 58.08 17.35 -50.17
N ASP E 107 59.20 18.06 -50.29
CA ASP E 107 60.46 17.68 -49.66
C ASP E 107 60.39 17.84 -48.14
N GLN E 108 59.68 18.88 -47.69
CA GLN E 108 59.55 19.18 -46.27
C GLN E 108 58.65 18.18 -45.53
N GLU E 109 57.66 17.64 -46.24
CA GLU E 109 56.73 16.67 -45.66
C GLU E 109 57.29 15.26 -45.57
N ALA E 110 58.08 14.87 -46.57
CA ALA E 110 58.70 13.56 -46.60
C ALA E 110 59.92 13.45 -45.66
N ALA E 111 60.51 14.59 -45.30
CA ALA E 111 61.68 14.61 -44.42
C ALA E 111 61.35 14.74 -42.92
N VAL E 112 60.06 14.76 -42.61
CA VAL E 112 59.59 14.90 -41.23
C VAL E 112 59.68 13.59 -40.41
N GLU E 113 60.15 13.71 -39.15
CA GLU E 113 60.28 12.59 -38.22
C GLU E 113 59.05 11.67 -38.17
N VAL E 114 59.16 10.52 -38.84
CA VAL E 114 58.09 9.53 -38.94
C VAL E 114 57.47 9.09 -37.61
N SER E 115 58.28 8.48 -36.75
CA SER E 115 57.78 7.97 -35.47
C SER E 115 57.54 9.00 -34.35
N GLN E 116 57.83 10.27 -34.60
CA GLN E 116 57.54 11.30 -33.59
C GLN E 116 56.07 11.77 -33.59
N LEU E 117 55.32 11.36 -34.62
CA LEU E 117 53.91 11.75 -34.79
C LEU E 117 52.94 11.10 -33.80
N ARG E 118 51.81 11.79 -33.56
CA ARG E 118 50.73 11.31 -32.67
C ARG E 118 49.95 10.20 -33.40
N ASP E 119 49.74 10.38 -34.71
CA ASP E 119 49.14 9.36 -35.61
C ASP E 119 50.26 9.12 -36.68
N PRO E 120 51.06 8.06 -36.49
CA PRO E 120 52.18 7.74 -37.41
C PRO E 120 51.77 7.46 -38.86
N GLN E 121 51.99 8.43 -39.76
CA GLN E 121 51.66 8.25 -41.18
C GLN E 121 52.63 9.01 -42.08
N HIS E 122 53.32 8.29 -42.96
CA HIS E 122 54.28 8.91 -43.88
C HIS E 122 53.50 9.67 -44.93
N ASP E 123 53.88 10.92 -45.19
CA ASP E 123 53.19 11.81 -46.13
C ASP E 123 52.79 11.17 -47.47
N LEU E 124 53.51 10.11 -47.84
CA LEU E 124 53.27 9.40 -49.09
C LEU E 124 52.09 8.42 -49.12
N GLU E 125 51.56 8.06 -47.95
CA GLU E 125 50.37 7.20 -47.93
C GLU E 125 49.13 8.05 -47.64
N ARG E 126 49.31 9.37 -47.78
CA ARG E 126 48.26 10.38 -47.55
C ARG E 126 47.91 11.11 -48.85
N VAL E 127 48.69 10.83 -49.89
CA VAL E 127 48.49 11.43 -51.19
C VAL E 127 48.83 10.41 -52.25
N LYS E 128 48.35 10.65 -53.47
CA LYS E 128 48.70 9.80 -54.59
C LYS E 128 49.66 10.56 -55.50
N LYS E 129 49.38 11.84 -55.72
CA LYS E 129 50.29 12.74 -56.45
C LYS E 129 50.90 13.72 -55.46
N PRO E 130 52.16 13.51 -55.09
CA PRO E 130 52.89 14.38 -54.16
C PRO E 130 52.68 15.90 -54.30
N GLU E 131 52.27 16.37 -55.48
CA GLU E 131 51.98 17.78 -55.64
C GLU E 131 50.53 18.11 -55.21
N TRP E 132 49.75 17.07 -54.89
CA TRP E 132 48.35 17.28 -54.50
C TRP E 132 47.87 16.51 -53.26
N VAL E 133 47.44 17.27 -52.24
CA VAL E 133 46.87 16.70 -51.02
C VAL E 133 45.39 17.06 -50.90
N ILE E 134 44.51 16.05 -50.85
CA ILE E 134 43.06 16.28 -50.68
C ILE E 134 42.61 15.94 -49.26
N LEU E 135 42.16 16.94 -48.52
CA LEU E 135 41.77 16.74 -47.13
C LEU E 135 40.37 17.28 -46.84
N ILE E 136 39.77 16.74 -45.79
CA ILE E 136 38.46 17.20 -45.36
C ILE E 136 38.70 18.36 -44.41
N GLY E 137 38.11 19.51 -44.73
CA GLY E 137 38.27 20.73 -43.93
C GLY E 137 37.67 20.65 -42.56
N VAL E 138 37.80 19.49 -41.94
CA VAL E 138 37.26 19.21 -40.62
C VAL E 138 38.38 18.77 -39.69
N CYS E 139 38.65 19.58 -38.68
CA CYS E 139 39.69 19.31 -37.71
C CYS E 139 39.32 18.12 -36.85
N THR E 140 40.30 17.31 -36.48
CA THR E 140 40.00 16.14 -35.69
C THR E 140 39.73 16.39 -34.22
N HIS E 141 39.73 17.66 -33.80
CA HIS E 141 39.49 17.96 -32.40
C HIS E 141 38.01 18.17 -32.12
N LEU E 142 37.55 19.41 -32.24
CA LEU E 142 36.13 19.66 -32.00
C LEU E 142 35.39 20.00 -33.29
N GLY E 143 35.80 19.32 -34.37
CA GLY E 143 35.21 19.44 -35.72
C GLY E 143 35.30 20.79 -36.43
N CYS E 144 36.29 21.60 -36.06
CA CYS E 144 36.44 22.94 -36.61
C CYS E 144 37.15 22.98 -37.99
N VAL E 145 37.25 24.16 -38.60
CA VAL E 145 37.84 24.28 -39.97
C VAL E 145 39.14 25.07 -40.00
N PRO E 146 40.24 24.35 -40.24
CA PRO E 146 41.59 24.93 -40.15
C PRO E 146 41.91 26.02 -41.16
N ILE E 147 42.51 27.11 -40.68
CA ILE E 147 42.90 28.24 -41.56
C ILE E 147 44.13 27.89 -42.43
N ALA E 148 44.02 28.18 -43.72
CA ALA E 148 45.05 27.91 -44.70
C ALA E 148 46.29 28.77 -44.54
N ASN E 149 47.45 28.12 -44.56
CA ASN E 149 48.75 28.77 -44.40
C ASN E 149 48.93 29.53 -43.10
N ALA E 150 48.86 28.79 -42.00
CA ALA E 150 49.07 29.35 -40.68
C ALA E 150 49.71 28.31 -39.76
N GLY E 151 50.59 28.75 -38.86
CA GLY E 151 51.19 27.85 -37.89
C GLY E 151 52.68 27.54 -37.98
N ASP E 152 53.14 26.71 -37.04
CA ASP E 152 54.54 26.28 -36.95
C ASP E 152 54.90 25.39 -38.12
N PHE E 153 53.88 24.80 -38.77
CA PHE E 153 54.16 23.84 -39.82
C PHE E 153 53.76 24.19 -41.24
N GLY E 154 53.59 25.49 -41.50
CA GLY E 154 53.22 26.01 -42.80
C GLY E 154 52.20 25.19 -43.56
N GLY E 155 51.21 24.69 -42.85
CA GLY E 155 50.17 23.92 -43.47
C GLY E 155 48.87 24.53 -43.04
N TYR E 156 48.38 24.08 -41.89
CA TYR E 156 47.14 24.59 -41.37
C TYR E 156 47.20 24.78 -39.88
N TYR E 157 46.26 25.56 -39.38
CA TYR E 157 46.17 25.85 -37.98
C TYR E 157 44.71 26.10 -37.69
N CYS E 158 44.12 25.23 -36.89
CA CYS E 158 42.75 25.39 -36.52
C CYS E 158 42.71 26.45 -35.42
N PRO E 159 42.02 27.57 -35.65
CA PRO E 159 41.95 28.66 -34.68
C PRO E 159 41.12 28.26 -33.47
N CYS E 160 40.35 27.18 -33.62
CA CYS E 160 39.50 26.68 -32.54
C CYS E 160 40.25 26.51 -31.22
N HIS E 161 41.31 25.71 -31.22
CA HIS E 161 42.08 25.50 -29.99
C HIS E 161 43.57 25.34 -30.24
N GLY E 162 44.05 25.93 -31.30
CA GLY E 162 45.46 25.86 -31.58
C GLY E 162 46.03 24.54 -32.04
N SER E 163 45.38 23.91 -32.99
CA SER E 163 45.93 22.69 -33.53
C SER E 163 46.75 23.12 -34.74
N HIS E 164 48.05 22.84 -34.68
CA HIS E 164 48.96 23.17 -35.77
C HIS E 164 49.15 21.93 -36.64
N TYR E 165 48.66 22.03 -37.87
CA TYR E 165 48.77 20.95 -38.85
C TYR E 165 49.89 21.19 -39.88
N ASP E 166 50.35 20.10 -40.50
CA ASP E 166 51.39 20.22 -41.50
C ASP E 166 50.78 20.26 -42.92
N ALA E 167 51.61 20.11 -43.95
CA ALA E 167 51.11 20.15 -45.34
C ALA E 167 50.40 18.87 -45.85
N SER E 168 50.44 17.79 -45.07
CA SER E 168 49.76 16.54 -45.41
C SER E 168 48.48 16.38 -44.57
N GLY E 169 48.29 17.27 -43.60
CA GLY E 169 47.13 17.24 -42.74
C GLY E 169 47.30 16.55 -41.40
N ARG E 170 48.53 16.13 -41.13
CA ARG E 170 48.85 15.43 -39.88
C ARG E 170 48.87 16.35 -38.66
N ILE E 171 48.81 15.77 -37.47
CA ILE E 171 48.83 16.60 -36.29
C ILE E 171 50.21 16.61 -35.68
N ARG E 172 50.71 17.81 -35.44
CA ARG E 172 52.05 17.97 -34.92
C ARG E 172 52.06 18.74 -33.62
N LYS E 173 51.06 19.58 -33.41
CA LYS E 173 51.00 20.39 -32.20
C LYS E 173 49.55 20.75 -31.85
N GLY E 174 49.22 20.68 -30.57
CA GLY E 174 47.88 21.03 -30.14
C GLY E 174 47.02 19.84 -29.73
N PRO E 175 45.79 20.16 -29.30
CA PRO E 175 44.81 19.18 -28.79
C PRO E 175 44.31 18.08 -29.74
N ALA E 176 44.21 18.37 -31.04
CA ALA E 176 43.71 17.42 -32.06
C ALA E 176 44.34 16.02 -32.05
N PRO E 177 43.51 14.99 -31.93
CA PRO E 177 43.97 13.62 -31.77
C PRO E 177 44.41 12.94 -33.05
N LEU E 178 43.72 13.14 -34.18
CA LEU E 178 44.07 12.46 -35.43
C LEU E 178 44.45 13.36 -36.60
N ASN E 179 44.91 12.75 -37.70
CA ASN E 179 45.27 13.49 -38.91
C ASN E 179 44.01 13.77 -39.72
N LEU E 180 43.87 15.01 -40.21
CA LEU E 180 42.75 15.41 -41.07
C LEU E 180 42.39 14.26 -42.01
N GLU E 181 41.11 14.03 -42.25
CA GLU E 181 40.72 12.88 -43.07
C GLU E 181 41.00 13.01 -44.54
N VAL E 182 41.60 11.96 -45.08
CA VAL E 182 41.89 11.84 -46.51
C VAL E 182 40.67 11.10 -47.10
N PRO E 183 39.88 11.81 -47.91
CA PRO E 183 38.67 11.22 -48.50
C PRO E 183 39.01 10.20 -49.57
N SER E 184 37.99 9.55 -50.11
CA SER E 184 38.17 8.61 -51.20
C SER E 184 38.25 9.47 -52.48
N TYR E 185 39.42 9.52 -53.11
CA TYR E 185 39.57 10.33 -54.32
C TYR E 185 40.49 9.67 -55.29
N GLU E 186 40.43 10.14 -56.54
CA GLU E 186 41.26 9.62 -57.65
C GLU E 186 41.53 10.67 -58.73
N PHE E 187 42.61 10.46 -59.47
CA PHE E 187 42.96 11.34 -60.59
C PHE E 187 42.57 10.66 -61.91
N THR E 188 41.46 11.10 -62.50
CA THR E 188 40.95 10.52 -63.74
C THR E 188 41.67 10.97 -65.01
N SER E 189 42.38 12.09 -64.91
CA SER E 189 43.13 12.62 -66.05
C SER E 189 44.25 13.60 -65.66
N ASP E 190 44.58 14.49 -66.60
CA ASP E 190 45.61 15.50 -66.41
C ASP E 190 45.17 16.72 -65.58
N ASP E 191 43.92 17.15 -65.75
CA ASP E 191 43.40 18.30 -65.02
C ASP E 191 42.19 17.94 -64.16
N MET E 192 41.85 16.65 -64.14
CA MET E 192 40.69 16.20 -63.36
C MET E 192 40.99 15.34 -62.13
N VAL E 193 40.24 15.61 -61.08
CA VAL E 193 40.33 14.82 -59.86
C VAL E 193 38.95 14.73 -59.22
N ILE E 194 38.46 13.50 -59.04
CA ILE E 194 37.14 13.33 -58.45
C ILE E 194 37.21 12.81 -57.02
N VAL E 195 36.67 13.60 -56.10
CA VAL E 195 36.63 13.27 -54.68
C VAL E 195 35.29 12.64 -54.31
N GLY E 196 35.30 11.49 -53.64
CA GLY E 196 34.07 10.85 -53.21
C GLY E 196 34.04 9.35 -53.40
N VAL F 6 -57.52 13.14 3.80
CA VAL F 6 -57.56 11.83 4.52
C VAL F 6 -57.70 10.64 3.56
N SER F 7 -58.69 10.72 2.67
CA SER F 7 -59.03 9.64 1.74
C SER F 7 -58.15 9.51 0.48
N ALA F 8 -58.76 9.22 -0.66
CA ALA F 8 -58.05 9.04 -1.94
C ALA F 8 -56.94 10.05 -2.23
N SER F 9 -57.25 11.34 -2.07
CA SER F 9 -56.28 12.44 -2.30
C SER F 9 -54.93 12.33 -1.56
N SER F 10 -54.98 12.04 -0.26
CA SER F 10 -53.77 11.97 0.55
C SER F 10 -52.98 10.69 0.38
N ARG F 11 -53.68 9.59 0.11
CA ARG F 11 -53.01 8.30 -0.10
C ARG F 11 -52.38 8.34 -1.45
N TRP F 12 -52.91 9.21 -2.31
CA TRP F 12 -52.38 9.39 -3.65
C TRP F 12 -51.04 10.07 -3.56
N LEU F 13 -51.00 11.19 -2.84
CA LEU F 13 -49.74 11.86 -2.69
C LEU F 13 -48.81 10.93 -1.94
N GLU F 14 -49.34 10.25 -0.93
CA GLU F 14 -48.54 9.32 -0.15
C GLU F 14 -47.88 8.24 -0.99
N GLY F 15 -48.62 7.66 -1.92
CA GLY F 15 -48.07 6.61 -2.78
C GLY F 15 -47.17 7.18 -3.90
N ILE F 16 -47.39 8.46 -4.26
CA ILE F 16 -46.52 9.18 -5.22
C ILE F 16 -45.16 9.17 -4.55
N ARG F 17 -45.14 9.57 -3.28
CA ARG F 17 -43.93 9.55 -2.45
C ARG F 17 -43.42 8.14 -2.25
N LYS F 18 -44.27 7.21 -1.81
CA LYS F 18 -43.77 5.85 -1.59
C LYS F 18 -43.15 5.34 -2.86
N TRP F 19 -43.56 5.93 -3.98
CA TRP F 19 -43.01 5.55 -5.25
C TRP F 19 -41.66 6.23 -5.36
N TYR F 20 -41.66 7.56 -5.45
CA TYR F 20 -40.42 8.28 -5.59
C TYR F 20 -39.40 7.76 -4.62
N TYR F 21 -39.83 7.53 -3.38
CA TYR F 21 -38.94 6.97 -2.39
C TYR F 21 -38.34 5.73 -2.95
N ASN F 22 -39.17 4.72 -3.20
CA ASN F 22 -38.70 3.44 -3.69
C ASN F 22 -37.87 3.67 -4.92
N ALA F 23 -38.21 4.73 -5.64
CA ALA F 23 -37.51 5.03 -6.87
C ALA F 23 -36.12 5.53 -6.58
N ALA F 24 -35.99 6.39 -5.57
CA ALA F 24 -34.72 6.98 -5.19
C ALA F 24 -33.63 5.93 -5.03
N GLY F 25 -33.98 4.81 -4.43
CA GLY F 25 -33.05 3.69 -4.40
C GLY F 25 -32.04 3.55 -3.28
N PHE F 26 -32.04 4.49 -2.33
CA PHE F 26 -31.10 4.38 -1.25
C PHE F 26 -31.38 3.18 -0.42
N ASN F 27 -32.65 2.91 -0.31
CA ASN F 27 -33.15 1.77 0.40
C ASN F 27 -32.44 0.46 0.10
N LYS F 28 -32.11 0.27 -1.18
CA LYS F 28 -31.51 -0.98 -1.62
C LYS F 28 -30.11 -1.18 -1.06
N LEU F 29 -29.55 -0.09 -0.49
CA LEU F 29 -28.25 -0.07 0.16
C LEU F 29 -28.56 0.25 1.58
N GLY F 30 -29.63 -0.33 2.12
CA GLY F 30 -30.01 -0.10 3.52
C GLY F 30 -29.91 1.30 4.13
N LEU F 31 -29.79 2.34 3.31
CA LEU F 31 -29.71 3.70 3.81
C LEU F 31 -31.03 4.22 4.34
N MET F 32 -30.98 5.44 4.82
CA MET F 32 -32.19 6.08 5.30
C MET F 32 -32.09 7.47 4.75
N ARG F 33 -33.23 8.06 4.45
CA ARG F 33 -33.23 9.40 3.88
C ARG F 33 -32.23 10.35 4.59
N ASP F 34 -32.21 10.35 5.91
CA ASP F 34 -31.28 11.23 6.59
C ASP F 34 -29.83 10.92 6.36
N ASP F 35 -29.49 9.66 6.05
CA ASP F 35 -28.13 9.23 5.69
C ASP F 35 -27.67 9.84 4.35
N THR F 36 -28.61 10.17 3.51
CA THR F 36 -28.26 10.65 2.22
C THR F 36 -28.16 12.16 2.15
N ILE F 37 -28.53 12.84 3.23
CA ILE F 37 -28.54 14.30 3.30
C ILE F 37 -27.16 14.90 3.06
N HIS F 38 -27.08 15.88 2.16
CA HIS F 38 -25.82 16.56 1.84
C HIS F 38 -25.29 17.27 3.03
N GLU F 39 -24.07 16.95 3.45
CA GLU F 39 -23.55 17.62 4.63
C GLU F 39 -23.12 19.05 4.40
N ASN F 40 -23.84 20.01 4.96
CA ASN F 40 -23.29 21.33 5.00
C ASN F 40 -23.00 21.71 6.45
N ASP F 41 -22.95 23.00 6.73
CA ASP F 41 -22.73 23.40 8.11
C ASP F 41 -23.89 23.00 9.00
N ASP F 42 -25.09 23.46 8.66
CA ASP F 42 -26.25 23.13 9.45
C ASP F 42 -26.30 21.63 9.66
N VAL F 43 -26.13 20.86 8.58
CA VAL F 43 -26.14 19.40 8.71
C VAL F 43 -25.02 18.92 9.64
N LYS F 44 -23.80 19.36 9.37
CA LYS F 44 -22.65 18.85 10.10
C LYS F 44 -22.85 18.94 11.58
N GLU F 45 -23.41 20.07 12.03
CA GLU F 45 -23.64 20.24 13.45
C GLU F 45 -24.68 19.32 13.91
N ALA F 46 -25.74 19.19 13.15
CA ALA F 46 -26.80 18.30 13.57
C ALA F 46 -26.22 16.90 13.78
N ILE F 47 -25.33 16.44 12.89
CA ILE F 47 -24.72 15.12 13.04
C ILE F 47 -23.95 15.07 14.35
N ARG F 48 -23.23 16.15 14.66
CA ARG F 48 -22.47 16.27 15.93
C ARG F 48 -23.43 16.05 17.08
N ARG F 49 -24.53 16.78 17.06
CA ARG F 49 -25.51 16.67 18.09
C ARG F 49 -26.16 15.33 18.19
N LEU F 50 -25.95 14.39 17.29
CA LEU F 50 -26.67 13.11 17.52
C LEU F 50 -26.05 12.38 18.70
N PRO F 51 -26.89 11.66 19.41
CA PRO F 51 -26.52 10.80 20.51
C PRO F 51 -25.69 9.64 20.06
N GLU F 52 -24.99 9.01 20.99
CA GLU F 52 -24.08 7.91 20.67
C GLU F 52 -24.67 6.82 19.80
N ASN F 53 -25.67 6.14 20.32
CA ASN F 53 -26.37 5.11 19.56
C ASN F 53 -26.66 5.50 18.11
N LEU F 54 -27.35 6.61 17.91
CA LEU F 54 -27.71 7.04 16.57
C LEU F 54 -26.48 7.16 15.77
N TYR F 55 -25.64 8.10 16.13
CA TYR F 55 -24.38 8.26 15.44
C TYR F 55 -23.77 6.92 15.08
N ASP F 56 -23.51 6.09 16.09
CA ASP F 56 -22.92 4.81 15.83
C ASP F 56 -23.64 4.01 14.78
N ASP F 57 -24.98 4.04 14.81
CA ASP F 57 -25.83 3.32 13.82
C ASP F 57 -25.66 3.92 12.42
N ARG F 58 -25.78 5.23 12.30
CA ARG F 58 -25.60 5.91 11.04
C ARG F 58 -24.26 5.64 10.38
N VAL F 59 -23.18 5.48 11.16
CA VAL F 59 -21.91 5.24 10.49
C VAL F 59 -21.86 3.85 10.00
N PHE F 60 -22.53 2.92 10.66
CA PHE F 60 -22.45 1.59 10.14
C PHE F 60 -23.29 1.49 8.91
N ARG F 61 -24.38 2.25 8.91
CA ARG F 61 -25.27 2.30 7.76
C ARG F 61 -24.52 2.81 6.51
N ILE F 62 -24.08 4.05 6.52
CA ILE F 62 -23.31 4.58 5.41
C ILE F 62 -22.13 3.68 5.02
N LYS F 63 -21.53 3.03 6.00
CA LYS F 63 -20.42 2.17 5.76
C LYS F 63 -20.85 1.00 4.95
N ARG F 64 -22.04 0.47 5.23
CA ARG F 64 -22.55 -0.70 4.48
C ARG F 64 -22.79 -0.29 3.05
N ALA F 65 -23.35 0.92 2.90
CA ALA F 65 -23.71 1.50 1.59
C ALA F 65 -22.48 1.77 0.72
N LEU F 66 -21.51 2.48 1.28
CA LEU F 66 -20.32 2.73 0.57
C LEU F 66 -19.68 1.38 0.22
N ASP F 67 -19.82 0.39 1.08
CA ASP F 67 -19.26 -0.91 0.75
C ASP F 67 -20.02 -1.52 -0.40
N LEU F 68 -21.32 -1.30 -0.40
CA LEU F 68 -22.16 -1.81 -1.48
C LEU F 68 -21.81 -1.11 -2.78
N SER F 69 -22.01 0.21 -2.77
CA SER F 69 -21.72 1.10 -3.85
C SER F 69 -20.38 0.76 -4.45
N MET F 70 -19.46 0.32 -3.59
CA MET F 70 -18.18 -0.10 -4.09
C MET F 70 -18.30 -1.32 -4.99
N ARG F 71 -18.67 -2.47 -4.40
CA ARG F 71 -18.77 -3.67 -5.16
C ARG F 71 -20.02 -3.75 -6.02
N GLN F 72 -20.64 -2.57 -6.20
CA GLN F 72 -21.83 -2.40 -7.03
C GLN F 72 -23.00 -3.34 -6.91
N GLN F 73 -23.12 -3.92 -5.72
CA GLN F 73 -24.22 -4.76 -5.39
C GLN F 73 -25.27 -3.90 -4.69
N ILE F 74 -26.25 -4.57 -4.11
CA ILE F 74 -27.35 -3.93 -3.43
C ILE F 74 -27.85 -4.96 -2.44
N LEU F 75 -28.57 -4.53 -1.44
CA LEU F 75 -29.04 -5.51 -0.46
C LEU F 75 -30.21 -6.38 -0.91
N PRO F 76 -30.24 -7.62 -0.41
CA PRO F 76 -31.38 -8.50 -0.62
C PRO F 76 -32.68 -7.70 -0.47
N LYS F 77 -33.74 -8.07 -1.20
CA LYS F 77 -34.94 -7.27 -1.16
C LYS F 77 -35.56 -7.19 0.22
N GLU F 78 -35.47 -8.31 0.94
CA GLU F 78 -36.01 -8.40 2.31
C GLU F 78 -35.47 -7.26 3.20
N GLN F 79 -34.16 -7.02 3.12
CA GLN F 79 -33.52 -6.02 3.96
C GLN F 79 -33.50 -4.56 3.46
N TRP F 80 -34.11 -4.28 2.31
CA TRP F 80 -34.15 -2.89 1.84
C TRP F 80 -34.85 -2.09 2.87
N THR F 81 -34.70 -0.80 2.84
CA THR F 81 -35.34 -0.04 3.88
C THR F 81 -36.71 0.32 3.49
N LYS F 82 -37.66 -0.10 4.31
CA LYS F 82 -39.06 0.12 4.06
C LYS F 82 -39.46 1.53 4.32
N TYR F 83 -39.96 2.18 3.26
CA TYR F 83 -40.50 3.56 3.34
C TYR F 83 -41.37 3.66 4.58
N GLU F 84 -41.47 4.84 5.15
CA GLU F 84 -42.22 4.97 6.41
C GLU F 84 -42.20 3.70 7.31
N GLU F 85 -40.96 3.31 7.58
CA GLU F 85 -40.51 2.35 8.55
C GLU F 85 -39.13 2.96 8.58
N ASP F 86 -39.03 4.07 7.85
CA ASP F 86 -37.81 4.84 7.76
C ASP F 86 -37.91 5.96 8.75
N LYS F 87 -37.14 5.80 9.82
CA LYS F 87 -37.03 6.76 10.95
C LYS F 87 -36.27 8.01 10.50
N SER F 88 -36.91 9.17 10.62
CA SER F 88 -36.28 10.42 10.21
C SER F 88 -35.48 11.04 11.36
N TYR F 89 -34.42 10.33 11.76
CA TYR F 89 -33.66 10.65 12.96
C TYR F 89 -32.94 11.95 13.11
N LEU F 90 -32.63 12.62 12.00
CA LEU F 90 -31.76 13.79 12.05
C LEU F 90 -32.52 15.08 12.09
N GLU F 91 -33.69 15.02 11.46
CA GLU F 91 -34.57 16.17 11.28
C GLU F 91 -34.72 17.07 12.52
N PRO F 92 -35.12 16.49 13.68
CA PRO F 92 -35.33 17.32 14.87
C PRO F 92 -34.10 18.14 15.16
N TYR F 93 -32.90 17.54 15.03
CA TYR F 93 -31.67 18.27 15.28
C TYR F 93 -31.46 19.31 14.23
N LEU F 94 -31.58 18.88 12.98
CA LEU F 94 -31.31 19.79 11.89
C LEU F 94 -32.22 21.00 12.00
N LYS F 95 -33.47 20.71 12.35
CA LYS F 95 -34.43 21.76 12.48
C LYS F 95 -33.93 22.79 13.52
N GLU F 96 -33.53 22.29 14.70
CA GLU F 96 -33.11 23.17 15.79
C GLU F 96 -31.79 23.86 15.52
N VAL F 97 -30.89 23.19 14.79
CA VAL F 97 -29.63 23.81 14.43
C VAL F 97 -29.89 25.00 13.56
N ILE F 98 -30.78 24.86 12.58
CA ILE F 98 -31.16 25.97 11.69
C ILE F 98 -31.84 27.04 12.48
N ARG F 99 -32.80 26.57 13.28
CA ARG F 99 -33.60 27.45 14.08
C ARG F 99 -32.70 28.43 14.75
N GLU F 100 -31.57 27.91 15.25
CA GLU F 100 -30.57 28.67 16.00
C GLU F 100 -29.87 29.70 15.13
N ARG F 101 -29.36 29.25 13.99
CA ARG F 101 -28.62 30.10 13.08
C ARG F 101 -29.42 31.28 12.65
N LYS F 102 -30.67 31.03 12.31
CA LYS F 102 -31.54 32.08 11.87
C LYS F 102 -31.66 33.16 12.94
N GLU F 103 -31.64 32.76 14.22
CA GLU F 103 -31.75 33.75 15.29
C GLU F 103 -30.58 34.72 15.31
N ARG F 104 -29.37 34.21 15.10
CA ARG F 104 -28.20 35.04 15.12
C ARG F 104 -28.31 35.87 13.85
N GLU F 105 -28.80 35.23 12.79
CA GLU F 105 -28.96 35.88 11.50
C GLU F 105 -29.87 37.13 11.62
N GLU F 106 -30.97 36.98 12.35
CA GLU F 106 -31.89 38.07 12.59
C GLU F 106 -31.26 39.07 13.52
N TRP F 107 -30.49 38.56 14.47
CA TRP F 107 -29.82 39.42 15.43
C TRP F 107 -28.78 40.27 14.71
N ALA F 108 -28.28 39.74 13.61
CA ALA F 108 -27.26 40.44 12.89
C ALA F 108 -27.73 41.62 12.05
N LYS F 109 -29.05 41.76 11.86
CA LYS F 109 -29.55 42.82 10.99
C LYS F 109 -29.87 44.12 11.68
N LYS F 110 -30.07 44.07 13.00
CA LYS F 110 -30.50 45.27 13.70
C LYS F 110 -29.52 46.39 13.95
N GLY G 1 -4.61 19.07 3.76
CA GLY G 1 -5.29 18.14 4.75
C GLY G 1 -5.54 16.69 4.28
N ARG G 2 -5.93 15.80 5.21
CA ARG G 2 -6.26 14.43 4.87
C ARG G 2 -5.93 13.58 6.03
N GLN G 3 -4.91 12.75 5.88
CA GLN G 3 -4.35 11.96 7.01
C GLN G 3 -5.21 10.86 7.69
N PHE G 4 -4.75 9.62 7.67
CA PHE G 4 -5.50 8.61 8.35
C PHE G 4 -5.20 8.74 9.80
N GLY G 5 -6.18 8.46 10.64
CA GLY G 5 -5.99 8.60 12.06
C GLY G 5 -6.62 9.89 12.49
N HIS G 6 -6.98 10.71 11.50
CA HIS G 6 -7.63 12.01 11.70
C HIS G 6 -8.80 12.23 10.77
N LEU G 7 -9.47 11.15 10.36
CA LEU G 7 -10.57 11.31 9.44
C LEU G 7 -11.83 11.61 10.18
N THR G 8 -12.44 10.58 10.78
CA THR G 8 -13.66 10.75 11.57
C THR G 8 -13.75 9.66 12.66
N ARG G 9 -14.86 9.62 13.39
CA ARG G 9 -15.04 8.73 14.55
C ARG G 9 -15.80 7.48 14.24
N VAL G 10 -15.33 6.32 14.66
CA VAL G 10 -16.05 5.09 14.36
C VAL G 10 -15.95 4.06 15.48
N ARG G 11 -17.09 3.53 15.92
CA ARG G 11 -17.07 2.56 17.00
C ARG G 11 -17.85 1.34 16.64
N HIS G 12 -17.41 0.21 17.13
CA HIS G 12 -18.07 -1.10 17.04
C HIS G 12 -18.20 -1.85 15.71
N VAL G 13 -17.41 -1.47 14.72
CA VAL G 13 -17.47 -2.14 13.45
C VAL G 13 -16.28 -3.05 13.23
N ILE G 14 -16.54 -4.32 13.06
CA ILE G 14 -15.48 -5.28 12.79
C ILE G 14 -15.27 -5.40 11.28
N THR G 15 -14.04 -5.61 10.78
CA THR G 15 -13.83 -5.86 9.35
C THR G 15 -12.95 -7.10 9.05
N TYR G 16 -13.57 -8.21 8.59
CA TYR G 16 -12.85 -9.45 8.23
C TYR G 16 -12.36 -9.36 6.78
N SER G 17 -11.06 -9.55 6.57
CA SER G 17 -10.52 -9.42 5.20
C SER G 17 -9.62 -10.57 4.83
N LEU G 18 -9.24 -10.67 3.56
CA LEU G 18 -8.41 -11.81 3.14
C LEU G 18 -7.25 -11.50 2.20
N SER G 19 -6.09 -12.05 2.54
CA SER G 19 -4.86 -11.90 1.77
C SER G 19 -5.12 -12.27 0.36
N PRO G 20 -4.81 -11.34 -0.54
CA PRO G 20 -5.05 -11.53 -1.97
C PRO G 20 -4.42 -12.79 -2.50
N PHE G 21 -3.44 -13.32 -1.79
CA PHE G 21 -2.82 -14.52 -2.27
C PHE G 21 -3.62 -15.69 -1.80
N GLU G 22 -4.80 -15.44 -1.21
CA GLU G 22 -5.66 -16.53 -0.71
C GLU G 22 -7.08 -16.69 -1.28
N GLN G 23 -7.43 -15.80 -2.20
CA GLN G 23 -8.72 -15.86 -2.89
C GLN G 23 -8.51 -15.81 -4.36
N ARG G 24 -9.55 -16.12 -5.13
CA ARG G 24 -9.40 -16.01 -6.56
C ARG G 24 -9.79 -14.60 -6.97
N ALA G 25 -9.01 -14.01 -7.88
CA ALA G 25 -9.25 -12.62 -8.30
C ALA G 25 -10.53 -12.49 -9.10
N PHE G 26 -10.99 -13.61 -9.62
CA PHE G 26 -12.23 -13.66 -10.38
C PHE G 26 -13.05 -14.76 -9.79
N PRO G 27 -13.92 -14.40 -8.86
CA PRO G 27 -14.87 -15.35 -8.28
C PRO G 27 -15.85 -15.68 -9.38
N HIS G 28 -17.07 -16.05 -9.10
CA HIS G 28 -18.00 -16.38 -10.16
C HIS G 28 -18.10 -15.18 -11.14
N TYR G 29 -17.07 -15.04 -12.00
CA TYR G 29 -16.94 -13.89 -12.90
C TYR G 29 -18.08 -13.77 -13.82
N PHE G 30 -18.47 -14.88 -14.39
CA PHE G 30 -19.55 -14.89 -15.33
C PHE G 30 -20.84 -15.27 -14.60
N SER G 31 -20.72 -16.32 -13.77
CA SER G 31 -21.82 -16.81 -12.96
C SER G 31 -22.55 -15.67 -12.25
N LYS G 32 -21.97 -15.14 -11.17
CA LYS G 32 -22.58 -13.99 -10.51
C LYS G 32 -22.38 -12.71 -11.33
N GLY G 33 -21.37 -12.71 -12.19
CA GLY G 33 -21.03 -11.54 -12.96
C GLY G 33 -22.13 -11.00 -13.84
N ILE G 34 -22.41 -11.68 -14.96
CA ILE G 34 -23.44 -11.19 -15.88
C ILE G 34 -24.84 -10.80 -15.35
N PRO G 35 -25.43 -11.66 -14.50
CA PRO G 35 -26.70 -11.35 -13.83
C PRO G 35 -26.64 -9.97 -13.21
N ASN G 36 -25.53 -9.63 -12.59
CA ASN G 36 -25.36 -8.30 -11.98
C ASN G 36 -25.39 -7.16 -12.99
N VAL G 37 -24.69 -7.33 -14.12
CA VAL G 37 -24.62 -6.28 -15.15
C VAL G 37 -25.96 -6.02 -15.82
N LEU G 38 -26.80 -7.06 -15.85
CA LEU G 38 -28.16 -6.92 -16.36
C LEU G 38 -28.95 -6.09 -15.36
N ARG G 39 -28.98 -6.55 -14.12
CA ARG G 39 -29.73 -5.91 -13.05
C ARG G 39 -29.43 -4.41 -13.03
N ARG G 40 -28.17 -4.07 -13.35
CA ARG G 40 -27.68 -2.70 -13.39
C ARG G 40 -28.22 -1.94 -14.57
N THR G 41 -28.25 -2.58 -15.73
CA THR G 41 -28.74 -1.96 -16.95
C THR G 41 -30.24 -1.72 -16.77
N ARG G 42 -30.91 -2.78 -16.31
CA ARG G 42 -32.34 -2.77 -16.08
C ARG G 42 -32.64 -1.54 -15.25
N ALA G 43 -31.87 -1.41 -14.17
CA ALA G 43 -32.04 -0.30 -13.26
C ALA G 43 -31.83 1.07 -13.89
N CYS G 44 -31.10 1.17 -14.98
CA CYS G 44 -30.81 2.49 -15.49
C CYS G 44 -31.38 2.86 -16.83
N ILE G 45 -32.00 1.91 -17.54
CA ILE G 45 -32.49 2.22 -18.88
C ILE G 45 -33.43 3.41 -18.96
N LEU G 46 -34.52 3.35 -18.23
CA LEU G 46 -35.54 4.39 -18.31
C LEU G 46 -35.11 5.80 -17.92
N ARG G 47 -33.84 5.95 -17.60
CA ARG G 47 -33.30 7.24 -17.24
C ARG G 47 -32.32 7.71 -18.26
N VAL G 48 -31.43 6.79 -18.65
CA VAL G 48 -30.38 7.07 -19.62
C VAL G 48 -30.88 6.93 -21.06
N ALA G 49 -31.50 5.78 -21.37
CA ALA G 49 -32.02 5.47 -22.72
C ALA G 49 -32.98 6.44 -23.42
N PRO G 50 -34.10 6.82 -22.80
CA PRO G 50 -35.04 7.72 -23.47
C PRO G 50 -34.58 9.00 -24.15
N PRO G 51 -33.65 9.82 -23.63
CA PRO G 51 -33.27 11.02 -24.36
C PRO G 51 -32.38 10.69 -25.51
N PHE G 52 -31.85 9.48 -25.53
CA PHE G 52 -30.99 9.08 -26.62
C PHE G 52 -31.72 8.60 -27.87
N VAL G 53 -32.87 7.95 -27.71
CA VAL G 53 -33.69 7.67 -28.89
C VAL G 53 -34.34 9.00 -29.27
N ALA G 54 -34.71 9.80 -28.27
CA ALA G 54 -35.27 11.11 -28.54
C ALA G 54 -34.37 11.79 -29.55
N PHE G 55 -33.08 11.90 -29.23
CA PHE G 55 -32.13 12.43 -30.18
C PHE G 55 -32.10 11.55 -31.44
N TYR G 56 -32.11 10.22 -31.26
CA TYR G 56 -32.09 9.31 -32.41
C TYR G 56 -33.14 9.64 -33.47
N LEU G 57 -34.37 9.93 -33.05
CA LEU G 57 -35.43 10.24 -34.02
C LEU G 57 -35.11 11.54 -34.71
N VAL G 58 -35.05 12.62 -33.93
CA VAL G 58 -34.73 13.93 -34.48
C VAL G 58 -33.52 13.90 -35.40
N TYR G 59 -32.62 12.95 -35.18
CA TYR G 59 -31.50 12.81 -36.05
C TYR G 59 -31.87 12.22 -37.39
N THR G 60 -32.52 11.03 -37.39
CA THR G 60 -32.88 10.37 -38.66
C THR G 60 -33.98 11.09 -39.40
N TRP G 61 -34.83 11.79 -38.66
CA TRP G 61 -35.88 12.57 -39.26
C TRP G 61 -35.33 13.80 -39.91
N GLY G 62 -34.45 14.51 -39.19
CA GLY G 62 -33.88 15.74 -39.70
C GLY G 62 -33.01 15.49 -40.91
N THR G 63 -32.52 14.26 -40.98
CA THR G 63 -31.72 13.85 -42.09
C THR G 63 -32.62 13.68 -43.31
N GLN G 64 -33.69 12.89 -43.16
CA GLN G 64 -34.62 12.61 -44.25
C GLN G 64 -35.24 13.88 -44.78
N GLU G 65 -35.83 14.68 -43.89
CA GLU G 65 -36.44 15.95 -44.29
C GLU G 65 -35.51 16.88 -45.08
N PHE G 66 -34.25 16.97 -44.65
CA PHE G 66 -33.30 17.84 -45.33
C PHE G 66 -33.09 17.45 -46.79
N GLU G 67 -32.90 16.14 -47.02
CA GLU G 67 -32.66 15.60 -48.37
C GLU G 67 -33.90 15.69 -49.25
N LYS G 68 -35.06 15.60 -48.61
CA LYS G 68 -36.29 15.67 -49.33
C LYS G 68 -36.69 17.11 -49.65
N SER G 69 -36.17 18.07 -48.89
CA SER G 69 -36.51 19.47 -49.13
C SER G 69 -35.78 20.06 -50.32
N LYS G 70 -34.82 19.31 -50.84
CA LYS G 70 -34.02 19.77 -51.94
C LYS G 70 -34.30 19.03 -53.24
N ARG G 71 -35.58 18.71 -53.43
CA ARG G 71 -36.10 18.13 -54.67
C ARG G 71 -37.42 18.89 -54.88
N LYS G 72 -38.05 18.72 -56.05
CA LYS G 72 -39.32 19.38 -56.34
C LYS G 72 -40.03 18.64 -57.43
N ASN G 73 -41.34 18.83 -57.56
CA ASN G 73 -42.07 18.28 -58.71
C ASN G 73 -42.66 19.41 -59.63
N PRO G 74 -43.88 19.93 -59.38
CA PRO G 74 -44.38 21.05 -60.18
C PRO G 74 -43.78 22.38 -59.65
N ALA G 75 -44.06 23.50 -60.34
CA ALA G 75 -43.59 24.84 -59.92
C ALA G 75 -42.08 24.96 -59.67
N GLU H 9 -11.81 2.25 -78.99
CA GLU H 9 -11.80 3.27 -80.07
C GLU H 9 -12.84 2.91 -81.17
N GLU H 10 -12.43 2.09 -82.13
CA GLU H 10 -13.35 1.62 -83.17
C GLU H 10 -13.62 0.14 -82.91
N GLU H 11 -12.57 -0.58 -82.50
CA GLU H 11 -12.60 -2.01 -82.20
C GLU H 11 -11.22 -2.49 -81.72
N GLU H 12 -11.18 -3.14 -80.56
CA GLU H 12 -9.94 -3.69 -79.99
C GLU H 12 -9.83 -4.05 -78.53
N LEU H 13 -10.36 -3.22 -77.62
CA LEU H 13 -10.22 -3.52 -76.18
C LEU H 13 -11.48 -3.70 -75.32
N VAL H 14 -11.61 -4.91 -74.78
CA VAL H 14 -12.75 -5.32 -73.96
C VAL H 14 -12.70 -4.74 -72.53
N ASP H 15 -13.37 -3.60 -72.34
CA ASP H 15 -13.44 -2.95 -71.02
C ASP H 15 -14.28 -3.71 -70.02
N PRO H 16 -13.69 -3.99 -68.86
CA PRO H 16 -14.39 -4.72 -67.80
C PRO H 16 -15.49 -3.82 -67.25
N LEU H 17 -15.21 -2.51 -67.24
CA LEU H 17 -16.15 -1.53 -66.76
C LEU H 17 -17.43 -1.71 -67.52
N THR H 18 -17.35 -1.76 -68.85
CA THR H 18 -18.53 -1.94 -69.68
C THR H 18 -19.09 -3.38 -69.72
N THR H 19 -18.21 -4.37 -69.54
CA THR H 19 -18.62 -5.80 -69.40
C THR H 19 -19.60 -5.90 -68.22
N VAL H 20 -19.24 -5.26 -67.10
CA VAL H 20 -20.10 -5.28 -65.92
C VAL H 20 -21.18 -4.19 -65.91
N ARG H 21 -20.83 -2.95 -66.26
CA ARG H 21 -21.78 -1.82 -66.31
C ARG H 21 -23.12 -2.18 -66.94
N GLU H 22 -23.08 -2.97 -68.02
CA GLU H 22 -24.29 -3.44 -68.74
C GLU H 22 -25.23 -4.18 -67.78
N GLN H 23 -24.85 -5.41 -67.42
CA GLN H 23 -25.65 -6.27 -66.51
C GLN H 23 -26.07 -5.53 -65.24
N CYS H 24 -25.25 -4.55 -64.87
CA CYS H 24 -25.51 -3.72 -63.71
C CYS H 24 -26.57 -2.69 -64.04
N GLU H 25 -26.31 -1.86 -65.06
CA GLU H 25 -27.23 -0.81 -65.54
C GLU H 25 -28.57 -1.43 -65.88
N GLN H 26 -28.53 -2.72 -66.18
CA GLN H 26 -29.74 -3.50 -66.42
C GLN H 26 -30.61 -3.46 -65.17
N LEU H 27 -30.29 -4.34 -64.22
CA LEU H 27 -31.05 -4.58 -62.96
C LEU H 27 -32.08 -3.63 -62.32
N GLU H 28 -33.18 -4.25 -61.89
CA GLU H 28 -34.34 -3.66 -61.22
C GLU H 28 -34.30 -2.17 -60.86
N LYS H 29 -33.56 -1.84 -59.80
CA LYS H 29 -33.45 -0.47 -59.32
C LYS H 29 -33.10 0.53 -60.43
N CYS H 30 -32.09 0.18 -61.23
CA CYS H 30 -31.62 1.03 -62.32
C CYS H 30 -32.70 1.21 -63.38
N VAL H 31 -33.53 0.18 -63.58
CA VAL H 31 -34.62 0.22 -64.57
C VAL H 31 -35.53 1.39 -64.29
N LYS H 32 -35.95 1.50 -63.03
CA LYS H 32 -36.88 2.56 -62.58
C LYS H 32 -36.20 3.94 -62.56
N ALA H 33 -34.95 3.97 -62.13
CA ALA H 33 -34.19 5.21 -62.07
C ALA H 33 -33.90 5.72 -63.49
N ARG H 34 -33.69 4.78 -64.41
CA ARG H 34 -33.50 5.07 -65.83
C ARG H 34 -34.88 5.39 -66.44
N GLU H 35 -35.92 4.75 -65.94
CA GLU H 35 -37.26 5.02 -66.41
C GLU H 35 -37.66 6.45 -66.12
N ARG H 36 -37.53 6.87 -64.84
CA ARG H 36 -37.81 8.25 -64.45
C ARG H 36 -36.86 9.22 -65.18
N LEU H 37 -35.70 8.71 -65.58
CA LEU H 37 -34.69 9.48 -66.29
C LEU H 37 -35.20 9.85 -67.69
N GLU H 38 -35.48 8.82 -68.51
CA GLU H 38 -36.00 9.02 -69.85
C GLU H 38 -37.30 9.80 -69.80
N LEU H 39 -38.16 9.44 -68.84
CA LEU H 39 -39.43 10.12 -68.68
C LEU H 39 -39.15 11.61 -68.61
N CYS H 40 -38.33 11.99 -67.65
CA CYS H 40 -37.97 13.40 -67.48
C CYS H 40 -37.25 13.98 -68.71
N ASP H 41 -36.36 13.18 -69.33
CA ASP H 41 -35.64 13.57 -70.56
C ASP H 41 -36.63 14.26 -71.52
N GLU H 42 -37.59 13.46 -71.97
CA GLU H 42 -38.61 13.87 -72.91
C GLU H 42 -39.42 15.11 -72.52
N ARG H 43 -39.67 15.29 -71.22
CA ARG H 43 -40.44 16.46 -70.76
C ARG H 43 -39.71 17.75 -71.13
N VAL H 44 -38.43 17.80 -70.77
CA VAL H 44 -37.57 18.95 -71.04
C VAL H 44 -37.47 19.19 -72.56
N SER H 45 -37.47 18.09 -73.31
CA SER H 45 -37.39 18.13 -74.76
C SER H 45 -38.66 18.78 -75.32
N SER H 46 -39.78 18.56 -74.63
CA SER H 46 -41.09 19.07 -75.02
C SER H 46 -41.39 20.54 -74.69
N ARG H 47 -40.37 21.37 -74.49
CA ARG H 47 -40.58 22.80 -74.16
C ARG H 47 -39.51 23.83 -74.52
N SER H 48 -39.76 25.05 -74.06
CA SER H 48 -38.92 26.23 -74.35
C SER H 48 -38.57 27.02 -73.08
N GLN H 49 -39.57 27.64 -72.46
CA GLN H 49 -39.34 28.42 -71.23
C GLN H 49 -39.26 27.54 -69.98
N THR H 50 -38.95 26.25 -70.16
CA THR H 50 -38.80 25.36 -69.02
C THR H 50 -37.37 25.45 -68.52
N GLU H 51 -37.18 25.22 -67.23
CA GLU H 51 -35.85 25.27 -66.63
C GLU H 51 -35.61 24.07 -65.72
N GLU H 52 -36.63 23.24 -65.54
CA GLU H 52 -36.53 22.02 -64.72
C GLU H 52 -35.63 21.01 -65.46
N ASP H 53 -34.33 21.10 -65.19
CA ASP H 53 -33.29 20.41 -65.96
C ASP H 53 -32.95 18.92 -65.87
N CYS H 54 -33.82 18.08 -65.32
CA CYS H 54 -33.56 16.62 -65.32
C CYS H 54 -32.18 16.12 -64.74
N THR H 55 -31.48 16.97 -63.98
CA THR H 55 -30.18 16.59 -63.40
C THR H 55 -30.30 15.40 -62.44
N GLU H 56 -31.25 15.55 -61.53
CA GLU H 56 -31.52 14.61 -60.44
C GLU H 56 -31.69 13.16 -60.86
N GLU H 57 -32.43 12.97 -61.92
CA GLU H 57 -32.74 11.63 -62.33
C GLU H 57 -31.50 10.91 -62.83
N LEU H 58 -30.58 11.65 -63.46
CA LEU H 58 -29.36 11.04 -63.95
C LEU H 58 -28.69 10.39 -62.76
N LEU H 59 -28.51 11.20 -61.71
CA LEU H 59 -27.85 10.77 -60.49
C LEU H 59 -28.38 9.50 -59.79
N ASP H 60 -29.69 9.42 -59.54
CA ASP H 60 -30.27 8.22 -58.88
C ASP H 60 -29.95 6.99 -59.70
N PHE H 61 -29.95 7.16 -61.02
CA PHE H 61 -29.65 6.06 -61.88
C PHE H 61 -28.21 5.66 -61.70
N LEU H 62 -27.35 6.67 -61.63
CA LEU H 62 -25.92 6.43 -61.45
C LEU H 62 -25.65 5.69 -60.14
N HIS H 63 -26.09 6.26 -59.02
CA HIS H 63 -25.90 5.64 -57.71
C HIS H 63 -26.21 4.14 -57.73
N ALA H 64 -27.45 3.80 -58.07
CA ALA H 64 -27.89 2.40 -58.08
C ALA H 64 -27.00 1.56 -58.95
N ARG H 65 -26.75 2.05 -60.15
CA ARG H 65 -25.87 1.37 -61.05
C ARG H 65 -24.48 1.36 -60.39
N ASP H 66 -23.95 2.53 -60.09
CA ASP H 66 -22.62 2.64 -59.51
C ASP H 66 -22.36 1.79 -58.28
N HIS H 67 -23.38 1.66 -57.42
CA HIS H 67 -23.26 0.81 -56.24
C HIS H 67 -22.98 -0.62 -56.72
N CYS H 68 -23.90 -1.17 -57.51
CA CYS H 68 -23.73 -2.52 -58.03
C CYS H 68 -22.46 -2.69 -58.86
N VAL H 69 -21.92 -1.59 -59.39
CA VAL H 69 -20.68 -1.67 -60.16
C VAL H 69 -19.53 -2.03 -59.22
N ALA H 70 -19.54 -1.41 -58.02
CA ALA H 70 -18.49 -1.57 -57.02
C ALA H 70 -18.35 -2.98 -56.46
N HIS H 71 -19.49 -3.59 -56.15
CA HIS H 71 -19.55 -4.93 -55.60
C HIS H 71 -19.12 -5.95 -56.63
N LYS H 72 -19.40 -5.64 -57.89
CA LYS H 72 -19.12 -6.55 -58.97
C LYS H 72 -17.80 -6.33 -59.71
N LEU H 73 -17.42 -5.07 -59.96
CA LEU H 73 -16.19 -4.73 -60.69
C LEU H 73 -14.87 -5.40 -60.27
N PHE H 74 -14.06 -4.72 -59.46
CA PHE H 74 -12.72 -5.18 -59.03
C PHE H 74 -12.36 -6.68 -59.04
N ASN H 75 -13.37 -7.54 -58.93
CA ASN H 75 -13.21 -9.00 -58.93
C ASN H 75 -12.40 -9.54 -60.11
N SER H 76 -12.72 -9.05 -61.31
CA SER H 76 -12.04 -9.45 -62.54
C SER H 76 -10.72 -8.70 -62.79
N LEU H 77 -10.73 -7.39 -62.53
CA LEU H 77 -9.56 -6.52 -62.70
C LEU H 77 -8.28 -7.17 -62.21
N LYS H 78 -7.23 -7.09 -63.02
CA LYS H 78 -5.98 -7.75 -62.69
C LYS H 78 -4.86 -6.77 -62.40
N MET I 1 12.91 -14.38 59.54
CA MET I 1 11.92 -14.28 58.43
C MET I 1 11.72 -12.84 58.06
N LEU I 2 12.85 -12.13 57.95
CA LEU I 2 12.81 -10.72 57.56
C LEU I 2 12.55 -10.73 56.08
N SER I 3 12.54 -9.56 55.46
CA SER I 3 12.15 -9.39 54.04
C SER I 3 10.82 -8.70 54.19
N VAL I 4 10.82 -7.58 54.97
CA VAL I 4 9.66 -6.71 55.34
C VAL I 4 8.52 -6.91 54.38
N ALA I 5 8.88 -6.77 53.08
CA ALA I 5 7.99 -6.86 51.93
C ALA I 5 7.50 -8.27 51.61
N ALA I 6 8.37 -9.21 51.22
CA ALA I 6 7.90 -10.57 50.94
C ALA I 6 7.42 -11.24 52.21
N ARG I 7 7.34 -10.45 53.29
CA ARG I 7 6.70 -10.83 54.57
C ARG I 7 5.21 -10.54 54.34
N SER I 8 4.95 -10.17 53.08
CA SER I 8 3.63 -10.04 52.43
C SER I 8 2.72 -8.92 52.85
N GLY I 9 2.63 -7.88 52.03
CA GLY I 9 1.79 -6.75 52.42
C GLY I 9 2.23 -5.30 52.19
N PRO I 10 3.43 -4.95 52.63
CA PRO I 10 3.89 -3.57 52.48
C PRO I 10 4.28 -3.43 51.05
N PHE I 11 4.47 -2.23 50.56
CA PHE I 11 4.85 -2.12 49.17
C PHE I 11 6.30 -2.24 48.72
N ALA I 12 6.51 -2.83 47.54
CA ALA I 12 7.83 -3.00 46.99
C ALA I 12 7.95 -2.71 45.51
N PRO I 13 8.18 -1.47 45.15
CA PRO I 13 8.50 -1.01 43.78
C PRO I 13 9.77 -1.56 43.19
N VAL I 14 9.77 -1.94 41.91
CA VAL I 14 10.93 -2.49 41.25
C VAL I 14 11.13 -1.85 39.87
N LEU I 15 12.26 -1.18 39.65
CA LEU I 15 12.61 -0.64 38.32
C LEU I 15 13.60 -1.49 37.62
N SER I 16 13.57 -1.48 36.31
CA SER I 16 14.50 -2.34 35.60
C SER I 16 15.21 -1.72 34.39
N ALA I 17 16.18 -2.42 33.84
CA ALA I 17 16.86 -1.99 32.62
C ALA I 17 16.19 -2.69 31.44
N THR I 18 16.20 -4.01 31.51
CA THR I 18 15.62 -4.84 30.51
C THR I 18 14.14 -5.08 30.75
N SER I 19 13.77 -5.63 31.93
CA SER I 19 12.37 -5.94 32.36
C SER I 19 11.50 -4.77 32.73
N ARG I 20 10.23 -5.04 33.00
CA ARG I 20 9.27 -3.97 33.29
C ARG I 20 9.21 -3.60 34.74
N GLY I 21 8.83 -2.33 35.00
CA GLY I 21 8.70 -1.77 36.34
C GLY I 21 7.61 -2.52 37.08
N VAL I 22 7.84 -2.84 38.37
CA VAL I 22 6.82 -3.51 39.18
C VAL I 22 6.37 -2.69 40.46
N ALA I 23 5.28 -3.17 41.05
CA ALA I 23 4.68 -2.66 42.30
C ALA I 23 4.02 -3.91 42.75
N GLY I 24 4.30 -4.39 43.96
CA GLY I 24 3.61 -5.58 44.36
C GLY I 24 3.65 -6.16 45.73
N ALA I 25 2.90 -5.60 46.68
CA ALA I 25 2.75 -6.16 48.05
C ALA I 25 1.41 -6.91 48.41
N LEU I 26 1.01 -6.92 49.67
CA LEU I 26 -0.18 -7.68 50.04
C LEU I 26 -1.45 -7.07 50.71
N ARG I 27 -2.56 -7.39 50.08
CA ARG I 27 -3.84 -6.82 50.29
C ARG I 27 -4.54 -7.64 49.25
N PRO I 28 -5.83 -7.84 49.35
CA PRO I 28 -6.51 -8.65 48.36
C PRO I 28 -6.56 -7.96 47.03
N LEU I 29 -7.14 -8.72 46.13
CA LEU I 29 -7.43 -8.40 44.76
C LEU I 29 -7.70 -9.81 44.38
N VAL I 30 -6.98 -10.69 45.07
CA VAL I 30 -6.97 -12.10 44.74
C VAL I 30 -8.28 -12.92 44.73
N GLN I 31 -8.94 -13.01 45.86
CA GLN I 31 -10.23 -13.71 45.90
C GLN I 31 -11.24 -12.69 45.43
N ALA I 32 -10.91 -12.04 44.29
CA ALA I 32 -11.75 -10.99 43.72
C ALA I 32 -12.04 -11.11 42.24
N ALA I 33 -11.20 -11.80 41.47
CA ALA I 33 -11.56 -12.02 40.07
C ALA I 33 -12.39 -13.30 40.04
N VAL I 34 -12.63 -13.81 41.25
CA VAL I 34 -13.47 -14.97 41.55
C VAL I 34 -14.92 -14.46 41.74
N PRO I 35 -15.25 -13.78 42.85
CA PRO I 35 -16.52 -13.05 42.92
C PRO I 35 -16.28 -11.94 41.90
N ALA I 36 -16.65 -12.29 40.68
CA ALA I 36 -16.33 -11.55 39.49
C ALA I 36 -16.89 -10.15 39.21
N THR I 37 -16.52 -9.65 38.02
CA THR I 37 -16.82 -8.31 37.50
C THR I 37 -15.79 -7.27 37.97
N SER I 38 -14.52 -7.69 38.03
CA SER I 38 -13.41 -6.78 38.28
C SER I 38 -12.77 -6.55 36.91
N GLU I 39 -13.06 -5.41 36.28
CA GLU I 39 -12.54 -5.07 34.96
C GLU I 39 -11.01 -5.01 34.89
N SER I 40 -10.47 -3.84 34.55
CA SER I 40 -9.03 -3.59 34.38
C SER I 40 -8.88 -2.92 33.02
N PRO I 41 -7.82 -2.15 32.81
CA PRO I 41 -7.53 -1.60 31.49
C PRO I 41 -7.04 -2.75 30.62
N VAL I 42 -6.79 -2.50 29.33
CA VAL I 42 -6.14 -3.41 28.34
C VAL I 42 -4.97 -2.65 27.74
N LEU I 43 -4.16 -2.11 28.61
CA LEU I 43 -3.07 -1.28 28.22
C LEU I 43 -3.67 0.08 27.88
N ASP I 44 -4.24 0.74 28.91
CA ASP I 44 -4.79 2.11 28.85
C ASP I 44 -3.57 2.88 29.35
N LEU I 45 -3.27 4.12 28.87
CA LEU I 45 -1.99 4.87 29.24
C LEU I 45 -0.98 4.05 30.17
N LYS I 46 -0.34 3.01 29.58
CA LYS I 46 0.27 1.94 30.40
C LYS I 46 1.58 1.20 30.07
N ARG I 47 1.62 -0.05 30.52
CA ARG I 47 2.82 -0.87 30.59
C ARG I 47 2.49 -2.28 30.02
N SER I 48 2.71 -3.35 30.79
CA SER I 48 2.39 -4.76 30.44
C SER I 48 2.86 -5.75 31.51
N VAL I 49 1.92 -6.59 31.95
CA VAL I 49 2.16 -7.54 33.05
C VAL I 49 2.75 -8.88 32.61
N LEU I 50 3.16 -9.68 33.59
CA LEU I 50 3.83 -10.96 33.40
C LEU I 50 5.27 -10.64 33.00
N CYS I 51 5.41 -9.67 32.09
CA CYS I 51 6.68 -9.16 31.54
C CYS I 51 7.63 -10.20 30.98
N ARG I 52 8.71 -9.77 30.36
CA ARG I 52 9.56 -10.77 29.73
C ARG I 52 11.03 -10.99 30.06
N GLU I 53 11.50 -12.13 29.56
CA GLU I 53 12.83 -12.72 29.73
C GLU I 53 12.66 -14.11 30.35
N SER I 54 11.66 -14.81 29.81
CA SER I 54 11.32 -16.18 30.14
C SER I 54 10.83 -16.79 28.80
N LEU I 55 11.50 -17.85 28.34
CA LEU I 55 11.22 -18.48 27.04
C LEU I 55 11.33 -19.99 27.06
N ARG I 56 11.96 -20.57 26.02
CA ARG I 56 12.16 -22.03 25.83
C ARG I 56 12.88 -22.35 24.49
N GLY I 57 12.37 -23.35 23.77
CA GLY I 57 12.91 -23.71 22.47
C GLY I 57 11.93 -23.41 21.33
N VAL J 1 5.20 -31.56 -11.80
CA VAL J 1 5.33 -31.17 -13.27
C VAL J 1 4.20 -30.20 -13.72
N ALA J 2 3.25 -29.96 -12.82
CA ALA J 2 2.18 -28.99 -13.02
C ALA J 2 1.96 -28.23 -11.69
N PRO J 3 1.63 -28.93 -10.58
CA PRO J 3 1.60 -28.28 -9.26
C PRO J 3 2.94 -27.64 -8.88
N THR J 4 4.01 -28.45 -8.87
CA THR J 4 5.33 -28.00 -8.45
C THR J 4 6.08 -27.11 -9.45
N LEU J 5 5.42 -26.70 -10.53
CA LEU J 5 6.07 -25.88 -11.53
C LEU J 5 6.00 -24.41 -11.19
N THR J 6 4.78 -23.91 -10.97
CA THR J 6 4.59 -22.52 -10.54
C THR J 6 5.44 -22.29 -9.30
N ALA J 7 5.54 -23.34 -8.47
CA ALA J 7 6.35 -23.34 -7.26
C ALA J 7 7.83 -23.13 -7.63
N ARG J 8 8.35 -24.02 -8.47
CA ARG J 8 9.73 -23.94 -8.95
C ARG J 8 10.01 -22.55 -9.51
N LEU J 9 9.04 -21.99 -10.24
CA LEU J 9 9.15 -20.63 -10.76
C LEU J 9 9.44 -19.69 -9.60
N TYR J 10 8.63 -19.82 -8.53
CA TYR J 10 8.75 -18.96 -7.35
C TYR J 10 10.03 -19.09 -6.55
N SER J 11 10.33 -20.32 -6.10
CA SER J 11 11.55 -20.62 -5.35
C SER J 11 12.83 -20.14 -6.02
N LEU J 12 12.98 -20.49 -7.29
CA LEU J 12 14.20 -20.21 -8.05
C LEU J 12 14.30 -18.85 -8.69
N LEU J 13 13.20 -18.12 -8.81
CA LEU J 13 13.28 -16.86 -9.54
C LEU J 13 12.35 -15.75 -9.12
N PHE J 14 11.24 -16.08 -8.49
CA PHE J 14 10.30 -15.06 -8.14
C PHE J 14 10.42 -14.57 -6.73
N ARG J 15 10.98 -15.41 -5.86
CA ARG J 15 11.12 -15.07 -4.44
C ARG J 15 11.92 -13.80 -4.22
N ARG J 16 13.15 -13.78 -4.73
CA ARG J 16 14.01 -12.63 -4.58
C ARG J 16 13.67 -11.63 -5.63
N THR J 17 13.55 -10.35 -5.24
CA THR J 17 13.29 -9.29 -6.18
C THR J 17 14.48 -9.20 -7.10
N SER J 18 15.64 -9.65 -6.61
CA SER J 18 16.88 -9.69 -7.40
C SER J 18 16.62 -10.42 -8.70
N THR J 19 16.58 -11.76 -8.56
CA THR J 19 16.29 -12.71 -9.61
C THR J 19 15.02 -12.31 -10.34
N PHE J 20 13.92 -12.15 -9.60
CA PHE J 20 12.65 -11.72 -10.19
C PHE J 20 12.82 -10.66 -11.25
N ALA J 21 13.64 -9.65 -10.99
CA ALA J 21 13.87 -8.62 -11.98
C ALA J 21 14.81 -9.11 -13.05
N LEU J 22 15.83 -9.85 -12.67
CA LEU J 22 16.77 -10.34 -13.65
C LEU J 22 16.01 -11.12 -14.67
N THR J 23 15.03 -11.90 -14.23
CA THR J 23 14.26 -12.65 -15.20
C THR J 23 13.41 -11.82 -16.10
N ILE J 24 12.56 -10.97 -15.54
CA ILE J 24 11.74 -10.18 -16.44
C ILE J 24 12.56 -9.44 -17.50
N VAL J 25 13.81 -9.11 -17.20
CA VAL J 25 14.67 -8.41 -18.14
C VAL J 25 15.22 -9.35 -19.19
N VAL J 26 15.60 -10.55 -18.77
CA VAL J 26 16.11 -11.59 -19.67
C VAL J 26 14.92 -12.17 -20.42
N GLY J 27 13.75 -12.02 -19.83
CA GLY J 27 12.54 -12.51 -20.42
C GLY J 27 12.02 -11.56 -21.46
N ALA J 28 12.42 -10.30 -21.37
CA ALA J 28 11.93 -9.31 -22.32
C ALA J 28 12.67 -9.50 -23.63
N LEU J 29 13.96 -9.80 -23.52
CA LEU J 29 14.82 -9.97 -24.70
C LEU J 29 14.29 -11.01 -25.67
N PHE J 30 14.01 -12.20 -25.13
CA PHE J 30 13.47 -13.28 -25.91
C PHE J 30 12.11 -12.94 -26.44
N PHE J 31 11.21 -12.56 -25.55
CA PHE J 31 9.88 -12.16 -25.98
C PHE J 31 9.94 -11.11 -27.07
N GLU J 32 10.89 -10.16 -26.96
CA GLU J 32 10.99 -9.11 -27.96
C GLU J 32 11.15 -9.70 -29.34
N ARG J 33 11.97 -10.74 -29.44
CA ARG J 33 12.21 -11.37 -30.73
C ARG J 33 11.04 -12.22 -31.22
N ALA J 34 10.75 -13.31 -30.49
CA ALA J 34 9.68 -14.25 -30.81
C ALA J 34 8.33 -13.61 -31.08
N PHE J 35 7.99 -12.55 -30.34
CA PHE J 35 6.76 -11.84 -30.63
C PHE J 35 6.90 -11.05 -31.92
N ASP J 36 7.99 -10.28 -32.04
CA ASP J 36 8.21 -9.45 -33.21
C ASP J 36 8.30 -10.28 -34.48
N GLN J 37 8.97 -11.44 -34.39
CA GLN J 37 9.16 -12.32 -35.54
C GLN J 37 7.86 -12.96 -35.90
N GLY J 38 7.26 -13.67 -34.95
CA GLY J 38 5.97 -14.28 -35.17
C GLY J 38 4.93 -13.27 -35.67
N ALA J 39 5.00 -12.02 -35.23
CA ALA J 39 4.04 -10.99 -35.68
C ALA J 39 4.23 -10.57 -37.14
N ASP J 40 5.47 -10.21 -37.50
CA ASP J 40 5.84 -9.87 -38.88
C ASP J 40 5.34 -10.95 -39.81
N ALA J 41 5.60 -12.20 -39.45
CA ALA J 41 5.19 -13.35 -40.23
C ALA J 41 3.68 -13.45 -40.39
N ILE J 42 2.94 -13.11 -39.34
CA ILE J 42 1.49 -13.14 -39.41
C ILE J 42 1.02 -11.99 -40.30
N TYR J 43 1.80 -10.92 -40.33
CA TYR J 43 1.49 -9.73 -41.13
C TYR J 43 1.85 -9.99 -42.57
N GLU J 44 2.82 -10.87 -42.73
CA GLU J 44 3.30 -11.31 -44.01
C GLU J 44 2.17 -12.09 -44.68
N HIS J 45 1.71 -13.16 -44.03
CA HIS J 45 0.65 -14.04 -44.56
C HIS J 45 -0.65 -13.42 -45.04
N ILE J 46 -1.09 -12.36 -44.37
CA ILE J 46 -2.29 -11.68 -44.79
C ILE J 46 -1.96 -10.67 -45.92
N ASN J 47 -0.75 -10.76 -46.49
CA ASN J 47 -0.38 -9.87 -47.61
C ASN J 47 0.25 -10.43 -48.92
N GLU J 48 1.55 -10.17 -49.15
CA GLU J 48 2.31 -10.61 -50.34
C GLU J 48 2.26 -9.63 -51.49
N GLY J 49 2.09 -8.36 -51.17
CA GLY J 49 2.04 -7.32 -52.16
C GLY J 49 3.28 -6.47 -52.07
N LYS J 50 3.83 -6.35 -50.86
CA LYS J 50 5.03 -5.55 -50.59
C LYS J 50 6.22 -6.34 -51.09
N LEU J 51 7.32 -5.67 -51.40
CA LEU J 51 8.55 -6.31 -51.90
C LEU J 51 8.83 -7.82 -51.77
N TRP J 52 7.87 -8.61 -52.23
CA TRP J 52 8.01 -10.05 -52.43
C TRP J 52 8.38 -10.04 -53.91
N LYS J 53 8.01 -8.91 -54.53
CA LYS J 53 8.32 -8.53 -55.90
C LYS J 53 9.84 -8.31 -56.07
N HIS J 54 10.55 -8.16 -54.95
CA HIS J 54 12.02 -7.95 -54.89
C HIS J 54 12.88 -9.03 -55.61
N ILE J 55 12.26 -10.16 -55.91
CA ILE J 55 12.91 -11.26 -56.58
C ILE J 55 13.24 -10.89 -58.02
N LYS J 56 12.36 -10.11 -58.63
CA LYS J 56 12.50 -9.74 -60.05
C LYS J 56 13.46 -8.59 -60.33
N HIS J 57 12.93 -7.37 -60.27
CA HIS J 57 13.65 -6.12 -60.55
C HIS J 57 15.09 -6.07 -60.05
N LYS J 58 15.29 -6.57 -58.84
CA LYS J 58 16.61 -6.56 -58.21
C LYS J 58 17.47 -7.74 -58.66
N TYR J 59 18.50 -8.04 -57.86
CA TYR J 59 19.46 -9.12 -58.13
C TYR J 59 20.37 -8.70 -59.29
N GLU J 60 19.85 -7.78 -60.10
CA GLU J 60 20.54 -7.24 -61.27
C GLU J 60 21.32 -5.95 -60.92
N ASN J 61 21.98 -5.95 -59.77
CA ASN J 61 22.79 -4.83 -59.29
C ASN J 61 24.13 -4.72 -60.01
N MET K 1 36.81 10.51 6.92
CA MET K 1 36.73 10.02 8.33
C MET K 1 35.83 8.78 8.31
N LEU K 2 35.85 8.11 7.16
CA LEU K 2 35.05 6.92 6.87
C LEU K 2 35.38 5.68 7.71
N THR K 3 36.26 5.86 8.71
CA THR K 3 36.67 4.76 9.57
C THR K 3 35.56 4.29 10.50
N ARG K 4 34.54 5.13 10.66
CA ARG K 4 33.34 4.78 11.41
C ARG K 4 32.78 3.44 10.89
N PHE K 5 32.94 3.24 9.59
CA PHE K 5 32.44 2.04 8.94
C PHE K 5 33.45 0.94 8.81
N LEU K 6 34.49 0.96 9.62
CA LEU K 6 35.53 -0.06 9.49
C LEU K 6 35.63 -1.06 10.64
N GLY K 7 34.84 -2.13 10.57
CA GLY K 7 34.87 -3.16 11.61
C GLY K 7 34.16 -4.42 11.20
N PRO K 8 34.26 -5.47 12.03
CA PRO K 8 33.65 -6.77 11.77
C PRO K 8 32.26 -6.68 11.16
N ARG K 9 31.32 -6.17 11.93
CA ARG K 9 29.97 -6.03 11.44
C ARG K 9 29.93 -5.49 10.00
N TYR K 10 30.57 -4.34 9.78
CA TYR K 10 30.58 -3.71 8.47
C TYR K 10 31.00 -4.65 7.36
N ARG K 11 31.97 -5.51 7.67
CA ARG K 11 32.46 -6.55 6.77
C ARG K 11 31.26 -7.48 6.49
N GLN K 12 30.65 -7.97 7.57
CA GLN K 12 29.53 -8.91 7.46
C GLN K 12 28.41 -8.28 6.72
N LEU K 13 28.23 -6.98 6.89
CA LEU K 13 27.18 -6.31 6.17
C LEU K 13 27.39 -6.41 4.67
N ALA K 14 28.45 -5.79 4.18
CA ALA K 14 28.77 -5.88 2.76
C ALA K 14 28.82 -7.32 2.26
N ARG K 15 29.18 -8.26 3.10
CA ARG K 15 29.24 -9.64 2.64
C ARG K 15 27.87 -10.15 2.34
N ASN K 16 26.93 -9.92 3.25
CA ASN K 16 25.55 -10.39 3.07
C ASN K 16 24.91 -9.81 1.85
N TRP K 17 25.22 -8.53 1.59
CA TRP K 17 24.69 -7.84 0.44
C TRP K 17 25.49 -8.07 -0.83
N VAL K 18 26.40 -9.04 -0.85
CA VAL K 18 27.15 -9.28 -2.07
C VAL K 18 26.39 -9.97 -3.20
N PRO K 19 25.78 -11.14 -2.96
CA PRO K 19 25.01 -11.80 -4.02
C PRO K 19 23.92 -10.90 -4.60
N THR K 20 23.28 -10.09 -3.75
CA THR K 20 22.30 -9.15 -4.26
C THR K 20 23.04 -8.13 -5.15
N ALA K 21 24.00 -7.40 -4.59
CA ALA K 21 24.73 -6.42 -5.41
C ALA K 21 25.18 -7.00 -6.77
N GLN K 22 25.68 -8.24 -6.75
CA GLN K 22 26.03 -8.98 -7.98
C GLN K 22 24.80 -9.03 -8.94
N LEU K 23 23.71 -9.66 -8.51
CA LEU K 23 22.50 -9.78 -9.33
C LEU K 23 21.95 -8.47 -9.91
N TRP K 24 22.10 -7.39 -9.17
CA TRP K 24 21.63 -6.09 -9.57
C TRP K 24 22.44 -5.49 -10.74
N GLY K 25 23.63 -6.00 -10.94
CA GLY K 25 24.44 -5.59 -12.07
C GLY K 25 24.10 -6.49 -13.25
N ALA K 26 23.75 -7.75 -12.94
CA ALA K 26 23.31 -8.70 -13.96
C ALA K 26 21.99 -8.17 -14.56
N VAL K 27 21.11 -7.62 -13.72
CA VAL K 27 19.91 -7.00 -14.25
C VAL K 27 20.34 -5.73 -15.01
N GLY K 28 21.18 -4.92 -14.39
CA GLY K 28 21.60 -3.66 -14.97
C GLY K 28 22.21 -3.61 -16.38
N ALA K 29 22.97 -4.66 -16.73
CA ALA K 29 23.65 -4.70 -18.02
C ALA K 29 22.72 -5.23 -19.11
N VAL K 30 22.23 -6.45 -18.89
CA VAL K 30 21.30 -7.08 -19.79
C VAL K 30 20.26 -6.08 -20.19
N GLY K 31 19.90 -5.21 -19.24
CA GLY K 31 18.93 -4.16 -19.46
C GLY K 31 19.38 -3.10 -20.46
N LEU K 32 20.63 -2.65 -20.32
CA LEU K 32 21.21 -1.67 -21.25
C LEU K 32 21.42 -2.34 -22.61
N VAL K 33 22.00 -3.55 -22.60
CA VAL K 33 22.21 -4.37 -23.80
C VAL K 33 20.97 -4.43 -24.71
N TRP K 34 19.88 -4.96 -24.14
CA TRP K 34 18.63 -5.14 -24.81
C TRP K 34 17.92 -3.86 -25.19
N ALA K 35 18.09 -2.79 -24.42
CA ALA K 35 17.42 -1.55 -24.80
C ALA K 35 18.15 -0.76 -25.91
N THR K 36 19.40 -1.13 -26.19
CA THR K 36 20.17 -0.46 -27.22
C THR K 36 20.58 -1.45 -28.31
N ASP K 37 20.01 -2.66 -28.20
CA ASP K 37 20.27 -3.79 -29.12
C ASP K 37 21.73 -3.80 -29.41
N TRP K 38 22.53 -3.99 -28.36
CA TRP K 38 23.96 -3.90 -28.49
C TRP K 38 24.57 -4.87 -29.45
N ARG K 39 24.94 -4.29 -30.60
CA ARG K 39 25.58 -4.97 -31.71
C ARG K 39 26.70 -5.82 -31.15
N LEU K 40 27.71 -5.14 -30.61
CA LEU K 40 28.89 -5.77 -30.02
C LEU K 40 28.54 -6.98 -29.15
N ILE K 41 27.55 -6.84 -28.28
CA ILE K 41 27.23 -7.92 -27.36
C ILE K 41 26.22 -8.99 -27.79
N LEU K 42 25.06 -8.57 -28.27
CA LEU K 42 24.04 -9.51 -28.68
C LEU K 42 24.47 -10.64 -29.61
N ASP K 43 25.28 -10.34 -30.62
CA ASP K 43 25.79 -11.34 -31.58
C ASP K 43 26.15 -12.72 -30.96
N TRP K 44 26.62 -12.69 -29.72
CA TRP K 44 27.02 -13.90 -29.05
C TRP K 44 25.84 -14.74 -28.58
N VAL K 45 24.75 -14.08 -28.17
CA VAL K 45 23.54 -14.79 -27.71
C VAL K 45 23.07 -15.67 -28.88
N PRO K 46 22.93 -16.99 -28.65
CA PRO K 46 22.57 -17.98 -29.69
C PRO K 46 21.42 -17.55 -30.63
N TYR K 47 20.26 -17.33 -30.02
CA TYR K 47 19.07 -16.84 -30.72
C TYR K 47 19.27 -15.29 -30.68
N ILE K 48 18.30 -14.51 -31.14
CA ILE K 48 18.45 -13.03 -31.13
C ILE K 48 19.50 -12.60 -32.16
N ASN K 49 19.75 -13.46 -33.13
CA ASN K 49 20.65 -13.15 -34.24
C ASN K 49 19.84 -12.73 -35.45
N GLY K 50 18.90 -11.80 -35.23
CA GLY K 50 18.04 -11.27 -36.28
C GLY K 50 18.72 -10.18 -37.09
N LYS K 51 20.04 -10.34 -37.27
CA LYS K 51 20.89 -9.45 -38.06
C LYS K 51 21.82 -10.32 -38.88
N PHE K 52 21.29 -11.42 -39.40
CA PHE K 52 22.04 -12.41 -40.21
C PHE K 52 23.58 -12.49 -40.00
N LYS K 53 24.34 -11.69 -40.77
CA LYS K 53 25.81 -11.63 -40.71
C LYS K 53 26.42 -11.70 -39.30
#